data_4PVD
#
_entry.id   4PVD
#
_cell.length_a   90.309
_cell.length_b   92.891
_cell.length_c   201.094
_cell.angle_alpha   90.00
_cell.angle_beta   90.00
_cell.angle_gamma   90.00
#
_symmetry.space_group_name_H-M   'P 21 21 21'
#
loop_
_entity.id
_entity.type
_entity.pdbx_description
1 polymer 'NADPH-dependent methylglyoxal reductase GRE2'
2 non-polymer 'NADPH DIHYDRO-NICOTINAMIDE-ADENINE-DINUCLEOTIDE PHOSPHATE'
3 water water
#
_entity_poly.entity_id   1
_entity_poly.type   'polypeptide(L)'
_entity_poly.pdbx_seq_one_letter_code
;MSVFVSGANGFIAQHIVDLLLKEDYKVIGSARSQEKAENLTEAFGNNPKFSMEVVPDISKLDAFDHVFQKHGKDIKIVLH
TASPFCFDITDSERDLLIPAVNGVKGILHSIKKYAADSVERVVLTSSYAAVFDMAKENDKSLTFNEESWNPATWESCQSD
PVNAYCGSKKFAEKAAWEFLEENRDSVKFELTAVNPVYVFGPQMFDKDVKKHLNTSCELVNSLMHLSPEDKIPELFGGYI
DVRDVAKAHLVAFQKRETIGQRLIVSEARFTMQDVLDILNEDFPVLKGNIPVGKPGSGATHNTLGATLDNKKSKKLLGFK
FRNLKETIDDTASQILKFEGRI
;
_entity_poly.pdbx_strand_id   A,B,C,D
#
loop_
_chem_comp.id
_chem_comp.type
_chem_comp.name
_chem_comp.formula
NDP non-polymer 'NADPH DIHYDRO-NICOTINAMIDE-ADENINE-DINUCLEOTIDE PHOSPHATE' 'C21 H30 N7 O17 P3'
#
# COMPACT_ATOMS: atom_id res chain seq x y z
N MET A 1 19.61 5.77 -33.95
CA MET A 1 18.59 6.35 -33.04
C MET A 1 17.20 5.96 -33.53
N SER A 2 16.35 5.49 -32.62
CA SER A 2 15.02 5.04 -33.02
C SER A 2 13.95 5.51 -32.06
N VAL A 3 12.74 5.60 -32.59
CA VAL A 3 11.55 5.88 -31.82
C VAL A 3 10.66 4.64 -31.80
N PHE A 4 10.33 4.18 -30.59
CA PHE A 4 9.47 3.02 -30.45
C PHE A 4 8.04 3.47 -30.18
N VAL A 5 7.11 2.91 -30.95
CA VAL A 5 5.67 3.20 -30.85
C VAL A 5 4.87 1.93 -30.57
N SER A 6 4.33 1.82 -29.36
CA SER A 6 3.49 0.67 -29.03
C SER A 6 2.11 0.86 -29.64
N GLY A 7 1.48 -0.24 -30.05
CA GLY A 7 0.16 -0.22 -30.70
C GLY A 7 0.14 0.64 -31.94
N ALA A 8 1.10 0.40 -32.84
CA ALA A 8 1.38 1.30 -33.98
C ALA A 8 0.29 1.30 -35.05
N ASN A 9 -0.54 0.26 -35.06
CA ASN A 9 -1.63 0.13 -36.02
C ASN A 9 -2.92 0.79 -35.54
N GLY A 10 -2.90 1.36 -34.34
CA GLY A 10 -4.06 2.06 -33.80
C GLY A 10 -4.39 3.34 -34.53
N PHE A 11 -5.57 3.87 -34.26
CA PHE A 11 -6.08 5.05 -34.98
C PHE A 11 -5.16 6.27 -34.82
N ILE A 12 -4.90 6.65 -33.58
CA ILE A 12 -3.98 7.75 -33.27
C ILE A 12 -2.55 7.44 -33.73
N ALA A 13 -2.08 6.27 -33.29
CA ALA A 13 -0.70 5.81 -33.53
C ALA A 13 -0.26 5.80 -34.98
N GLN A 14 -1.13 5.42 -35.91
CA GLN A 14 -0.77 5.48 -37.32
C GLN A 14 -0.44 6.91 -37.77
N HIS A 15 -1.10 7.91 -37.18
CA HIS A 15 -0.85 9.31 -37.55
C HIS A 15 0.47 9.79 -36.93
N ILE A 16 0.79 9.25 -35.75
CA ILE A 16 2.09 9.46 -35.11
C ILE A 16 3.22 8.87 -35.96
N VAL A 17 3.05 7.63 -36.36
CA VAL A 17 4.03 6.97 -37.23
C VAL A 17 4.24 7.81 -38.48
N ASP A 18 3.15 8.29 -39.06
CA ASP A 18 3.18 9.17 -40.23
C ASP A 18 4.09 10.38 -40.00
N LEU A 19 3.83 11.13 -38.93
CA LEU A 19 4.58 12.35 -38.64
C LEU A 19 6.04 12.08 -38.34
N LEU A 20 6.32 10.96 -37.68
CA LEU A 20 7.69 10.57 -37.37
C LEU A 20 8.48 10.27 -38.65
N LEU A 21 7.85 9.56 -39.59
CA LEU A 21 8.52 9.20 -40.83
C LEU A 21 8.83 10.43 -41.67
N LYS A 22 7.93 11.41 -41.62
CA LYS A 22 8.07 12.64 -42.40
C LYS A 22 9.13 13.59 -41.79
N GLU A 23 9.38 13.44 -40.50
CA GLU A 23 10.45 14.17 -39.83
C GLU A 23 11.79 13.39 -39.80
N ASP A 24 11.81 12.29 -40.55
CA ASP A 24 13.03 11.47 -40.79
C ASP A 24 13.53 10.61 -39.63
N TYR A 25 12.68 10.31 -38.66
CA TYR A 25 13.03 9.35 -37.61
C TYR A 25 13.00 7.92 -38.13
N LYS A 26 13.91 7.10 -37.62
CA LYS A 26 13.73 5.66 -37.72
C LYS A 26 12.65 5.32 -36.70
N VAL A 27 11.72 4.46 -37.11
CA VAL A 27 10.57 4.10 -36.28
C VAL A 27 10.42 2.58 -36.17
N ILE A 28 10.16 2.13 -34.94
CA ILE A 28 9.84 0.74 -34.65
C ILE A 28 8.49 0.72 -33.93
N GLY A 29 7.55 -0.04 -34.46
CA GLY A 29 6.25 -0.18 -33.81
C GLY A 29 6.01 -1.58 -33.28
N SER A 30 4.96 -1.73 -32.50
CA SER A 30 4.48 -3.05 -32.14
C SER A 30 3.04 -3.25 -32.62
N ALA A 31 2.68 -4.48 -32.95
CA ALA A 31 1.30 -4.80 -33.25
C ALA A 31 1.06 -6.19 -32.72
N ARG A 32 -0.22 -6.55 -32.61
CA ARG A 32 -0.59 -7.78 -31.92
C ARG A 32 -0.27 -9.05 -32.71
N SER A 33 -0.03 -8.91 -34.00
CA SER A 33 0.21 -10.07 -34.84
C SER A 33 1.12 -9.73 -36.01
N GLN A 34 1.81 -10.74 -36.52
CA GLN A 34 2.61 -10.62 -37.74
C GLN A 34 1.78 -10.04 -38.88
N GLU A 35 0.54 -10.50 -39.02
CA GLU A 35 -0.39 -10.02 -40.04
C GLU A 35 -0.59 -8.50 -40.00
N LYS A 36 -1.01 -7.98 -38.84
CA LYS A 36 -1.24 -6.54 -38.67
C LYS A 36 0.04 -5.74 -38.86
N ALA A 37 1.17 -6.34 -38.48
CA ALA A 37 2.50 -5.75 -38.63
C ALA A 37 2.87 -5.54 -40.10
N GLU A 38 2.74 -6.61 -40.88
CA GLU A 38 3.01 -6.60 -42.31
C GLU A 38 2.07 -5.69 -43.07
N ASN A 39 0.80 -5.68 -42.67
CA ASN A 39 -0.18 -4.77 -43.26
C ASN A 39 0.22 -3.31 -43.02
N LEU A 40 0.75 -3.02 -41.83
CA LEU A 40 1.12 -1.65 -41.50
C LEU A 40 2.37 -1.18 -42.26
N THR A 41 3.41 -2.01 -42.31
CA THR A 41 4.62 -1.63 -43.05
C THR A 41 4.32 -1.44 -44.53
N GLU A 42 3.46 -2.30 -45.07
CA GLU A 42 3.03 -2.24 -46.47
C GLU A 42 2.26 -0.95 -46.78
N ALA A 43 1.34 -0.60 -45.89
CA ALA A 43 0.54 0.62 -46.04
C ALA A 43 1.43 1.86 -46.09
N PHE A 44 2.50 1.87 -45.30
CA PHE A 44 3.49 2.96 -45.31
C PHE A 44 4.52 2.89 -46.45
N GLY A 45 4.24 2.05 -47.45
CA GLY A 45 5.09 1.93 -48.62
C GLY A 45 6.44 1.30 -48.34
N ASN A 46 6.47 0.32 -47.43
CA ASN A 46 7.69 -0.38 -47.05
C ASN A 46 8.86 0.58 -46.82
N ASN A 47 8.59 1.68 -46.14
CA ASN A 47 9.61 2.65 -45.80
C ASN A 47 10.76 1.96 -45.08
N PRO A 48 11.99 2.03 -45.63
CA PRO A 48 13.13 1.36 -44.99
C PRO A 48 13.44 1.89 -43.58
N LYS A 49 12.93 3.07 -43.23
CA LYS A 49 13.11 3.58 -41.87
C LYS A 49 12.05 3.04 -40.87
N PHE A 50 11.14 2.21 -41.36
CA PHE A 50 10.04 1.70 -40.54
C PHE A 50 10.10 0.19 -40.43
N SER A 51 10.09 -0.30 -39.19
CA SER A 51 9.93 -1.74 -38.92
C SER A 51 8.96 -2.00 -37.77
N MET A 52 8.55 -3.26 -37.64
CA MET A 52 7.53 -3.67 -36.68
C MET A 52 7.97 -4.87 -35.89
N GLU A 53 7.45 -4.98 -34.67
CA GLU A 53 7.65 -6.16 -33.83
C GLU A 53 6.27 -6.66 -33.42
N VAL A 54 6.17 -7.94 -33.08
CA VAL A 54 4.90 -8.51 -32.67
C VAL A 54 4.88 -8.57 -31.16
N VAL A 55 3.95 -7.83 -30.55
CA VAL A 55 3.71 -7.87 -29.10
C VAL A 55 2.22 -8.16 -28.88
N PRO A 56 1.87 -9.45 -28.70
CA PRO A 56 0.44 -9.83 -28.77
C PRO A 56 -0.46 -9.31 -27.65
N ASP A 57 0.08 -9.08 -26.46
CA ASP A 57 -0.75 -8.74 -25.30
C ASP A 57 0.01 -7.91 -24.27
N ILE A 58 -0.44 -6.70 -24.03
CA ILE A 58 0.22 -5.81 -23.07
C ILE A 58 -0.18 -6.09 -21.62
N SER A 59 -1.10 -7.03 -21.39
CA SER A 59 -1.44 -7.42 -20.03
C SER A 59 -0.30 -8.25 -19.41
N LYS A 60 0.56 -8.80 -20.27
CA LYS A 60 1.77 -9.51 -19.86
C LYS A 60 2.87 -8.51 -19.48
N LEU A 61 3.32 -8.59 -18.23
CA LEU A 61 4.32 -7.64 -17.71
C LEU A 61 5.70 -7.72 -18.38
N ASP A 62 5.97 -8.81 -19.09
CA ASP A 62 7.21 -8.95 -19.84
C ASP A 62 6.98 -8.88 -21.35
N ALA A 63 5.83 -8.32 -21.74
CA ALA A 63 5.43 -8.24 -23.15
C ALA A 63 6.43 -7.54 -24.07
N PHE A 64 7.06 -6.48 -23.54
CA PHE A 64 8.00 -5.65 -24.29
C PHE A 64 9.47 -5.99 -24.01
N ASP A 65 9.73 -7.05 -23.25
CA ASP A 65 11.10 -7.48 -22.95
C ASP A 65 11.93 -7.72 -24.21
N HIS A 66 11.38 -8.48 -25.16
CA HIS A 66 12.11 -8.84 -26.37
C HIS A 66 12.51 -7.63 -27.23
N VAL A 67 11.60 -6.67 -27.42
CA VAL A 67 11.94 -5.50 -28.26
C VAL A 67 13.08 -4.69 -27.66
N PHE A 68 13.03 -4.46 -26.35
CA PHE A 68 14.10 -3.71 -25.68
C PHE A 68 15.36 -4.54 -25.47
N GLN A 69 15.22 -5.86 -25.34
CA GLN A 69 16.37 -6.76 -25.35
C GLN A 69 17.23 -6.54 -26.59
N LYS A 70 16.60 -6.54 -27.75
CA LYS A 70 17.35 -6.50 -29.00
C LYS A 70 17.53 -5.10 -29.61
N HIS A 71 16.70 -4.14 -29.21
CA HIS A 71 16.74 -2.80 -29.79
C HIS A 71 16.97 -1.69 -28.76
N GLY A 72 17.04 -2.06 -27.49
CA GLY A 72 17.12 -1.11 -26.39
C GLY A 72 18.21 -0.07 -26.54
N LYS A 73 19.37 -0.53 -27.02
CA LYS A 73 20.53 0.31 -27.33
C LYS A 73 20.22 1.37 -28.40
N ASP A 74 19.36 1.04 -29.35
CA ASP A 74 19.02 1.94 -30.44
C ASP A 74 17.79 2.80 -30.14
N ILE A 75 17.03 2.45 -29.12
CA ILE A 75 15.80 3.19 -28.81
C ILE A 75 16.05 4.40 -27.93
N LYS A 76 15.79 5.58 -28.48
CA LYS A 76 15.99 6.82 -27.75
C LYS A 76 14.68 7.41 -27.23
N ILE A 77 13.59 7.13 -27.93
CA ILE A 77 12.28 7.68 -27.59
C ILE A 77 11.24 6.56 -27.56
N VAL A 78 10.44 6.53 -26.50
CA VAL A 78 9.36 5.57 -26.39
C VAL A 78 8.04 6.31 -26.32
N LEU A 79 7.13 5.99 -27.24
CA LEU A 79 5.77 6.52 -27.22
C LEU A 79 4.83 5.35 -26.95
N HIS A 80 4.38 5.24 -25.70
CA HIS A 80 3.50 4.17 -25.29
C HIS A 80 2.06 4.59 -25.48
N THR A 81 1.47 4.11 -26.57
CA THR A 81 0.12 4.49 -26.93
C THR A 81 -0.90 3.35 -26.78
N ALA A 82 -0.41 2.12 -26.69
CA ALA A 82 -1.30 0.96 -26.61
C ALA A 82 -2.07 0.89 -25.28
N SER A 83 -3.39 0.77 -25.37
CA SER A 83 -4.26 0.60 -24.21
C SER A 83 -5.63 0.15 -24.71
N PRO A 84 -6.29 -0.77 -24.00
CA PRO A 84 -7.60 -1.19 -24.50
C PRO A 84 -8.64 -0.06 -24.46
N PHE A 85 -9.27 0.19 -25.60
CA PHE A 85 -10.33 1.21 -25.71
C PHE A 85 -11.47 0.57 -26.50
N CYS A 86 -11.88 -0.59 -26.00
CA CYS A 86 -12.79 -1.51 -26.64
C CYS A 86 -13.83 -1.92 -25.62
N PHE A 87 -15.08 -2.11 -26.05
CA PHE A 87 -16.15 -2.35 -25.08
C PHE A 87 -16.95 -3.65 -25.20
N ASP A 88 -16.62 -4.48 -26.17
CA ASP A 88 -17.11 -5.85 -26.13
C ASP A 88 -16.23 -6.60 -25.12
N ILE A 89 -16.53 -6.40 -23.84
CA ILE A 89 -15.72 -6.93 -22.73
C ILE A 89 -16.57 -7.65 -21.68
N THR A 90 -16.03 -8.73 -21.12
CA THR A 90 -16.71 -9.50 -20.08
C THR A 90 -16.51 -8.93 -18.66
N ASP A 91 -15.29 -8.46 -18.37
CA ASP A 91 -14.93 -8.05 -17.02
C ASP A 91 -14.00 -6.82 -16.99
N SER A 92 -14.42 -5.78 -16.28
CA SER A 92 -13.72 -4.49 -16.24
C SER A 92 -12.30 -4.54 -15.70
N GLU A 93 -12.10 -5.26 -14.60
CA GLU A 93 -10.78 -5.36 -13.99
C GLU A 93 -9.80 -6.05 -14.94
N ARG A 94 -10.30 -7.08 -15.61
CA ARG A 94 -9.49 -7.98 -16.42
C ARG A 94 -9.31 -7.51 -17.86
N ASP A 95 -10.31 -6.83 -18.42
CA ASP A 95 -10.24 -6.43 -19.82
C ASP A 95 -9.85 -4.98 -20.00
N LEU A 96 -9.99 -4.20 -18.93
CA LEU A 96 -9.63 -2.79 -19.01
C LEU A 96 -8.51 -2.39 -18.06
N LEU A 97 -8.69 -2.67 -16.77
CA LEU A 97 -7.78 -2.19 -15.73
C LEU A 97 -6.41 -2.87 -15.77
N ILE A 98 -6.39 -4.20 -15.72
CA ILE A 98 -5.14 -4.97 -15.71
C ILE A 98 -4.26 -4.74 -16.96
N PRO A 99 -4.82 -4.86 -18.18
CA PRO A 99 -4.01 -4.66 -19.38
C PRO A 99 -3.43 -3.24 -19.51
N ALA A 100 -4.25 -2.23 -19.21
CA ALA A 100 -3.78 -0.85 -19.29
C ALA A 100 -2.70 -0.57 -18.24
N VAL A 101 -2.91 -1.06 -17.03
CA VAL A 101 -1.96 -0.82 -15.93
C VAL A 101 -0.69 -1.63 -16.14
N ASN A 102 -0.82 -2.92 -16.40
CA ASN A 102 0.32 -3.78 -16.71
C ASN A 102 1.06 -3.38 -17.98
N GLY A 103 0.35 -2.80 -18.94
CA GLY A 103 0.97 -2.27 -20.15
C GLY A 103 2.02 -1.22 -19.83
N VAL A 104 1.66 -0.31 -18.94
CA VAL A 104 2.56 0.74 -18.49
C VAL A 104 3.67 0.18 -17.61
N LYS A 105 3.30 -0.62 -16.60
CA LYS A 105 4.30 -1.20 -15.69
C LYS A 105 5.30 -2.07 -16.45
N GLY A 106 4.79 -2.82 -17.43
CA GLY A 106 5.62 -3.71 -18.24
C GLY A 106 6.66 -3.01 -19.09
N ILE A 107 6.23 -2.03 -19.88
CA ILE A 107 7.13 -1.36 -20.82
C ILE A 107 8.20 -0.57 -20.06
N LEU A 108 7.82 0.06 -18.97
CA LEU A 108 8.77 0.84 -18.18
C LEU A 108 9.82 -0.07 -17.54
N HIS A 109 9.41 -1.24 -17.07
CA HIS A 109 10.31 -2.25 -16.53
C HIS A 109 11.24 -2.80 -17.62
N SER A 110 10.70 -3.00 -18.82
CA SER A 110 11.53 -3.41 -19.96
C SER A 110 12.61 -2.37 -20.25
N ILE A 111 12.24 -1.09 -20.20
CA ILE A 111 13.19 0.01 -20.35
C ILE A 111 14.25 -0.05 -19.25
N LYS A 112 13.81 -0.16 -18.00
CA LYS A 112 14.73 -0.22 -16.86
C LYS A 112 15.73 -1.35 -17.02
N LYS A 113 15.25 -2.51 -17.46
CA LYS A 113 16.07 -3.70 -17.55
C LYS A 113 17.07 -3.65 -18.70
N TYR A 114 16.62 -3.21 -19.87
CA TYR A 114 17.42 -3.36 -21.09
C TYR A 114 17.85 -2.08 -21.81
N ALA A 115 17.36 -0.92 -21.35
CA ALA A 115 17.55 0.35 -22.08
C ALA A 115 17.59 1.56 -21.15
N ALA A 116 18.03 1.33 -19.92
CA ALA A 116 18.03 2.35 -18.84
C ALA A 116 18.89 3.57 -19.16
N ASP A 117 19.83 3.38 -20.07
CA ASP A 117 20.89 4.33 -20.37
C ASP A 117 20.75 4.95 -21.75
N SER A 118 19.84 4.42 -22.55
CA SER A 118 19.63 4.88 -23.92
C SER A 118 18.31 5.64 -24.13
N VAL A 119 17.26 5.22 -23.42
CA VAL A 119 15.95 5.87 -23.57
C VAL A 119 15.95 7.22 -22.88
N GLU A 120 15.74 8.27 -23.67
CA GLU A 120 15.84 9.64 -23.17
C GLU A 120 14.47 10.21 -22.85
N ARG A 121 13.47 9.82 -23.64
CA ARG A 121 12.12 10.36 -23.45
C ARG A 121 11.04 9.28 -23.56
N VAL A 122 10.10 9.32 -22.63
CA VAL A 122 8.94 8.46 -22.66
C VAL A 122 7.71 9.34 -22.70
N VAL A 123 6.84 9.07 -23.67
CA VAL A 123 5.54 9.72 -23.73
C VAL A 123 4.45 8.69 -23.56
N LEU A 124 3.51 8.98 -22.67
CA LEU A 124 2.37 8.11 -22.44
C LEU A 124 1.11 8.76 -22.99
N THR A 125 0.43 8.04 -23.89
CA THR A 125 -0.91 8.41 -24.31
C THR A 125 -1.85 8.06 -23.16
N SER A 126 -2.18 9.07 -22.38
CA SER A 126 -3.15 8.92 -21.31
C SER A 126 -4.47 9.42 -21.89
N SER A 127 -5.28 10.09 -21.06
CA SER A 127 -6.58 10.61 -21.50
C SER A 127 -7.09 11.77 -20.63
N TYR A 128 -7.97 12.58 -21.21
CA TYR A 128 -8.76 13.53 -20.43
C TYR A 128 -9.66 12.78 -19.43
N ALA A 129 -9.93 11.52 -19.72
CA ALA A 129 -10.60 10.62 -18.78
C ALA A 129 -9.83 10.45 -17.46
N ALA A 130 -8.51 10.63 -17.50
CA ALA A 130 -7.67 10.58 -16.30
C ALA A 130 -7.70 11.90 -15.51
N VAL A 131 -8.32 12.92 -16.12
CA VAL A 131 -8.33 14.28 -15.58
C VAL A 131 -9.69 14.66 -14.96
N PHE A 132 -10.76 14.37 -15.69
CA PHE A 132 -12.08 14.90 -15.37
C PHE A 132 -12.85 14.08 -14.33
N ASP A 133 -13.95 14.67 -13.89
CA ASP A 133 -14.91 14.03 -13.02
C ASP A 133 -16.20 13.93 -13.81
N MET A 134 -16.56 12.70 -14.18
CA MET A 134 -17.73 12.43 -15.01
C MET A 134 -19.00 13.03 -14.40
N ALA A 135 -19.22 12.75 -13.12
CA ALA A 135 -20.40 13.21 -12.40
C ALA A 135 -20.49 14.74 -12.30
N LYS A 136 -19.42 15.43 -12.72
CA LYS A 136 -19.34 16.89 -12.56
C LYS A 136 -19.13 17.69 -13.86
N GLU A 137 -18.86 17.02 -14.98
CA GLU A 137 -18.69 17.70 -16.27
C GLU A 137 -19.83 18.67 -16.59
N ASN A 138 -21.03 18.35 -16.12
CA ASN A 138 -22.24 19.13 -16.39
C ASN A 138 -22.37 20.43 -15.58
N ASP A 139 -21.49 20.63 -14.60
CA ASP A 139 -21.56 21.79 -13.71
C ASP A 139 -20.75 22.97 -14.22
N LYS A 140 -21.44 24.04 -14.63
CA LYS A 140 -20.81 25.22 -15.23
C LYS A 140 -19.88 26.01 -14.29
N SER A 141 -20.01 25.79 -12.98
CA SER A 141 -19.23 26.55 -12.00
C SER A 141 -17.82 26.00 -11.77
N LEU A 142 -17.63 24.71 -12.02
CA LEU A 142 -16.35 24.05 -11.75
C LEU A 142 -15.36 24.18 -12.90
N THR A 143 -14.07 23.97 -12.59
CA THR A 143 -13.00 24.09 -13.57
C THR A 143 -11.98 22.94 -13.48
N PHE A 144 -11.71 22.34 -14.64
CA PHE A 144 -10.75 21.25 -14.75
C PHE A 144 -9.53 21.71 -15.55
N ASN A 145 -8.34 21.29 -15.10
CA ASN A 145 -7.10 21.64 -15.77
C ASN A 145 -6.07 20.51 -15.67
N GLU A 146 -4.82 20.79 -16.06
CA GLU A 146 -3.75 19.77 -16.09
C GLU A 146 -3.42 19.19 -14.72
N GLU A 147 -3.73 19.96 -13.67
CA GLU A 147 -3.46 19.52 -12.30
C GLU A 147 -4.60 18.68 -11.73
N SER A 148 -5.75 18.69 -12.42
CA SER A 148 -6.91 17.90 -12.01
C SER A 148 -6.72 16.41 -12.26
N TRP A 149 -7.23 15.58 -11.35
CA TRP A 149 -7.23 14.12 -11.51
C TRP A 149 -8.63 13.53 -11.34
N ASN A 150 -8.87 12.43 -12.05
CA ASN A 150 -10.10 11.65 -11.91
C ASN A 150 -10.19 11.10 -10.48
N PRO A 151 -11.27 11.45 -9.76
CA PRO A 151 -11.43 11.06 -8.34
C PRO A 151 -11.65 9.56 -8.09
N ALA A 152 -12.01 8.81 -9.13
CA ALA A 152 -12.41 7.40 -8.99
C ALA A 152 -11.28 6.50 -8.51
N THR A 153 -11.62 5.53 -7.67
CA THR A 153 -10.63 4.57 -7.17
C THR A 153 -10.69 3.27 -7.95
N TRP A 154 -9.66 2.44 -7.77
CA TRP A 154 -9.76 1.04 -8.12
C TRP A 154 -10.93 0.54 -7.30
N GLU A 155 -11.82 -0.21 -7.92
CA GLU A 155 -13.06 -0.68 -7.28
C GLU A 155 -14.26 0.24 -7.56
N SER A 156 -14.13 1.53 -7.25
CA SER A 156 -15.23 2.47 -7.49
C SER A 156 -15.52 2.66 -8.97
N CYS A 157 -14.45 2.67 -9.78
CA CYS A 157 -14.56 2.85 -11.23
C CYS A 157 -15.11 1.61 -11.93
N GLN A 158 -15.16 0.49 -11.20
CA GLN A 158 -15.63 -0.77 -11.77
C GLN A 158 -17.15 -0.89 -11.83
N SER A 159 -17.86 0.18 -11.48
CA SER A 159 -19.32 0.22 -11.49
C SER A 159 -19.92 -0.11 -12.87
N ASP A 160 -19.29 0.43 -13.91
CA ASP A 160 -19.66 0.19 -15.32
C ASP A 160 -18.43 0.28 -16.22
N PRO A 161 -18.49 -0.28 -17.45
CA PRO A 161 -17.34 -0.32 -18.38
C PRO A 161 -16.76 1.04 -18.76
N VAL A 162 -17.62 2.05 -18.95
CA VAL A 162 -17.18 3.39 -19.30
C VAL A 162 -16.36 3.99 -18.14
N ASN A 163 -16.88 3.88 -16.92
CA ASN A 163 -16.16 4.29 -15.71
C ASN A 163 -14.86 3.53 -15.51
N ALA A 164 -14.89 2.24 -15.82
CA ALA A 164 -13.72 1.38 -15.69
C ALA A 164 -12.64 1.81 -16.67
N TYR A 165 -13.06 2.05 -17.93
CA TYR A 165 -12.14 2.57 -18.93
C TYR A 165 -11.47 3.87 -18.47
N CYS A 166 -12.26 4.77 -17.90
CA CYS A 166 -11.73 6.05 -17.40
C CYS A 166 -10.74 5.82 -16.25
N GLY A 167 -11.11 4.92 -15.34
CA GLY A 167 -10.21 4.52 -14.26
C GLY A 167 -8.92 3.91 -14.78
N SER A 168 -9.04 3.05 -15.79
CA SER A 168 -7.87 2.39 -16.38
C SER A 168 -6.86 3.40 -16.89
N LYS A 169 -7.35 4.44 -17.56
CA LYS A 169 -6.50 5.54 -18.00
C LYS A 169 -5.84 6.23 -16.80
N LYS A 170 -6.63 6.57 -15.78
CA LYS A 170 -6.10 7.15 -14.55
C LYS A 170 -5.00 6.30 -13.93
N PHE A 171 -5.25 5.00 -13.75
CA PHE A 171 -4.30 4.15 -13.05
C PHE A 171 -3.06 3.76 -13.85
N ALA A 172 -3.22 3.60 -15.16
CA ALA A 172 -2.07 3.45 -16.05
C ALA A 172 -1.16 4.69 -15.94
N GLU A 173 -1.76 5.88 -15.92
CA GLU A 173 -0.98 7.12 -15.82
C GLU A 173 -0.33 7.28 -14.46
N LYS A 174 -1.10 7.06 -13.38
CA LYS A 174 -0.52 7.10 -12.03
C LYS A 174 0.67 6.16 -11.91
N ALA A 175 0.53 4.95 -12.47
CA ALA A 175 1.61 3.95 -12.44
C ALA A 175 2.88 4.45 -13.12
N ALA A 176 2.72 5.16 -14.25
CA ALA A 176 3.86 5.74 -14.96
C ALA A 176 4.58 6.78 -14.09
N TRP A 177 3.82 7.70 -13.49
CA TRP A 177 4.40 8.71 -12.61
C TRP A 177 5.03 8.10 -11.36
N GLU A 178 4.38 7.08 -10.82
CA GLU A 178 4.89 6.35 -9.66
C GLU A 178 6.19 5.61 -9.95
N PHE A 179 6.24 4.96 -11.12
CA PHE A 179 7.44 4.24 -11.55
C PHE A 179 8.62 5.19 -11.67
N LEU A 180 8.40 6.38 -12.22
CA LEU A 180 9.46 7.38 -12.34
C LEU A 180 9.88 7.92 -10.97
N GLU A 181 8.93 8.04 -10.03
CA GLU A 181 9.24 8.40 -8.65
C GLU A 181 10.18 7.36 -8.05
N GLU A 182 9.76 6.10 -8.14
CA GLU A 182 10.43 4.98 -7.46
C GLU A 182 11.76 4.55 -8.09
N ASN A 183 12.06 5.06 -9.29
CA ASN A 183 13.25 4.63 -10.05
C ASN A 183 14.04 5.79 -10.62
N ARG A 184 13.81 6.98 -10.07
CA ARG A 184 14.38 8.21 -10.62
C ARG A 184 15.89 8.13 -10.81
N ASP A 185 16.56 7.56 -9.80
CA ASP A 185 18.02 7.44 -9.84
C ASP A 185 18.48 6.38 -10.83
N SER A 186 17.63 5.39 -11.06
CA SER A 186 17.99 4.19 -11.83
C SER A 186 17.64 4.23 -13.33
N VAL A 187 16.95 5.28 -13.77
CA VAL A 187 16.70 5.50 -15.19
C VAL A 187 17.05 6.92 -15.65
N LYS A 188 17.39 7.03 -16.93
CA LYS A 188 17.77 8.29 -17.56
C LYS A 188 16.57 9.07 -18.14
N PHE A 189 15.47 8.37 -18.42
CA PHE A 189 14.39 8.99 -19.22
C PHE A 189 13.53 10.00 -18.48
N GLU A 190 13.02 10.97 -19.23
CA GLU A 190 12.01 11.89 -18.73
C GLU A 190 10.64 11.47 -19.24
N LEU A 191 9.62 11.80 -18.48
CA LEU A 191 8.27 11.36 -18.77
C LEU A 191 7.32 12.52 -19.09
N THR A 192 6.47 12.30 -20.09
CA THR A 192 5.40 13.24 -20.42
C THR A 192 4.13 12.44 -20.66
N ALA A 193 3.02 12.96 -20.15
CA ALA A 193 1.70 12.42 -20.46
C ALA A 193 1.01 13.32 -21.48
N VAL A 194 0.34 12.69 -22.44
CA VAL A 194 -0.48 13.39 -23.42
C VAL A 194 -1.91 12.94 -23.18
N ASN A 195 -2.82 13.88 -22.95
CA ASN A 195 -4.17 13.55 -22.48
C ASN A 195 -5.29 14.04 -23.39
N PRO A 196 -5.57 13.30 -24.47
CA PRO A 196 -6.57 13.77 -25.41
C PRO A 196 -8.00 13.67 -24.92
N VAL A 197 -8.84 14.56 -25.45
CA VAL A 197 -10.28 14.47 -25.29
C VAL A 197 -10.76 13.54 -26.39
N TYR A 198 -12.05 13.60 -26.75
CA TYR A 198 -12.55 12.80 -27.86
C TYR A 198 -11.80 13.12 -29.13
N VAL A 199 -11.26 12.10 -29.76
CA VAL A 199 -10.42 12.26 -30.93
C VAL A 199 -11.19 11.91 -32.19
N PHE A 200 -11.28 12.87 -33.10
CA PHE A 200 -11.95 12.69 -34.37
C PHE A 200 -10.95 12.87 -35.49
N GLY A 201 -11.41 12.71 -36.72
CA GLY A 201 -10.57 12.93 -37.87
C GLY A 201 -10.54 11.69 -38.72
N PRO A 202 -9.80 11.76 -39.84
CA PRO A 202 -9.76 10.63 -40.75
C PRO A 202 -8.80 9.53 -40.30
N GLN A 203 -9.08 8.30 -40.74
CA GLN A 203 -8.14 7.19 -40.61
C GLN A 203 -6.97 7.48 -41.53
N MET A 204 -5.79 7.06 -41.10
CA MET A 204 -4.58 7.26 -41.88
C MET A 204 -4.74 6.73 -43.31
N PHE A 205 -5.27 5.52 -43.44
CA PHE A 205 -5.52 4.92 -44.75
C PHE A 205 -6.98 4.58 -44.99
N ASP A 206 -7.42 4.79 -46.23
CA ASP A 206 -8.80 4.56 -46.65
C ASP A 206 -9.25 3.13 -46.41
N LYS A 207 -8.35 2.18 -46.62
CA LYS A 207 -8.60 0.76 -46.42
C LYS A 207 -9.19 0.50 -45.05
N ASP A 208 -8.78 1.31 -44.09
CA ASP A 208 -9.16 1.09 -42.71
C ASP A 208 -10.51 1.72 -42.38
N VAL A 209 -11.14 2.35 -43.36
CA VAL A 209 -12.54 2.74 -43.21
C VAL A 209 -13.38 1.50 -43.43
N LYS A 210 -14.08 1.09 -42.37
CA LYS A 210 -14.90 -0.11 -42.41
C LYS A 210 -16.28 0.19 -41.84
N LYS A 211 -17.10 -0.85 -41.72
CA LYS A 211 -18.48 -0.72 -41.25
C LYS A 211 -18.52 -0.05 -39.86
N HIS A 212 -17.66 -0.53 -38.96
CA HIS A 212 -17.54 0.06 -37.65
C HIS A 212 -16.09 0.44 -37.35
N LEU A 213 -15.90 1.63 -36.80
CA LEU A 213 -14.56 2.19 -36.64
C LEU A 213 -14.06 2.08 -35.19
N ASN A 214 -12.91 2.69 -34.93
CA ASN A 214 -12.41 2.87 -33.57
C ASN A 214 -13.46 3.65 -32.80
N THR A 215 -13.61 3.34 -31.51
CA THR A 215 -14.78 3.82 -30.76
C THR A 215 -15.01 5.35 -30.83
N SER A 216 -13.97 6.16 -30.66
CA SER A 216 -14.13 7.62 -30.76
C SER A 216 -14.71 8.06 -32.10
N CYS A 217 -14.22 7.46 -33.19
CA CYS A 217 -14.71 7.78 -34.53
C CYS A 217 -16.03 7.10 -34.89
N GLU A 218 -16.32 5.99 -34.23
CA GLU A 218 -17.59 5.29 -34.38
C GLU A 218 -18.76 6.21 -34.01
N LEU A 219 -18.51 7.14 -33.08
CA LEU A 219 -19.52 8.11 -32.65
C LEU A 219 -20.02 8.99 -33.79
N VAL A 220 -19.16 9.25 -34.76
CA VAL A 220 -19.52 10.03 -35.95
C VAL A 220 -20.13 9.11 -37.01
N ASN A 221 -19.48 7.97 -37.25
CA ASN A 221 -20.00 6.92 -38.13
C ASN A 221 -21.44 6.56 -37.74
N SER A 222 -21.66 6.40 -36.44
CA SER A 222 -22.97 6.05 -35.88
C SER A 222 -24.02 7.13 -36.10
N LEU A 223 -23.66 8.38 -35.82
CA LEU A 223 -24.53 9.54 -36.09
C LEU A 223 -24.97 9.61 -37.54
N MET A 224 -24.03 9.38 -38.46
CA MET A 224 -24.31 9.42 -39.90
C MET A 224 -25.25 8.32 -40.38
N HIS A 225 -25.57 7.37 -39.51
CA HIS A 225 -26.47 6.28 -39.86
C HIS A 225 -27.83 6.34 -39.17
N LEU A 226 -28.01 7.31 -38.28
CA LEU A 226 -29.32 7.56 -37.70
C LEU A 226 -30.29 8.12 -38.75
N SER A 227 -31.56 7.75 -38.62
CA SER A 227 -32.63 8.33 -39.41
C SER A 227 -33.13 9.61 -38.71
N PRO A 228 -33.83 10.49 -39.44
CA PRO A 228 -34.32 11.76 -38.89
C PRO A 228 -35.12 11.65 -37.59
N GLU A 229 -35.91 10.59 -37.44
CA GLU A 229 -36.77 10.42 -36.25
C GLU A 229 -36.08 9.69 -35.09
N ASP A 230 -34.84 9.23 -35.32
CA ASP A 230 -34.04 8.58 -34.28
C ASP A 230 -33.64 9.56 -33.18
N LYS A 231 -33.44 9.04 -31.97
CA LYS A 231 -33.07 9.89 -30.84
C LYS A 231 -31.58 10.22 -30.87
N ILE A 232 -31.26 11.47 -30.53
CA ILE A 232 -29.89 11.95 -30.54
C ILE A 232 -29.18 11.60 -29.23
N PRO A 233 -28.06 10.86 -29.32
CA PRO A 233 -27.23 10.52 -28.16
C PRO A 233 -26.82 11.77 -27.37
N GLU A 234 -26.79 11.63 -26.04
CA GLU A 234 -26.39 12.73 -25.17
C GLU A 234 -24.90 12.62 -24.86
N LEU A 235 -24.15 13.64 -25.25
CA LEU A 235 -22.71 13.63 -25.04
C LEU A 235 -22.15 15.06 -24.98
N PHE A 236 -21.38 15.32 -23.94
CA PHE A 236 -20.72 16.60 -23.80
C PHE A 236 -19.27 16.36 -23.44
N GLY A 237 -18.36 16.91 -24.24
CA GLY A 237 -16.93 16.80 -23.98
C GLY A 237 -16.08 17.71 -24.83
N GLY A 238 -14.76 17.62 -24.64
CA GLY A 238 -13.82 18.30 -25.51
C GLY A 238 -13.63 17.50 -26.78
N TYR A 239 -13.20 18.18 -27.84
CA TYR A 239 -12.85 17.49 -29.09
C TYR A 239 -11.46 17.88 -29.55
N ILE A 240 -10.85 17.03 -30.35
CA ILE A 240 -9.56 17.31 -30.92
C ILE A 240 -9.39 16.46 -32.16
N ASP A 241 -8.71 17.00 -33.16
CA ASP A 241 -8.42 16.23 -34.38
C ASP A 241 -7.23 15.31 -34.15
N VAL A 242 -7.23 14.16 -34.82
CA VAL A 242 -6.22 13.14 -34.64
C VAL A 242 -4.82 13.55 -35.09
N ARG A 243 -4.76 14.35 -36.14
CA ARG A 243 -3.48 14.84 -36.64
C ARG A 243 -2.86 15.81 -35.62
N ASP A 244 -3.71 16.58 -34.94
CA ASP A 244 -3.27 17.42 -33.84
C ASP A 244 -2.78 16.57 -32.65
N VAL A 245 -3.50 15.50 -32.34
CA VAL A 245 -3.08 14.62 -31.25
C VAL A 245 -1.73 14.00 -31.55
N ALA A 246 -1.54 13.51 -32.77
CA ALA A 246 -0.27 12.92 -33.20
C ALA A 246 0.88 13.91 -33.08
N LYS A 247 0.65 15.13 -33.55
CA LYS A 247 1.65 16.19 -33.44
C LYS A 247 1.97 16.51 -31.98
N ALA A 248 0.94 16.54 -31.13
CA ALA A 248 1.17 16.74 -29.69
C ALA A 248 2.15 15.73 -29.11
N HIS A 249 2.11 14.49 -29.60
CA HIS A 249 3.05 13.45 -29.16
C HIS A 249 4.50 13.72 -29.56
N LEU A 250 4.71 14.24 -30.77
CA LEU A 250 6.04 14.64 -31.22
C LEU A 250 6.60 15.81 -30.40
N VAL A 251 5.81 16.86 -30.28
CA VAL A 251 6.15 18.04 -29.46
C VAL A 251 6.42 17.65 -28.01
N ALA A 252 5.69 16.67 -27.50
CA ALA A 252 5.89 16.16 -26.13
C ALA A 252 7.24 15.52 -25.89
N PHE A 253 7.86 14.95 -26.92
CA PHE A 253 9.21 14.41 -26.68
C PHE A 253 10.34 15.34 -27.14
N GLN A 254 10.02 16.23 -28.08
CA GLN A 254 11.04 17.10 -28.67
C GLN A 254 11.38 18.27 -27.75
N LYS A 255 10.40 18.73 -26.98
CA LYS A 255 10.56 19.94 -26.16
C LYS A 255 11.05 19.72 -24.73
N ARG A 256 11.95 20.60 -24.31
CA ARG A 256 12.45 20.68 -22.95
C ARG A 256 11.29 20.91 -21.96
N GLU A 257 10.44 21.88 -22.29
CA GLU A 257 9.38 22.37 -21.42
C GLU A 257 8.27 21.35 -21.15
N THR A 258 8.17 20.32 -21.99
CA THR A 258 7.15 19.29 -21.77
C THR A 258 7.63 18.15 -20.88
N ILE A 259 8.83 18.27 -20.33
CA ILE A 259 9.33 17.31 -19.34
C ILE A 259 8.44 17.36 -18.09
N GLY A 260 7.93 16.19 -17.70
CA GLY A 260 7.13 16.06 -16.48
C GLY A 260 5.76 16.72 -16.49
N GLN A 261 5.22 16.95 -17.69
CA GLN A 261 3.92 17.62 -17.84
C GLN A 261 2.85 16.66 -18.28
N ARG A 262 1.61 17.04 -17.99
CA ARG A 262 0.42 16.44 -18.54
C ARG A 262 -0.16 17.43 -19.53
N LEU A 263 -0.36 16.98 -20.77
CA LEU A 263 -0.77 17.85 -21.85
C LEU A 263 -2.15 17.45 -22.34
N ILE A 264 -3.15 18.26 -22.01
CA ILE A 264 -4.51 18.03 -22.45
C ILE A 264 -4.65 18.56 -23.88
N VAL A 265 -4.80 17.65 -24.84
CA VAL A 265 -4.97 18.07 -26.22
C VAL A 265 -6.47 18.18 -26.48
N SER A 266 -6.96 19.41 -26.47
CA SER A 266 -8.37 19.72 -26.58
C SER A 266 -8.51 21.08 -27.20
N GLU A 267 -9.36 21.18 -28.21
CA GLU A 267 -9.58 22.46 -28.88
C GLU A 267 -10.68 23.28 -28.21
N ALA A 268 -11.85 22.67 -28.05
CA ALA A 268 -13.00 23.30 -27.41
C ALA A 268 -14.06 22.22 -27.18
N ARG A 269 -15.23 22.64 -26.68
CA ARG A 269 -16.31 21.71 -26.38
C ARG A 269 -17.24 21.42 -27.56
N PHE A 270 -17.93 20.30 -27.49
CA PHE A 270 -18.98 19.95 -28.45
C PHE A 270 -20.05 19.10 -27.77
N THR A 271 -21.20 19.00 -28.43
CA THR A 271 -22.18 17.95 -28.18
C THR A 271 -22.51 17.39 -29.55
N MET A 272 -23.37 16.38 -29.60
CA MET A 272 -23.76 15.77 -30.88
C MET A 272 -24.54 16.73 -31.77
N GLN A 273 -25.25 17.67 -31.14
CA GLN A 273 -25.95 18.72 -31.86
C GLN A 273 -25.00 19.50 -32.77
N ASP A 274 -23.85 19.90 -32.22
CA ASP A 274 -22.80 20.58 -32.99
C ASP A 274 -22.32 19.73 -34.16
N VAL A 275 -22.25 18.42 -33.95
CA VAL A 275 -21.84 17.52 -35.03
C VAL A 275 -22.94 17.40 -36.10
N LEU A 276 -24.19 17.36 -35.66
CA LEU A 276 -25.33 17.35 -36.60
C LEU A 276 -25.37 18.62 -37.44
N ASP A 277 -25.24 19.77 -36.80
CA ASP A 277 -25.25 21.05 -37.51
C ASP A 277 -24.24 21.07 -38.66
N ILE A 278 -23.06 20.52 -38.41
CA ILE A 278 -22.00 20.48 -39.41
C ILE A 278 -22.33 19.52 -40.54
N LEU A 279 -22.70 18.29 -40.17
CA LEU A 279 -23.05 17.25 -41.13
C LEU A 279 -24.15 17.71 -42.06
N ASN A 280 -25.20 18.28 -41.46
CA ASN A 280 -26.34 18.79 -42.20
C ASN A 280 -25.99 19.88 -43.20
N GLU A 281 -25.06 20.76 -42.82
CA GLU A 281 -24.67 21.90 -43.64
C GLU A 281 -23.66 21.58 -44.73
N ASP A 282 -22.72 20.67 -44.43
CA ASP A 282 -21.59 20.44 -45.32
C ASP A 282 -21.78 19.28 -46.27
N PHE A 283 -22.79 18.46 -45.99
CA PHE A 283 -23.06 17.25 -46.77
C PHE A 283 -24.53 17.14 -47.13
N PRO A 284 -24.89 17.65 -48.33
CA PRO A 284 -26.26 17.69 -48.85
C PRO A 284 -26.89 16.31 -48.90
N VAL A 285 -26.05 15.30 -49.13
CA VAL A 285 -26.46 13.90 -49.17
C VAL A 285 -26.95 13.41 -47.80
N LEU A 286 -26.53 14.08 -46.74
CA LEU A 286 -26.95 13.72 -45.39
C LEU A 286 -28.19 14.49 -44.93
N LYS A 287 -28.33 15.74 -45.37
CA LYS A 287 -29.46 16.57 -45.00
C LYS A 287 -30.78 15.95 -45.48
N GLY A 288 -31.70 15.72 -44.54
CA GLY A 288 -32.95 15.05 -44.83
C GLY A 288 -32.91 13.56 -44.53
N ASN A 289 -31.70 13.04 -44.30
CA ASN A 289 -31.50 11.62 -43.99
C ASN A 289 -30.96 11.36 -42.59
N ILE A 290 -30.67 12.42 -41.85
CA ILE A 290 -30.21 12.31 -40.46
C ILE A 290 -31.00 13.27 -39.57
N PRO A 291 -30.87 13.14 -38.23
CA PRO A 291 -31.60 14.09 -37.36
C PRO A 291 -31.13 15.53 -37.51
N VAL A 292 -32.01 16.48 -37.20
CA VAL A 292 -31.66 17.89 -37.17
C VAL A 292 -31.51 18.38 -35.72
N GLY A 293 -32.34 17.85 -34.82
CA GLY A 293 -32.37 18.29 -33.43
C GLY A 293 -32.76 19.75 -33.29
N LYS A 294 -32.10 20.45 -32.36
CA LYS A 294 -32.27 21.89 -32.21
C LYS A 294 -30.99 22.60 -32.66
N PRO A 295 -30.92 22.96 -33.96
CA PRO A 295 -29.69 23.57 -34.48
C PRO A 295 -29.28 24.83 -33.72
N GLY A 296 -27.99 24.92 -33.42
CA GLY A 296 -27.41 26.07 -32.75
C GLY A 296 -27.43 26.02 -31.24
N SER A 297 -27.88 24.89 -30.69
CA SER A 297 -28.01 24.74 -29.24
C SER A 297 -26.89 23.88 -28.62
N GLY A 298 -25.96 23.44 -29.45
CA GLY A 298 -24.80 22.70 -28.98
C GLY A 298 -23.79 23.59 -28.28
N ALA A 299 -22.59 23.05 -28.05
CA ALA A 299 -21.56 23.76 -27.29
C ALA A 299 -20.71 24.74 -28.10
N THR A 300 -20.81 24.70 -29.42
CA THR A 300 -20.15 25.69 -30.28
C THR A 300 -20.87 27.04 -30.26
N HIS A 301 -21.99 27.10 -29.55
CA HIS A 301 -22.74 28.35 -29.39
C HIS A 301 -23.06 28.65 -27.92
N ASN A 302 -23.03 27.61 -27.09
CA ASN A 302 -23.42 27.75 -25.69
C ASN A 302 -22.43 27.13 -24.72
N THR A 303 -22.22 27.78 -23.58
CA THR A 303 -21.50 27.17 -22.47
C THR A 303 -22.47 26.20 -21.82
N LEU A 304 -22.11 24.91 -21.85
CA LEU A 304 -23.01 23.84 -21.40
C LEU A 304 -22.48 22.98 -20.26
N GLY A 305 -21.26 23.25 -19.79
CA GLY A 305 -20.70 22.47 -18.69
C GLY A 305 -19.52 23.11 -17.99
N ALA A 306 -18.75 22.28 -17.28
CA ALA A 306 -17.54 22.71 -16.59
C ALA A 306 -16.52 23.25 -17.58
N THR A 307 -15.65 24.15 -17.10
CA THR A 307 -14.62 24.72 -17.96
C THR A 307 -13.39 23.80 -18.01
N LEU A 308 -13.03 23.40 -19.21
CA LEU A 308 -11.80 22.68 -19.47
C LEU A 308 -10.73 23.71 -19.77
N ASP A 309 -9.84 23.93 -18.82
CA ASP A 309 -8.79 24.93 -18.98
C ASP A 309 -7.48 24.24 -19.33
N ASN A 310 -7.18 24.17 -20.62
CA ASN A 310 -5.93 23.59 -21.06
C ASN A 310 -5.02 24.63 -21.72
N LYS A 311 -5.20 25.88 -21.30
CA LYS A 311 -4.41 27.00 -21.79
C LYS A 311 -2.89 26.80 -21.63
N LYS A 312 -2.49 26.17 -20.53
CA LYS A 312 -1.08 25.85 -20.30
C LYS A 312 -0.59 24.89 -21.39
N SER A 313 -1.34 23.81 -21.62
CA SER A 313 -1.03 22.83 -22.65
C SER A 313 -0.95 23.46 -24.04
N LYS A 314 -1.92 24.31 -24.37
CA LYS A 314 -1.96 24.95 -25.69
C LYS A 314 -0.69 25.77 -25.90
N LYS A 315 -0.27 26.48 -24.84
CA LYS A 315 0.97 27.26 -24.87
C LYS A 315 2.22 26.37 -24.96
N LEU A 316 2.25 25.25 -24.23
CA LEU A 316 3.39 24.33 -24.32
C LEU A 316 3.52 23.67 -25.69
N LEU A 317 2.38 23.35 -26.31
CA LEU A 317 2.38 22.65 -27.59
C LEU A 317 2.74 23.57 -28.76
N GLY A 318 2.28 24.82 -28.72
CA GLY A 318 2.79 25.88 -29.60
C GLY A 318 2.26 25.93 -31.02
N PHE A 319 1.16 25.23 -31.27
CA PHE A 319 0.52 25.26 -32.59
C PHE A 319 -0.99 25.30 -32.41
N LYS A 320 -1.69 25.74 -33.45
CA LYS A 320 -3.14 25.87 -33.36
C LYS A 320 -3.87 24.63 -33.86
N PHE A 321 -5.01 24.35 -33.24
CA PHE A 321 -5.77 23.11 -33.51
C PHE A 321 -6.85 23.34 -34.55
N ARG A 322 -7.17 22.28 -35.29
CA ARG A 322 -8.30 22.29 -36.21
C ARG A 322 -9.60 22.50 -35.45
N ASN A 323 -10.54 23.23 -36.03
CA ASN A 323 -11.85 23.40 -35.41
C ASN A 323 -12.75 22.17 -35.66
N LEU A 324 -13.95 22.19 -35.10
CA LEU A 324 -14.86 21.05 -35.16
C LEU A 324 -15.30 20.77 -36.60
N LYS A 325 -15.58 21.85 -37.33
CA LYS A 325 -16.02 21.75 -38.72
C LYS A 325 -15.00 20.97 -39.53
N GLU A 326 -13.73 21.32 -39.39
CA GLU A 326 -12.66 20.70 -40.15
C GLU A 326 -12.51 19.22 -39.81
N THR A 327 -12.46 18.91 -38.51
CA THR A 327 -12.28 17.52 -38.10
C THR A 327 -13.49 16.63 -38.43
N ILE A 328 -14.70 17.16 -38.29
CA ILE A 328 -15.92 16.42 -38.61
C ILE A 328 -16.07 16.23 -40.11
N ASP A 329 -15.75 17.26 -40.88
CA ASP A 329 -15.79 17.17 -42.34
C ASP A 329 -14.87 16.08 -42.84
N ASP A 330 -13.64 16.04 -42.33
CA ASP A 330 -12.66 15.06 -42.78
C ASP A 330 -13.08 13.62 -42.43
N THR A 331 -13.62 13.43 -41.23
CA THR A 331 -14.14 12.13 -40.80
C THR A 331 -15.30 11.71 -41.70
N ALA A 332 -16.33 12.56 -41.78
CA ALA A 332 -17.55 12.26 -42.53
C ALA A 332 -17.30 12.03 -44.02
N SER A 333 -16.48 12.88 -44.63
CA SER A 333 -16.26 12.76 -46.07
C SER A 333 -15.54 11.46 -46.42
N GLN A 334 -14.54 11.10 -45.61
CA GLN A 334 -13.80 9.86 -45.79
C GLN A 334 -14.72 8.64 -45.70
N ILE A 335 -15.64 8.67 -44.75
CA ILE A 335 -16.65 7.63 -44.60
C ILE A 335 -17.60 7.57 -45.80
N LEU A 336 -18.07 8.73 -46.26
CA LEU A 336 -18.96 8.79 -47.42
C LEU A 336 -18.27 8.28 -48.68
N LYS A 337 -16.95 8.42 -48.73
CA LYS A 337 -16.16 7.84 -49.84
C LYS A 337 -16.17 6.31 -49.80
N PHE A 338 -16.22 5.73 -48.60
CA PHE A 338 -16.29 4.27 -48.42
C PHE A 338 -17.72 3.73 -48.67
N GLU A 339 -18.72 4.55 -48.35
CA GLU A 339 -20.10 4.19 -48.59
C GLU A 339 -20.51 4.45 -50.05
N GLY A 340 -19.71 5.24 -50.76
CA GLY A 340 -19.98 5.60 -52.14
C GLY A 340 -21.12 6.59 -52.28
N ARG A 341 -21.07 7.67 -51.49
CA ARG A 341 -22.12 8.70 -51.49
C ARG A 341 -21.60 10.06 -51.92
N ILE A 342 -20.31 10.29 -51.67
CA ILE A 342 -19.61 11.56 -51.95
C ILE A 342 -20.36 12.84 -51.51
N MET B 1 27.37 31.50 4.81
CA MET B 1 26.88 31.69 3.41
C MET B 1 25.35 31.75 3.32
N SER B 2 24.68 30.97 4.16
CA SER B 2 23.28 30.62 3.93
C SER B 2 22.26 31.11 4.94
N VAL B 3 21.01 31.23 4.48
CA VAL B 3 19.86 31.52 5.33
C VAL B 3 18.96 30.28 5.35
N PHE B 4 18.67 29.77 6.53
CA PHE B 4 17.79 28.62 6.65
C PHE B 4 16.37 29.06 6.96
N VAL B 5 15.41 28.52 6.23
CA VAL B 5 13.99 28.87 6.40
C VAL B 5 13.15 27.60 6.63
N SER B 6 12.61 27.45 7.83
CA SER B 6 11.76 26.31 8.13
C SER B 6 10.35 26.54 7.59
N GLY B 7 9.72 25.46 7.13
CA GLY B 7 8.37 25.53 6.55
C GLY B 7 8.35 26.38 5.29
N ALA B 8 9.34 26.18 4.44
CA ALA B 8 9.60 27.08 3.30
C ALA B 8 8.47 27.16 2.27
N ASN B 9 7.60 26.13 2.24
CA ASN B 9 6.47 26.09 1.32
C ASN B 9 5.20 26.76 1.86
N GLY B 10 5.26 27.27 3.09
CA GLY B 10 4.11 27.94 3.68
C GLY B 10 3.78 29.25 2.98
N PHE B 11 2.58 29.75 3.23
CA PHE B 11 2.08 30.97 2.59
C PHE B 11 3.01 32.18 2.74
N ILE B 12 3.37 32.50 3.97
CA ILE B 12 4.32 33.59 4.24
C ILE B 12 5.74 33.25 3.79
N ALA B 13 6.22 32.06 4.17
CA ALA B 13 7.58 31.63 3.92
C ALA B 13 7.99 31.65 2.44
N GLN B 14 7.06 31.36 1.54
CA GLN B 14 7.38 31.42 0.10
C GLN B 14 7.73 32.85 -0.33
N HIS B 15 7.08 33.83 0.30
CA HIS B 15 7.39 35.22 0.02
C HIS B 15 8.74 35.63 0.62
N ILE B 16 9.11 34.98 1.72
CA ILE B 16 10.41 35.20 2.34
C ILE B 16 11.51 34.68 1.42
N VAL B 17 11.33 33.44 0.95
CA VAL B 17 12.28 32.82 0.02
C VAL B 17 12.49 33.70 -1.20
N ASP B 18 11.39 34.24 -1.72
CA ASP B 18 11.43 35.05 -2.93
C ASP B 18 12.29 36.29 -2.72
N LEU B 19 12.04 37.00 -1.64
CA LEU B 19 12.81 38.18 -1.26
C LEU B 19 14.29 37.87 -0.97
N LEU B 20 14.54 36.85 -0.16
CA LEU B 20 15.89 36.38 0.10
C LEU B 20 16.66 36.11 -1.19
N LEU B 21 16.02 35.41 -2.12
CA LEU B 21 16.67 35.07 -3.38
C LEU B 21 16.94 36.30 -4.23
N LYS B 22 16.07 37.30 -4.11
CA LYS B 22 16.19 38.56 -4.85
C LYS B 22 17.32 39.45 -4.30
N GLU B 23 17.64 39.28 -3.01
CA GLU B 23 18.75 40.00 -2.40
C GLU B 23 20.04 39.16 -2.38
N ASP B 24 20.08 38.14 -3.24
CA ASP B 24 21.26 37.29 -3.45
C ASP B 24 21.76 36.44 -2.29
N TYR B 25 20.88 36.16 -1.33
CA TYR B 25 21.19 35.19 -0.29
C TYR B 25 21.17 33.78 -0.85
N LYS B 26 22.01 32.93 -0.27
CA LYS B 26 21.92 31.50 -0.46
C LYS B 26 20.90 31.06 0.59
N VAL B 27 19.93 30.25 0.15
CA VAL B 27 18.77 29.89 0.96
C VAL B 27 18.61 28.37 1.03
N ILE B 28 18.39 27.85 2.25
CA ILE B 28 18.07 26.45 2.46
C ILE B 28 16.70 26.40 3.15
N GLY B 29 15.77 25.65 2.56
CA GLY B 29 14.45 25.50 3.15
C GLY B 29 14.17 24.09 3.69
N SER B 30 13.11 23.98 4.48
CA SER B 30 12.59 22.68 4.90
C SER B 30 11.13 22.55 4.50
N ALA B 31 10.77 21.37 4.03
CA ALA B 31 9.37 21.03 3.76
C ALA B 31 9.11 19.62 4.27
N ARG B 32 7.84 19.29 4.47
CA ARG B 32 7.44 18.04 5.11
C ARG B 32 7.65 16.80 4.26
N SER B 33 7.81 16.97 2.96
CA SER B 33 8.01 15.84 2.07
C SER B 33 8.92 16.19 0.92
N GLN B 34 9.46 15.16 0.28
CA GLN B 34 10.27 15.31 -0.91
C GLN B 34 9.45 15.93 -2.06
N GLU B 35 8.19 15.52 -2.20
CA GLU B 35 7.31 16.09 -3.22
C GLU B 35 7.15 17.60 -3.00
N LYS B 36 6.88 18.00 -1.75
CA LYS B 36 6.77 19.41 -1.42
C LYS B 36 8.09 20.16 -1.65
N ALA B 37 9.22 19.49 -1.39
CA ALA B 37 10.54 20.06 -1.63
C ALA B 37 10.85 20.28 -3.11
N GLU B 38 10.58 19.26 -3.92
CA GLU B 38 10.83 19.34 -5.37
C GLU B 38 9.92 20.34 -6.07
N ASN B 39 8.66 20.42 -5.61
CA ASN B 39 7.71 21.36 -6.20
C ASN B 39 8.10 22.80 -5.92
N LEU B 40 8.67 23.03 -4.75
CA LEU B 40 9.08 24.37 -4.34
C LEU B 40 10.32 24.84 -5.10
N THR B 41 11.35 23.98 -5.19
CA THR B 41 12.54 24.30 -5.97
C THR B 41 12.21 24.48 -7.44
N GLU B 42 11.32 23.64 -7.96
CA GLU B 42 10.89 23.76 -9.36
C GLU B 42 10.22 25.12 -9.61
N ALA B 43 9.30 25.50 -8.73
CA ALA B 43 8.59 26.77 -8.83
C ALA B 43 9.51 28.00 -8.82
N PHE B 44 10.66 27.86 -8.14
CA PHE B 44 11.64 28.95 -8.10
C PHE B 44 12.67 28.89 -9.23
N GLY B 45 12.41 28.02 -10.21
CA GLY B 45 13.23 27.95 -11.41
C GLY B 45 14.54 27.23 -11.18
N ASN B 46 14.54 26.29 -10.23
CA ASN B 46 15.73 25.49 -9.89
C ASN B 46 16.96 26.37 -9.66
N ASN B 47 16.73 27.49 -8.98
CA ASN B 47 17.75 28.46 -8.64
C ASN B 47 18.88 27.77 -7.86
N PRO B 48 20.13 27.81 -8.39
CA PRO B 48 21.29 27.18 -7.74
C PRO B 48 21.57 27.66 -6.31
N LYS B 49 21.07 28.84 -5.95
CA LYS B 49 21.24 29.36 -4.59
C LYS B 49 20.21 28.84 -3.58
N PHE B 50 19.32 27.97 -4.04
CA PHE B 50 18.19 27.48 -3.25
C PHE B 50 18.20 25.96 -3.17
N SER B 51 18.22 25.44 -1.95
CA SER B 51 18.18 24.00 -1.74
C SER B 51 17.14 23.66 -0.68
N MET B 52 16.65 22.42 -0.71
CA MET B 52 15.59 22.01 0.22
C MET B 52 15.95 20.76 1.00
N GLU B 53 15.54 20.73 2.26
CA GLU B 53 15.64 19.54 3.10
C GLU B 53 14.25 19.09 3.52
N VAL B 54 14.14 17.81 3.86
CA VAL B 54 12.88 17.23 4.29
C VAL B 54 12.91 17.13 5.82
N VAL B 55 11.99 17.85 6.46
CA VAL B 55 11.79 17.76 7.90
C VAL B 55 10.30 17.44 8.09
N PRO B 56 9.99 16.17 8.38
CA PRO B 56 8.58 15.81 8.30
C PRO B 56 7.69 16.40 9.41
N ASP B 57 8.25 16.64 10.60
CA ASP B 57 7.42 16.92 11.77
C ASP B 57 8.18 17.71 12.84
N ILE B 58 7.78 18.97 13.03
CA ILE B 58 8.40 19.84 14.05
C ILE B 58 8.02 19.42 15.48
N SER B 59 7.04 18.53 15.58
CA SER B 59 6.67 17.88 16.84
C SER B 59 7.85 17.10 17.46
N LYS B 60 8.75 16.64 16.59
CA LYS B 60 10.00 15.96 16.97
C LYS B 60 11.07 16.95 17.42
N LEU B 61 11.55 16.82 18.66
CA LEU B 61 12.54 17.76 19.18
C LEU B 61 13.90 17.72 18.44
N ASP B 62 14.18 16.61 17.78
CA ASP B 62 15.39 16.46 17.01
C ASP B 62 15.12 16.61 15.52
N ALA B 63 13.98 17.23 15.19
CA ALA B 63 13.53 17.43 13.81
C ALA B 63 14.61 18.06 12.92
N PHE B 64 15.32 19.04 13.47
CA PHE B 64 16.23 19.83 12.66
C PHE B 64 17.70 19.42 12.84
N ASP B 65 17.95 18.38 13.64
CA ASP B 65 19.32 17.93 13.92
C ASP B 65 20.12 17.68 12.65
N HIS B 66 19.55 16.91 11.73
CA HIS B 66 20.24 16.57 10.49
C HIS B 66 20.64 17.80 9.65
N VAL B 67 19.74 18.77 9.50
CA VAL B 67 20.02 19.94 8.66
C VAL B 67 21.22 20.76 9.19
N PHE B 68 21.26 20.99 10.50
CA PHE B 68 22.35 21.73 11.10
C PHE B 68 23.59 20.87 11.27
N GLN B 69 23.39 19.55 11.27
CA GLN B 69 24.49 18.61 11.27
C GLN B 69 25.35 18.79 10.01
N LYS B 70 24.70 18.83 8.84
CA LYS B 70 25.48 18.93 7.60
C LYS B 70 25.65 20.33 7.01
N HIS B 71 24.84 21.29 7.48
CA HIS B 71 24.92 22.66 6.96
C HIS B 71 25.17 23.72 8.04
N GLY B 72 25.29 23.28 9.29
CA GLY B 72 25.42 24.20 10.43
C GLY B 72 26.46 25.29 10.29
N LYS B 73 27.62 24.92 9.77
CA LYS B 73 28.74 25.85 9.54
C LYS B 73 28.41 26.92 8.50
N ASP B 74 27.57 26.57 7.53
CA ASP B 74 27.23 27.46 6.41
C ASP B 74 26.01 28.35 6.69
N ILE B 75 25.18 27.94 7.64
CA ILE B 75 24.00 28.71 7.99
C ILE B 75 24.36 29.83 8.95
N LYS B 76 24.17 31.07 8.52
CA LYS B 76 24.42 32.20 9.40
C LYS B 76 23.13 32.84 9.92
N ILE B 77 22.01 32.54 9.26
CA ILE B 77 20.72 33.11 9.61
C ILE B 77 19.64 32.04 9.66
N VAL B 78 18.85 32.04 10.73
CA VAL B 78 17.73 31.11 10.85
C VAL B 78 16.40 31.85 10.97
N LEU B 79 15.52 31.61 10.00
CA LEU B 79 14.16 32.14 10.06
C LEU B 79 13.18 31.01 10.36
N HIS B 80 12.71 30.95 11.61
CA HIS B 80 11.79 29.87 12.00
C HIS B 80 10.33 30.29 11.86
N THR B 81 9.71 29.83 10.78
CA THR B 81 8.36 30.23 10.41
C THR B 81 7.36 29.08 10.54
N ALA B 82 7.84 27.85 10.54
CA ALA B 82 6.95 26.69 10.60
C ALA B 82 6.25 26.62 11.95
N SER B 83 4.93 26.52 11.91
CA SER B 83 4.11 26.33 13.10
C SER B 83 2.72 25.93 12.61
N PRO B 84 2.04 25.01 13.32
CA PRO B 84 0.70 24.61 12.83
C PRO B 84 -0.31 25.76 12.92
N PHE B 85 -1.01 26.02 11.82
CA PHE B 85 -2.01 27.08 11.72
C PHE B 85 -3.20 26.56 10.90
N CYS B 86 -3.60 25.34 11.23
CA CYS B 86 -4.76 24.67 10.67
C CYS B 86 -5.68 24.37 11.84
N PHE B 87 -6.99 24.29 11.60
CA PHE B 87 -7.95 24.09 12.70
C PHE B 87 -8.84 22.86 12.63
N ASP B 88 -8.53 21.92 11.74
CA ASP B 88 -9.22 20.63 11.78
C ASP B 88 -8.32 19.58 12.44
N ILE B 89 -8.51 19.48 13.75
CA ILE B 89 -7.58 18.81 14.66
C ILE B 89 -8.36 17.99 15.69
N THR B 90 -7.72 16.97 16.23
CA THR B 90 -8.35 16.16 17.27
C THR B 90 -8.13 16.77 18.66
N ASP B 91 -6.88 17.14 18.95
CA ASP B 91 -6.53 17.64 20.29
C ASP B 91 -5.65 18.88 20.22
N SER B 92 -6.14 19.96 20.84
CA SER B 92 -5.43 21.25 20.87
C SER B 92 -3.98 21.14 21.36
N GLU B 93 -3.77 20.41 22.44
CA GLU B 93 -2.43 20.27 23.03
C GLU B 93 -1.53 19.47 22.11
N ARG B 94 -2.09 18.42 21.51
CA ARG B 94 -1.33 17.50 20.67
C ARG B 94 -1.04 18.11 19.29
N ASP B 95 -2.03 18.79 18.72
CA ASP B 95 -1.95 19.25 17.33
C ASP B 95 -1.50 20.69 17.17
N LEU B 96 -1.63 21.49 18.22
CA LEU B 96 -1.22 22.88 18.12
C LEU B 96 -0.11 23.27 19.09
N LEU B 97 -0.34 23.04 20.39
CA LEU B 97 0.58 23.47 21.43
C LEU B 97 1.95 22.79 21.34
N ILE B 98 1.97 21.46 21.42
CA ILE B 98 3.20 20.67 21.36
C ILE B 98 4.05 20.89 20.08
N PRO B 99 3.43 20.79 18.87
CA PRO B 99 4.21 21.08 17.66
C PRO B 99 4.75 22.50 17.59
N ALA B 100 3.94 23.50 17.97
CA ALA B 100 4.42 24.87 18.02
C ALA B 100 5.63 25.01 18.95
N VAL B 101 5.52 24.42 20.15
CA VAL B 101 6.54 24.57 21.18
C VAL B 101 7.80 23.72 20.88
N ASN B 102 7.59 22.47 20.51
CA ASN B 102 8.70 21.58 20.15
C ASN B 102 9.38 22.01 18.86
N GLY B 103 8.67 22.74 18.02
CA GLY B 103 9.27 23.33 16.83
C GLY B 103 10.38 24.29 17.23
N VAL B 104 10.05 25.16 18.17
CA VAL B 104 10.95 26.20 18.67
C VAL B 104 12.09 25.60 19.50
N LYS B 105 11.73 24.81 20.50
CA LYS B 105 12.72 24.13 21.34
C LYS B 105 13.67 23.26 20.52
N GLY B 106 13.11 22.51 19.57
CA GLY B 106 13.89 21.63 18.72
C GLY B 106 14.93 22.31 17.85
N ILE B 107 14.52 23.40 17.19
CA ILE B 107 15.43 24.08 16.26
C ILE B 107 16.55 24.84 16.97
N LEU B 108 16.20 25.45 18.10
CA LEU B 108 17.16 26.23 18.89
C LEU B 108 18.19 25.32 19.56
N HIS B 109 17.73 24.16 20.03
CA HIS B 109 18.60 23.11 20.57
C HIS B 109 19.55 22.61 19.47
N SER B 110 19.02 22.41 18.26
CA SER B 110 19.83 21.97 17.12
C SER B 110 20.91 22.98 16.75
N ILE B 111 20.55 24.26 16.82
CA ILE B 111 21.50 25.36 16.61
C ILE B 111 22.62 25.24 17.64
N LYS B 112 22.23 25.24 18.91
CA LYS B 112 23.14 25.08 20.04
C LYS B 112 24.07 23.88 19.90
N LYS B 113 23.54 22.76 19.43
CA LYS B 113 24.30 21.51 19.33
C LYS B 113 25.25 21.48 18.14
N TYR B 114 24.84 22.03 17.00
CA TYR B 114 25.58 21.85 15.76
C TYR B 114 26.02 23.14 15.06
N ALA B 115 25.66 24.29 15.62
CA ALA B 115 25.87 25.57 14.94
C ALA B 115 25.90 26.76 15.91
N ALA B 116 26.31 26.50 17.15
CA ALA B 116 26.30 27.50 18.22
C ALA B 116 27.05 28.80 17.91
N ASP B 117 28.06 28.70 17.06
CA ASP B 117 28.97 29.82 16.78
C ASP B 117 28.88 30.36 15.36
N SER B 118 28.03 29.75 14.54
CA SER B 118 27.87 30.17 13.14
C SER B 118 26.59 30.97 12.92
N VAL B 119 25.56 30.62 13.67
CA VAL B 119 24.28 31.32 13.57
C VAL B 119 24.38 32.65 14.30
N GLU B 120 24.24 33.73 13.54
CA GLU B 120 24.34 35.08 14.05
C GLU B 120 22.97 35.60 14.46
N ARG B 121 21.94 35.24 13.69
CA ARG B 121 20.59 35.74 13.92
C ARG B 121 19.49 34.69 13.73
N VAL B 122 18.61 34.61 14.72
CA VAL B 122 17.41 33.80 14.62
C VAL B 122 16.21 34.74 14.64
N VAL B 123 15.35 34.60 13.65
CA VAL B 123 14.06 35.25 13.74
C VAL B 123 12.89 34.27 13.82
N LEU B 124 11.99 34.58 14.75
CA LEU B 124 10.85 33.73 15.00
C LEU B 124 9.60 34.36 14.46
N THR B 125 8.87 33.59 13.66
CA THR B 125 7.56 34.03 13.22
C THR B 125 6.60 33.72 14.35
N SER B 126 6.26 34.77 15.09
CA SER B 126 5.29 34.65 16.14
C SER B 126 3.97 35.17 15.59
N SER B 127 3.22 35.87 16.42
CA SER B 127 1.94 36.43 16.01
C SER B 127 1.47 37.46 17.02
N TYR B 128 0.61 38.36 16.55
CA TYR B 128 -0.12 39.25 17.43
C TYR B 128 -1.03 38.47 18.40
N ALA B 129 -1.35 37.23 18.05
CA ALA B 129 -2.01 36.31 18.97
C ALA B 129 -1.22 36.04 20.25
N ALA B 130 0.08 36.27 20.21
CA ALA B 130 0.94 36.15 21.39
C ALA B 130 0.94 37.44 22.20
N VAL B 131 0.34 38.49 21.63
CA VAL B 131 0.39 39.85 22.18
C VAL B 131 -0.94 40.26 22.80
N PHE B 132 -2.03 40.08 22.05
CA PHE B 132 -3.34 40.61 22.41
C PHE B 132 -4.08 39.82 23.52
N ASP B 133 -5.23 40.34 23.90
CA ASP B 133 -6.13 39.69 24.85
C ASP B 133 -7.52 39.70 24.23
N MET B 134 -7.92 38.59 23.60
CA MET B 134 -9.12 38.58 22.74
C MET B 134 -10.43 38.92 23.43
N ALA B 135 -10.62 38.42 24.66
CA ALA B 135 -11.83 38.69 25.43
C ALA B 135 -12.03 40.19 25.68
N LYS B 136 -10.94 40.96 25.59
CA LYS B 136 -10.98 42.37 25.92
C LYS B 136 -10.56 43.33 24.82
N GLU B 137 -10.30 42.82 23.61
CA GLU B 137 -9.86 43.67 22.50
C GLU B 137 -10.99 44.54 21.91
N ASN B 138 -12.23 44.26 22.33
CA ASN B 138 -13.39 45.06 21.96
C ASN B 138 -13.48 46.38 22.73
N ASP B 139 -12.88 46.41 23.92
CA ASP B 139 -12.91 47.59 24.80
C ASP B 139 -12.05 48.72 24.25
N LYS B 140 -12.70 49.83 23.90
CA LYS B 140 -12.05 50.94 23.17
C LYS B 140 -10.98 51.72 23.95
N SER B 141 -10.99 51.57 25.27
CA SER B 141 -10.07 52.33 26.15
C SER B 141 -8.67 51.71 26.23
N LEU B 142 -8.62 50.38 26.30
CA LEU B 142 -7.37 49.64 26.51
C LEU B 142 -6.45 49.69 25.30
N THR B 143 -5.14 49.62 25.56
CA THR B 143 -4.14 49.68 24.50
C THR B 143 -3.16 48.51 24.58
N PHE B 144 -2.95 47.83 23.46
CA PHE B 144 -1.94 46.78 23.35
C PHE B 144 -0.74 47.26 22.56
N ASN B 145 0.43 46.71 22.87
CA ASN B 145 1.67 47.03 22.16
C ASN B 145 2.71 45.91 22.30
N GLU B 146 3.93 46.19 21.84
CA GLU B 146 5.03 45.23 21.82
C GLU B 146 5.29 44.51 23.14
N GLU B 147 4.89 45.14 24.24
CA GLU B 147 5.18 44.63 25.58
C GLU B 147 4.01 43.83 26.14
N SER B 148 2.86 43.93 25.48
CA SER B 148 1.66 43.19 25.89
C SER B 148 1.82 41.70 25.58
N TRP B 149 1.54 40.85 26.56
CA TRP B 149 1.51 39.41 26.33
C TRP B 149 0.11 38.86 26.46
N ASN B 150 -0.23 37.92 25.59
CA ASN B 150 -1.42 37.11 25.76
C ASN B 150 -1.42 36.58 27.19
N PRO B 151 -2.51 36.84 27.94
CA PRO B 151 -2.55 36.45 29.35
C PRO B 151 -2.78 34.96 29.58
N ALA B 152 -3.29 34.25 28.58
CA ALA B 152 -3.71 32.86 28.70
C ALA B 152 -2.58 31.90 29.13
N THR B 153 -2.95 30.87 29.90
CA THR B 153 -2.00 29.85 30.34
C THR B 153 -2.03 28.64 29.42
N TRP B 154 -1.14 27.69 29.69
CA TRP B 154 -1.09 26.43 28.96
C TRP B 154 -2.43 25.70 29.03
N GLU B 155 -3.18 25.95 30.10
CA GLU B 155 -4.46 25.29 30.34
C GLU B 155 -5.66 26.10 29.86
N SER B 156 -5.69 27.39 30.19
CA SER B 156 -6.81 28.27 29.84
C SER B 156 -7.03 28.36 28.32
N CYS B 157 -5.94 28.33 27.56
CA CYS B 157 -6.02 28.44 26.10
C CYS B 157 -6.64 27.21 25.42
N GLN B 158 -6.74 26.10 26.14
CA GLN B 158 -7.25 24.85 25.56
C GLN B 158 -8.78 24.73 25.56
N SER B 159 -9.47 25.82 25.88
CA SER B 159 -10.93 25.84 25.89
C SER B 159 -11.51 25.54 24.50
N ASP B 160 -10.89 26.09 23.47
CA ASP B 160 -11.27 25.84 22.08
C ASP B 160 -10.06 25.98 21.14
N PRO B 161 -10.11 25.33 19.96
CA PRO B 161 -8.96 25.35 19.03
C PRO B 161 -8.49 26.73 18.59
N VAL B 162 -9.40 27.67 18.36
CA VAL B 162 -8.99 29.03 17.98
C VAL B 162 -8.16 29.65 19.10
N ASN B 163 -8.64 29.51 20.34
CA ASN B 163 -7.93 29.95 21.52
C ASN B 163 -6.63 29.17 21.72
N ALA B 164 -6.63 27.92 21.29
CA ALA B 164 -5.48 27.03 21.46
C ALA B 164 -4.33 27.39 20.51
N TYR B 165 -4.67 27.74 19.27
CA TYR B 165 -3.67 28.25 18.34
C TYR B 165 -3.01 29.50 18.89
N CYS B 166 -3.82 30.43 19.43
CA CYS B 166 -3.30 31.66 20.00
C CYS B 166 -2.32 31.36 21.12
N GLY B 167 -2.70 30.45 22.01
CA GLY B 167 -1.84 29.98 23.07
C GLY B 167 -0.58 29.34 22.54
N SER B 168 -0.69 28.65 21.40
CA SER B 168 0.46 27.96 20.83
C SER B 168 1.53 28.97 20.41
N LYS B 169 1.12 30.07 19.79
CA LYS B 169 2.04 31.13 19.38
C LYS B 169 2.69 31.80 20.57
N LYS B 170 1.91 32.08 21.61
CA LYS B 170 2.43 32.66 22.85
C LYS B 170 3.50 31.77 23.46
N PHE B 171 3.18 30.50 23.65
CA PHE B 171 4.11 29.60 24.33
C PHE B 171 5.33 29.24 23.48
N ALA B 172 5.15 29.19 22.17
CA ALA B 172 6.29 29.02 21.26
C ALA B 172 7.26 30.19 21.39
N GLU B 173 6.74 31.42 21.37
CA GLU B 173 7.59 32.60 21.49
C GLU B 173 8.23 32.67 22.86
N LYS B 174 7.42 32.45 23.90
CA LYS B 174 7.90 32.44 25.27
C LYS B 174 9.06 31.44 25.38
N ALA B 175 8.87 30.24 24.83
CA ALA B 175 9.93 29.23 24.80
C ALA B 175 11.18 29.69 24.04
N ALA B 176 11.02 30.57 23.04
CA ALA B 176 12.17 31.09 22.32
C ALA B 176 12.97 32.06 23.20
N TRP B 177 12.27 32.95 23.89
CA TRP B 177 12.92 33.88 24.82
C TRP B 177 13.59 33.13 25.97
N GLU B 178 12.88 32.17 26.55
CA GLU B 178 13.43 31.35 27.64
C GLU B 178 14.70 30.61 27.24
N PHE B 179 14.70 29.99 26.06
CA PHE B 179 15.89 29.29 25.58
C PHE B 179 17.10 30.23 25.52
N LEU B 180 16.91 31.40 24.91
CA LEU B 180 17.99 32.39 24.81
C LEU B 180 18.53 32.76 26.19
N GLU B 181 17.64 32.86 27.18
CA GLU B 181 18.02 33.17 28.56
C GLU B 181 18.87 32.08 29.20
N GLU B 182 18.38 30.84 29.11
CA GLU B 182 19.01 29.67 29.75
C GLU B 182 20.29 29.24 29.04
N ASN B 183 20.56 29.87 27.89
CA ASN B 183 21.65 29.44 27.03
C ASN B 183 22.50 30.59 26.49
N ARG B 184 22.37 31.77 27.10
CA ARG B 184 22.98 32.97 26.52
C ARG B 184 24.51 32.94 26.43
N ASP B 185 25.13 32.04 27.18
CA ASP B 185 26.55 31.81 27.09
C ASP B 185 26.86 30.72 26.05
N SER B 186 25.89 29.84 25.83
CA SER B 186 26.07 28.65 24.97
C SER B 186 25.80 28.91 23.48
N VAL B 187 25.17 30.04 23.16
CA VAL B 187 24.93 30.42 21.77
C VAL B 187 25.31 31.88 21.51
N LYS B 188 25.65 32.20 20.27
CA LYS B 188 26.02 33.56 19.89
C LYS B 188 24.86 34.39 19.35
N PHE B 189 23.83 33.72 18.83
CA PHE B 189 22.77 34.41 18.10
C PHE B 189 21.95 35.40 18.92
N GLU B 190 21.42 36.42 18.23
CA GLU B 190 20.43 37.30 18.81
C GLU B 190 19.07 36.88 18.29
N LEU B 191 18.04 37.05 19.10
CA LEU B 191 16.70 36.65 18.72
C LEU B 191 15.83 37.84 18.42
N THR B 192 14.98 37.69 17.40
CA THR B 192 13.99 38.70 17.05
C THR B 192 12.70 37.97 16.76
N ALA B 193 11.61 38.46 17.32
CA ALA B 193 10.29 37.94 17.01
C ALA B 193 9.57 38.87 16.04
N VAL B 194 8.92 38.28 15.04
CA VAL B 194 8.03 39.00 14.13
C VAL B 194 6.60 38.63 14.53
N ASN B 195 5.76 39.62 14.77
CA ASN B 195 4.40 39.35 15.28
C ASN B 195 3.28 39.87 14.37
N PRO B 196 3.02 39.17 13.26
CA PRO B 196 2.02 39.65 12.32
C PRO B 196 0.60 39.46 12.83
N VAL B 197 -0.27 40.37 12.41
CA VAL B 197 -1.70 40.27 12.61
C VAL B 197 -2.24 39.39 11.48
N TYR B 198 -3.52 39.49 11.16
CA TYR B 198 -4.05 38.71 10.05
C TYR B 198 -3.30 39.04 8.78
N VAL B 199 -2.86 38.01 8.06
CA VAL B 199 -2.03 38.23 6.89
C VAL B 199 -2.79 37.91 5.62
N PHE B 200 -2.90 38.89 4.75
CA PHE B 200 -3.60 38.74 3.49
C PHE B 200 -2.60 38.92 2.37
N GLY B 201 -3.08 38.73 1.14
CA GLY B 201 -2.21 38.92 -0.02
C GLY B 201 -2.24 37.69 -0.89
N PRO B 202 -1.62 37.80 -2.08
CA PRO B 202 -1.56 36.73 -3.06
C PRO B 202 -0.61 35.62 -2.65
N GLN B 203 -0.94 34.41 -3.07
CA GLN B 203 -0.02 33.28 -2.96
C GLN B 203 1.10 33.54 -3.93
N MET B 204 2.32 33.22 -3.50
CA MET B 204 3.52 33.42 -4.28
C MET B 204 3.37 32.89 -5.71
N PHE B 205 2.74 31.72 -5.85
CA PHE B 205 2.51 31.09 -7.17
C PHE B 205 1.04 30.77 -7.42
N ASP B 206 0.56 31.10 -8.62
CA ASP B 206 -0.82 30.80 -8.99
C ASP B 206 -1.15 29.31 -8.87
N LYS B 207 -0.17 28.46 -9.13
CA LYS B 207 -0.28 27.01 -8.85
C LYS B 207 -0.93 26.67 -7.50
N ASP B 208 -0.73 27.52 -6.52
CA ASP B 208 -1.11 27.25 -5.14
C ASP B 208 -2.47 27.81 -4.75
N VAL B 209 -3.11 28.51 -5.69
CA VAL B 209 -4.47 28.96 -5.49
C VAL B 209 -5.39 27.75 -5.60
N LYS B 210 -6.13 27.49 -4.52
CA LYS B 210 -6.95 26.29 -4.42
C LYS B 210 -8.39 26.62 -4.01
N LYS B 211 -9.21 25.57 -3.96
CA LYS B 211 -10.58 25.64 -3.45
C LYS B 211 -10.58 26.20 -2.04
N HIS B 212 -9.66 25.73 -1.21
CA HIS B 212 -9.42 26.32 0.10
C HIS B 212 -7.95 26.73 0.24
N LEU B 213 -7.74 27.84 0.95
CA LEU B 213 -6.40 28.42 1.07
C LEU B 213 -5.85 28.28 2.49
N ASN B 214 -4.62 28.77 2.70
CA ASN B 214 -4.06 28.96 4.05
C ASN B 214 -5.07 29.71 4.91
N THR B 215 -5.16 29.38 6.20
CA THR B 215 -6.29 29.83 7.02
C THR B 215 -6.57 31.34 6.96
N SER B 216 -5.55 32.18 7.01
CA SER B 216 -5.76 33.65 6.95
C SER B 216 -6.37 34.16 5.64
N CYS B 217 -5.99 33.56 4.52
CA CYS B 217 -6.52 33.97 3.21
C CYS B 217 -7.86 33.31 2.87
N GLU B 218 -8.16 32.21 3.56
CA GLU B 218 -9.46 31.55 3.46
C GLU B 218 -10.57 32.49 3.95
N LEU B 219 -10.25 33.31 4.94
CA LEU B 219 -11.15 34.36 5.39
C LEU B 219 -11.68 35.19 4.21
N VAL B 220 -10.78 35.60 3.32
CA VAL B 220 -11.16 36.33 2.11
C VAL B 220 -11.82 35.39 1.11
N ASN B 221 -11.23 34.23 0.91
CA ASN B 221 -11.78 33.20 0.01
C ASN B 221 -13.21 32.77 0.35
N SER B 222 -13.50 32.58 1.64
CA SER B 222 -14.83 32.15 2.06
C SER B 222 -15.85 33.30 2.00
N LEU B 223 -15.40 34.50 2.34
CA LEU B 223 -16.24 35.69 2.23
C LEU B 223 -16.72 35.86 0.78
N MET B 224 -15.85 35.54 -0.16
CA MET B 224 -16.15 35.66 -1.60
C MET B 224 -17.12 34.60 -2.10
N HIS B 225 -17.20 33.47 -1.41
CA HIS B 225 -18.14 32.39 -1.76
C HIS B 225 -19.50 32.54 -1.06
N LEU B 226 -19.67 33.61 -0.28
CA LEU B 226 -20.95 33.90 0.35
C LEU B 226 -21.94 34.57 -0.60
N SER B 227 -23.18 34.12 -0.55
CA SER B 227 -24.30 34.73 -1.27
C SER B 227 -24.77 36.00 -0.54
N PRO B 228 -25.51 36.88 -1.23
CA PRO B 228 -25.97 38.15 -0.63
C PRO B 228 -26.82 38.00 0.63
N GLU B 229 -27.57 36.89 0.72
CA GLU B 229 -28.44 36.63 1.86
C GLU B 229 -27.75 35.90 3.01
N ASP B 230 -26.52 35.44 2.78
CA ASP B 230 -25.72 34.77 3.79
C ASP B 230 -25.25 35.74 4.88
N LYS B 231 -25.05 35.22 6.08
CA LYS B 231 -24.59 36.03 7.21
C LYS B 231 -23.10 36.31 7.14
N ILE B 232 -22.72 37.54 7.52
CA ILE B 232 -21.34 38.00 7.49
C ILE B 232 -20.66 37.71 8.83
N PRO B 233 -19.53 36.97 8.79
CA PRO B 233 -18.79 36.60 10.00
C PRO B 233 -18.32 37.81 10.77
N GLU B 234 -18.35 37.72 12.10
CA GLU B 234 -17.86 38.79 12.97
C GLU B 234 -16.39 38.57 13.29
N LEU B 235 -15.59 39.52 12.86
CA LEU B 235 -14.15 39.50 13.08
C LEU B 235 -13.64 40.93 13.10
N PHE B 236 -12.86 41.25 14.12
CA PHE B 236 -12.19 42.53 14.24
C PHE B 236 -10.71 42.27 14.48
N GLY B 237 -9.86 42.95 13.74
CA GLY B 237 -8.42 42.83 13.96
C GLY B 237 -7.56 43.71 13.07
N GLY B 238 -6.25 43.59 13.26
CA GLY B 238 -5.29 44.25 12.40
C GLY B 238 -5.06 43.42 11.16
N TYR B 239 -4.66 44.08 10.08
CA TYR B 239 -4.30 43.39 8.85
C TYR B 239 -2.91 43.82 8.38
N ILE B 240 -2.32 42.98 7.55
CA ILE B 240 -1.03 43.25 6.95
C ILE B 240 -0.91 42.38 5.71
N ASP B 241 -0.22 42.89 4.70
CA ASP B 241 0.01 42.15 3.47
C ASP B 241 1.19 41.21 3.61
N VAL B 242 1.09 40.05 2.97
CA VAL B 242 2.12 39.01 3.08
C VAL B 242 3.52 39.45 2.63
N ARG B 243 3.59 40.27 1.59
CA ARG B 243 4.87 40.76 1.07
C ARG B 243 5.54 41.69 2.08
N ASP B 244 4.74 42.46 2.81
CA ASP B 244 5.27 43.33 3.86
C ASP B 244 5.78 42.47 5.01
N VAL B 245 5.04 41.42 5.34
CA VAL B 245 5.43 40.46 6.36
C VAL B 245 6.76 39.80 6.00
N ALA B 246 6.88 39.35 4.75
CA ALA B 246 8.11 38.75 4.26
C ALA B 246 9.28 39.71 4.45
N LYS B 247 9.06 40.98 4.13
CA LYS B 247 10.09 42.00 4.20
C LYS B 247 10.44 42.33 5.65
N ALA B 248 9.43 42.38 6.52
CA ALA B 248 9.71 42.58 7.94
C ALA B 248 10.66 41.52 8.48
N HIS B 249 10.64 40.34 7.86
CA HIS B 249 11.49 39.22 8.28
C HIS B 249 12.95 39.44 7.93
N LEU B 250 13.20 40.08 6.79
CA LEU B 250 14.55 40.39 6.37
C LEU B 250 15.12 41.54 7.21
N VAL B 251 14.32 42.60 7.35
CA VAL B 251 14.65 43.73 8.24
C VAL B 251 14.92 43.24 9.68
N ALA B 252 14.20 42.20 10.09
CA ALA B 252 14.33 41.59 11.41
C ALA B 252 15.73 41.07 11.74
N PHE B 253 16.43 40.51 10.74
CA PHE B 253 17.79 40.02 10.97
C PHE B 253 18.90 40.89 10.38
N GLN B 254 18.54 41.81 9.48
CA GLN B 254 19.52 42.67 8.84
C GLN B 254 19.89 43.84 9.75
N LYS B 255 18.91 44.32 10.50
CA LYS B 255 19.09 45.48 11.35
C LYS B 255 19.55 45.12 12.74
N ARG B 256 20.40 45.99 13.29
CA ARG B 256 20.92 45.85 14.64
C ARG B 256 19.88 46.31 15.67
N GLU B 257 19.10 47.32 15.30
CA GLU B 257 18.12 47.91 16.21
C GLU B 257 16.97 46.95 16.54
N THR B 258 16.86 45.86 15.78
CA THR B 258 15.80 44.88 16.01
C THR B 258 16.24 43.72 16.92
N ILE B 259 17.44 43.80 17.49
CA ILE B 259 17.94 42.79 18.44
C ILE B 259 16.98 42.67 19.63
N GLY B 260 16.60 41.43 19.96
CA GLY B 260 15.79 41.14 21.13
C GLY B 260 14.45 41.82 21.16
N GLN B 261 13.93 42.15 19.99
CA GLN B 261 12.69 42.91 19.90
C GLN B 261 11.52 42.08 19.38
N ARG B 262 10.33 42.54 19.72
CA ARG B 262 9.08 41.99 19.19
C ARG B 262 8.50 43.03 18.23
N LEU B 263 8.34 42.63 16.97
CA LEU B 263 7.91 43.56 15.95
C LEU B 263 6.50 43.22 15.50
N ILE B 264 5.53 44.02 15.94
CA ILE B 264 4.16 43.83 15.48
C ILE B 264 4.03 44.39 14.07
N VAL B 265 3.83 43.51 13.11
CA VAL B 265 3.68 43.92 11.72
C VAL B 265 2.18 44.01 11.45
N SER B 266 1.70 45.25 11.46
CA SER B 266 0.28 45.54 11.31
C SER B 266 0.10 46.93 10.74
N GLU B 267 -0.74 47.07 9.73
CA GLU B 267 -0.96 48.38 9.13
C GLU B 267 -2.06 49.16 9.84
N ALA B 268 -3.22 48.53 10.04
CA ALA B 268 -4.38 49.17 10.65
C ALA B 268 -5.45 48.13 10.94
N ARG B 269 -6.57 48.58 11.52
CA ARG B 269 -7.70 47.70 11.83
C ARG B 269 -8.58 47.41 10.62
N PHE B 270 -9.26 46.27 10.65
CA PHE B 270 -10.28 45.91 9.65
C PHE B 270 -11.36 45.06 10.31
N THR B 271 -12.53 45.02 9.68
CA THR B 271 -13.53 43.99 9.93
C THR B 271 -13.95 43.48 8.55
N MET B 272 -14.72 42.40 8.52
CA MET B 272 -15.20 41.84 7.26
C MET B 272 -16.03 42.82 6.43
N GLN B 273 -16.66 43.80 7.09
CA GLN B 273 -17.41 44.86 6.39
C GLN B 273 -16.49 45.68 5.48
N ASP B 274 -15.32 46.05 6.00
CA ASP B 274 -14.29 46.75 5.22
C ASP B 274 -13.81 45.93 4.03
N VAL B 275 -13.80 44.61 4.21
CA VAL B 275 -13.36 43.72 3.15
C VAL B 275 -14.44 43.65 2.06
N LEU B 276 -15.71 43.57 2.47
CA LEU B 276 -16.84 43.58 1.52
C LEU B 276 -16.93 44.88 0.73
N ASP B 277 -16.68 46.01 1.41
CA ASP B 277 -16.71 47.31 0.75
C ASP B 277 -15.68 47.37 -0.37
N ILE B 278 -14.50 46.82 -0.13
CA ILE B 278 -13.47 46.77 -1.17
C ILE B 278 -13.89 45.82 -2.30
N LEU B 279 -14.35 44.62 -1.94
CA LEU B 279 -14.75 43.60 -2.91
C LEU B 279 -15.89 44.05 -3.82
N ASN B 280 -16.89 44.71 -3.24
CA ASN B 280 -18.03 45.20 -4.00
C ASN B 280 -17.66 46.31 -4.98
N GLU B 281 -16.71 47.14 -4.58
CA GLU B 281 -16.28 48.29 -5.38
C GLU B 281 -15.31 47.92 -6.50
N ASP B 282 -14.35 47.06 -6.21
CA ASP B 282 -13.24 46.78 -7.13
C ASP B 282 -13.49 45.62 -8.09
N PHE B 283 -14.56 44.86 -7.86
CA PHE B 283 -14.81 43.66 -8.64
C PHE B 283 -16.27 43.52 -9.06
N PRO B 284 -16.65 44.22 -10.15
CA PRO B 284 -18.04 44.20 -10.65
C PRO B 284 -18.61 42.80 -10.77
N VAL B 285 -17.74 41.82 -11.03
CA VAL B 285 -18.13 40.42 -11.16
C VAL B 285 -18.59 39.84 -9.81
N LEU B 286 -18.36 40.59 -8.74
CA LEU B 286 -18.75 40.17 -7.39
C LEU B 286 -19.94 40.93 -6.84
N LYS B 287 -20.12 42.19 -7.27
CA LYS B 287 -21.20 43.03 -6.76
C LYS B 287 -22.57 42.49 -7.12
N GLY B 288 -23.40 42.28 -6.10
CA GLY B 288 -24.72 41.69 -6.29
C GLY B 288 -24.72 40.18 -6.12
N ASN B 289 -23.52 39.60 -6.08
CA ASN B 289 -23.34 38.15 -5.93
C ASN B 289 -22.77 37.80 -4.55
N ILE B 290 -22.40 38.84 -3.81
CA ILE B 290 -21.94 38.69 -2.42
C ILE B 290 -22.72 39.64 -1.50
N PRO B 291 -22.65 39.43 -0.16
CA PRO B 291 -23.38 40.33 0.75
C PRO B 291 -22.84 41.75 0.77
N VAL B 292 -23.71 42.69 1.10
CA VAL B 292 -23.34 44.10 1.18
C VAL B 292 -23.06 44.51 2.62
N GLY B 293 -23.90 44.05 3.54
CA GLY B 293 -23.84 44.48 4.94
C GLY B 293 -24.19 45.95 5.06
N LYS B 294 -23.52 46.64 5.98
CA LYS B 294 -23.70 48.07 6.15
C LYS B 294 -22.41 48.80 5.75
N PRO B 295 -22.32 49.25 4.49
CA PRO B 295 -21.11 49.89 3.99
C PRO B 295 -20.68 51.09 4.83
N GLY B 296 -19.38 51.19 5.07
CA GLY B 296 -18.81 52.30 5.81
C GLY B 296 -18.80 52.13 7.31
N SER B 297 -19.45 51.07 7.80
CA SER B 297 -19.57 50.85 9.24
C SER B 297 -18.38 50.08 9.83
N GLY B 298 -17.48 49.59 8.97
CA GLY B 298 -16.29 48.85 9.41
C GLY B 298 -15.24 49.68 10.12
N ALA B 299 -14.09 49.06 10.37
CA ALA B 299 -13.02 49.66 11.18
C ALA B 299 -12.12 50.64 10.41
N THR B 300 -12.32 50.71 9.11
CA THR B 300 -11.57 51.62 8.25
C THR B 300 -12.13 53.05 8.28
N HIS B 301 -13.27 53.23 8.94
CA HIS B 301 -13.90 54.55 9.09
C HIS B 301 -14.19 54.86 10.56
N ASN B 302 -14.30 53.81 11.36
CA ASN B 302 -14.71 53.93 12.76
C ASN B 302 -13.71 53.25 13.69
N THR B 303 -13.67 53.68 14.95
CA THR B 303 -12.91 52.97 15.97
C THR B 303 -13.84 51.92 16.56
N LEU B 304 -13.49 50.65 16.39
CA LEU B 304 -14.38 49.55 16.77
C LEU B 304 -13.90 48.76 17.99
N GLY B 305 -12.66 49.00 18.41
CA GLY B 305 -12.09 48.27 19.54
C GLY B 305 -10.83 48.89 20.12
N ALA B 306 -10.07 48.07 20.84
CA ALA B 306 -8.85 48.49 21.52
C ALA B 306 -7.80 49.00 20.56
N THR B 307 -6.96 49.91 21.04
CA THR B 307 -5.89 50.50 20.25
C THR B 307 -4.69 49.56 20.13
N LEU B 308 -4.31 49.25 18.89
CA LEU B 308 -3.08 48.52 18.60
C LEU B 308 -1.97 49.55 18.36
N ASP B 309 -1.11 49.70 19.36
CA ASP B 309 -0.01 50.65 19.26
C ASP B 309 1.30 49.95 18.91
N ASN B 310 1.59 49.88 17.61
CA ASN B 310 2.86 49.34 17.14
C ASN B 310 3.77 50.43 16.56
N LYS B 311 3.55 51.67 17.00
CA LYS B 311 4.40 52.80 16.66
C LYS B 311 5.89 52.43 16.70
N LYS B 312 6.28 51.73 17.77
CA LYS B 312 7.65 51.30 17.98
C LYS B 312 8.15 50.39 16.86
N SER B 313 7.31 49.43 16.46
CA SER B 313 7.67 48.47 15.41
C SER B 313 7.78 49.10 14.03
N LYS B 314 6.80 49.93 13.67
CA LYS B 314 6.78 50.62 12.38
C LYS B 314 8.01 51.50 12.16
N LYS B 315 8.48 52.15 13.23
CA LYS B 315 9.69 52.97 13.17
C LYS B 315 10.94 52.11 12.99
N LEU B 316 10.97 50.95 13.67
CA LEU B 316 12.08 50.02 13.57
C LEU B 316 12.23 49.40 12.19
N LEU B 317 11.10 49.01 11.59
CA LEU B 317 11.09 48.38 10.27
C LEU B 317 11.38 49.41 9.17
N GLY B 318 10.82 50.60 9.31
CA GLY B 318 11.16 51.74 8.47
C GLY B 318 10.78 51.66 7.01
N PHE B 319 9.71 50.93 6.71
CA PHE B 319 9.13 50.94 5.38
C PHE B 319 7.61 51.02 5.48
N LYS B 320 6.95 51.49 4.42
CA LYS B 320 5.51 51.68 4.50
C LYS B 320 4.73 50.46 4.02
N PHE B 321 3.63 50.18 4.69
CA PHE B 321 2.82 49.00 4.39
C PHE B 321 1.70 49.30 3.41
N ARG B 322 1.31 48.29 2.66
CA ARG B 322 0.16 48.35 1.78
C ARG B 322 -1.12 48.54 2.58
N ASN B 323 -2.10 49.22 2.01
CA ASN B 323 -3.40 49.34 2.67
C ASN B 323 -4.32 48.17 2.38
N LEU B 324 -5.44 48.12 3.08
CA LEU B 324 -6.38 47.02 2.95
C LEU B 324 -6.82 46.82 1.51
N LYS B 325 -7.15 47.92 0.83
CA LYS B 325 -7.54 47.87 -0.58
C LYS B 325 -6.54 47.07 -1.41
N GLU B 326 -5.25 47.39 -1.28
CA GLU B 326 -4.19 46.72 -2.06
C GLU B 326 -4.11 45.22 -1.77
N THR B 327 -4.09 44.87 -0.49
CA THR B 327 -3.93 43.48 -0.12
C THR B 327 -5.16 42.63 -0.49
N ILE B 328 -6.35 43.18 -0.24
CA ILE B 328 -7.60 42.51 -0.61
C ILE B 328 -7.74 42.34 -2.12
N ASP B 329 -7.47 43.40 -2.88
CA ASP B 329 -7.47 43.34 -4.35
C ASP B 329 -6.58 42.21 -4.90
N ASP B 330 -5.35 42.13 -4.40
CA ASP B 330 -4.38 41.17 -4.92
C ASP B 330 -4.77 39.73 -4.56
N THR B 331 -5.41 39.56 -3.40
CA THR B 331 -5.89 38.26 -2.98
C THR B 331 -7.09 37.88 -3.84
N ALA B 332 -8.05 38.79 -3.94
CA ALA B 332 -9.29 38.56 -4.69
C ALA B 332 -9.10 38.35 -6.20
N SER B 333 -8.27 39.16 -6.85
CA SER B 333 -8.10 39.03 -8.29
C SER B 333 -7.42 37.72 -8.68
N GLN B 334 -6.42 37.32 -7.88
CA GLN B 334 -5.76 36.02 -8.04
C GLN B 334 -6.73 34.87 -7.91
N ILE B 335 -7.62 34.94 -6.91
CA ILE B 335 -8.65 33.92 -6.72
C ILE B 335 -9.62 33.86 -7.91
N LEU B 336 -10.04 35.02 -8.41
CA LEU B 336 -10.97 35.09 -9.54
C LEU B 336 -10.38 34.56 -10.85
N LYS B 337 -9.08 34.80 -11.03
CA LYS B 337 -8.32 34.28 -12.17
C LYS B 337 -8.38 32.75 -12.23
N PHE B 338 -8.18 32.11 -11.07
CA PHE B 338 -8.23 30.65 -10.93
C PHE B 338 -9.64 30.10 -11.16
N GLU B 339 -10.64 30.91 -10.80
CA GLU B 339 -12.04 30.55 -11.02
C GLU B 339 -12.49 30.86 -12.45
N GLY B 340 -11.68 31.64 -13.16
CA GLY B 340 -11.98 32.05 -14.54
C GLY B 340 -13.01 33.14 -14.68
N ARG B 341 -13.34 33.82 -13.58
CA ARG B 341 -14.33 34.89 -13.61
C ARG B 341 -13.69 36.20 -14.07
N ILE B 342 -12.41 36.37 -13.71
CA ILE B 342 -11.56 37.53 -14.08
C ILE B 342 -12.20 38.89 -13.78
N MET C 1 -10.40 -58.24 -18.49
CA MET C 1 -9.34 -57.23 -18.16
C MET C 1 -9.79 -56.32 -17.02
N SER C 2 -9.12 -56.44 -15.88
CA SER C 2 -9.43 -55.66 -14.68
C SER C 2 -8.33 -54.60 -14.43
N VAL C 3 -8.73 -53.44 -13.89
CA VAL C 3 -7.78 -52.39 -13.52
C VAL C 3 -7.78 -52.19 -12.01
N PHE C 4 -6.59 -52.16 -11.40
CA PHE C 4 -6.49 -52.02 -9.95
C PHE C 4 -5.99 -50.64 -9.53
N VAL C 5 -6.70 -50.03 -8.58
CA VAL C 5 -6.37 -48.68 -8.11
C VAL C 5 -6.24 -48.65 -6.59
N SER C 6 -5.01 -48.49 -6.09
CA SER C 6 -4.78 -48.36 -4.66
C SER C 6 -5.19 -46.96 -4.20
N GLY C 7 -5.53 -46.83 -2.92
CA GLY C 7 -5.97 -45.54 -2.38
C GLY C 7 -7.08 -44.92 -3.21
N ALA C 8 -8.05 -45.76 -3.59
CA ALA C 8 -9.09 -45.39 -4.56
C ALA C 8 -10.03 -44.33 -4.04
N ASN C 9 -9.99 -44.08 -2.73
CA ASN C 9 -10.78 -43.00 -2.16
C ASN C 9 -10.04 -41.67 -2.14
N GLY C 10 -8.82 -41.63 -2.67
CA GLY C 10 -8.04 -40.39 -2.74
C GLY C 10 -8.67 -39.32 -3.61
N PHE C 11 -8.24 -38.08 -3.39
CA PHE C 11 -8.70 -36.92 -4.15
C PHE C 11 -8.60 -37.13 -5.67
N ILE C 12 -7.39 -37.44 -6.16
CA ILE C 12 -7.18 -37.82 -7.57
C ILE C 12 -7.88 -39.12 -7.91
N ALA C 13 -7.72 -40.11 -7.02
CA ALA C 13 -8.11 -41.48 -7.29
C ALA C 13 -9.62 -41.67 -7.49
N GLN C 14 -10.43 -40.92 -6.75
CA GLN C 14 -11.86 -40.97 -6.99
C GLN C 14 -12.21 -40.58 -8.43
N HIS C 15 -11.53 -39.56 -8.98
CA HIS C 15 -11.74 -39.15 -10.37
C HIS C 15 -11.21 -40.17 -11.36
N ILE C 16 -10.09 -40.80 -11.03
CA ILE C 16 -9.58 -41.91 -11.83
C ILE C 16 -10.62 -43.04 -11.93
N VAL C 17 -11.16 -43.46 -10.80
CA VAL C 17 -12.18 -44.52 -10.78
C VAL C 17 -13.39 -44.10 -11.62
N ASP C 18 -13.77 -42.82 -11.53
CA ASP C 18 -14.86 -42.26 -12.34
C ASP C 18 -14.62 -42.47 -13.84
N LEU C 19 -13.44 -42.10 -14.31
CA LEU C 19 -13.13 -42.19 -15.73
C LEU C 19 -12.98 -43.61 -16.22
N LEU C 20 -12.38 -44.46 -15.38
CA LEU C 20 -12.24 -45.86 -15.74
C LEU C 20 -13.61 -46.50 -15.96
N LEU C 21 -14.54 -46.25 -15.04
CA LEU C 21 -15.89 -46.81 -15.17
C LEU C 21 -16.68 -46.29 -16.37
N LYS C 22 -16.51 -45.00 -16.69
CA LYS C 22 -17.17 -44.42 -17.86
C LYS C 22 -16.65 -45.06 -19.15
N GLU C 23 -15.38 -45.47 -19.13
CA GLU C 23 -14.75 -46.16 -20.26
C GLU C 23 -14.90 -47.68 -20.21
N ASP C 24 -15.73 -48.15 -19.29
CA ASP C 24 -16.12 -49.57 -19.25
C ASP C 24 -15.10 -50.55 -18.68
N TYR C 25 -14.10 -50.06 -17.97
CA TYR C 25 -13.15 -50.97 -17.32
C TYR C 25 -13.79 -51.63 -16.11
N LYS C 26 -13.33 -52.84 -15.79
CA LYS C 26 -13.56 -53.40 -14.47
C LYS C 26 -12.54 -52.77 -13.56
N VAL C 27 -12.98 -52.30 -12.40
CA VAL C 27 -12.10 -51.63 -11.47
C VAL C 27 -12.11 -52.28 -10.10
N ILE C 28 -10.91 -52.56 -9.59
CA ILE C 28 -10.73 -52.99 -8.20
C ILE C 28 -9.92 -51.91 -7.51
N GLY C 29 -10.45 -51.41 -6.40
CA GLY C 29 -9.75 -50.40 -5.62
C GLY C 29 -9.41 -50.88 -4.23
N SER C 30 -8.54 -50.12 -3.55
CA SER C 30 -8.26 -50.38 -2.15
C SER C 30 -8.43 -49.13 -1.29
N ALA C 31 -8.88 -49.35 -0.06
CA ALA C 31 -8.95 -48.31 0.95
C ALA C 31 -8.41 -48.89 2.24
N ARG C 32 -8.10 -48.03 3.20
CA ARG C 32 -7.46 -48.45 4.44
C ARG C 32 -8.43 -49.13 5.41
N SER C 33 -9.73 -49.00 5.17
CA SER C 33 -10.73 -49.60 6.05
C SER C 33 -11.97 -50.10 5.30
N GLN C 34 -12.66 -51.06 5.90
CA GLN C 34 -13.92 -51.60 5.40
C GLN C 34 -14.99 -50.51 5.28
N GLU C 35 -15.02 -49.60 6.25
CA GLU C 35 -15.95 -48.48 6.26
C GLU C 35 -15.75 -47.62 5.01
N LYS C 36 -14.48 -47.26 4.76
CA LYS C 36 -14.13 -46.43 3.61
C LYS C 36 -14.31 -47.18 2.29
N ALA C 37 -13.98 -48.47 2.27
CA ALA C 37 -14.21 -49.31 1.09
C ALA C 37 -15.68 -49.33 0.71
N GLU C 38 -16.55 -49.55 1.71
CA GLU C 38 -17.99 -49.63 1.48
C GLU C 38 -18.60 -48.28 1.11
N ASN C 39 -18.20 -47.21 1.80
CA ASN C 39 -18.65 -45.86 1.45
C ASN C 39 -18.28 -45.46 0.02
N LEU C 40 -17.14 -45.95 -0.46
CA LEU C 40 -16.71 -45.66 -1.81
C LEU C 40 -17.56 -46.40 -2.85
N THR C 41 -17.84 -47.67 -2.61
CA THR C 41 -18.69 -48.46 -3.51
C THR C 41 -20.13 -47.95 -3.47
N GLU C 42 -20.55 -47.47 -2.30
CA GLU C 42 -21.85 -46.85 -2.12
C GLU C 42 -21.95 -45.52 -2.88
N ALA C 43 -20.86 -44.75 -2.86
CA ALA C 43 -20.80 -43.45 -3.53
C ALA C 43 -20.90 -43.57 -5.05
N PHE C 44 -20.32 -44.64 -5.60
CA PHE C 44 -20.38 -44.90 -7.04
C PHE C 44 -21.64 -45.69 -7.45
N GLY C 45 -22.60 -45.79 -6.53
CA GLY C 45 -23.91 -46.37 -6.82
C GLY C 45 -23.97 -47.88 -6.91
N ASN C 46 -23.11 -48.55 -6.14
CA ASN C 46 -22.99 -50.00 -6.16
C ASN C 46 -22.82 -50.55 -7.58
N ASN C 47 -21.88 -49.96 -8.31
CA ASN C 47 -21.56 -50.40 -9.66
C ASN C 47 -20.92 -51.78 -9.56
N PRO C 48 -21.51 -52.78 -10.24
CA PRO C 48 -21.01 -54.17 -10.21
C PRO C 48 -19.65 -54.35 -10.89
N LYS C 49 -19.23 -53.35 -11.67
CA LYS C 49 -17.90 -53.37 -12.28
C LYS C 49 -16.86 -52.72 -11.36
N PHE C 50 -17.28 -52.38 -10.15
CA PHE C 50 -16.40 -51.75 -9.17
C PHE C 50 -16.44 -52.54 -7.86
N SER C 51 -15.27 -52.98 -7.41
CA SER C 51 -15.17 -53.64 -6.10
C SER C 51 -13.98 -53.12 -5.31
N MET C 52 -14.04 -53.31 -4.00
CA MET C 52 -13.03 -52.75 -3.10
C MET C 52 -12.39 -53.82 -2.22
N GLU C 53 -11.07 -53.71 -2.07
CA GLU C 53 -10.33 -54.54 -1.12
C GLU C 53 -9.79 -53.63 -0.02
N VAL C 54 -9.57 -54.18 1.16
CA VAL C 54 -9.12 -53.39 2.30
C VAL C 54 -7.63 -53.62 2.52
N VAL C 55 -6.85 -52.54 2.49
CA VAL C 55 -5.41 -52.60 2.65
C VAL C 55 -4.99 -51.51 3.65
N PRO C 56 -4.89 -51.88 4.95
CA PRO C 56 -4.71 -50.92 6.05
C PRO C 56 -3.43 -50.10 6.00
N ASP C 57 -2.29 -50.75 5.75
CA ASP C 57 -1.00 -50.10 5.83
C ASP C 57 -0.19 -50.40 4.57
N ILE C 58 -0.10 -49.42 3.67
CA ILE C 58 0.67 -49.63 2.44
C ILE C 58 2.19 -49.63 2.69
N SER C 59 2.57 -49.46 3.96
CA SER C 59 3.97 -49.46 4.36
C SER C 59 4.52 -50.85 4.72
N LYS C 60 3.61 -51.80 4.94
CA LYS C 60 3.99 -53.20 5.10
C LYS C 60 4.29 -53.75 3.70
N LEU C 61 5.38 -54.49 3.57
CA LEU C 61 5.82 -54.98 2.26
C LEU C 61 4.89 -56.03 1.66
N ASP C 62 4.14 -56.72 2.52
CA ASP C 62 3.14 -57.71 2.10
C ASP C 62 1.74 -57.15 1.93
N ALA C 63 1.58 -55.83 2.07
CA ALA C 63 0.27 -55.17 2.06
C ALA C 63 -0.67 -55.64 0.95
N PHE C 64 -0.16 -55.67 -0.28
CA PHE C 64 -0.95 -55.99 -1.47
C PHE C 64 -0.88 -57.46 -1.89
N ASP C 65 -0.26 -58.30 -1.04
CA ASP C 65 -0.15 -59.74 -1.34
C ASP C 65 -1.51 -60.40 -1.53
N HIS C 66 -2.39 -60.23 -0.55
CA HIS C 66 -3.73 -60.82 -0.61
C HIS C 66 -4.50 -60.40 -1.86
N VAL C 67 -4.48 -59.09 -2.18
CA VAL C 67 -5.16 -58.57 -3.36
C VAL C 67 -4.66 -59.26 -4.61
N PHE C 68 -3.35 -59.44 -4.71
CA PHE C 68 -2.76 -59.98 -5.91
C PHE C 68 -2.73 -61.51 -5.97
N GLN C 69 -2.70 -62.17 -4.81
CA GLN C 69 -2.89 -63.62 -4.80
C GLN C 69 -4.31 -63.94 -5.27
N LYS C 70 -5.27 -63.16 -4.77
CA LYS C 70 -6.69 -63.33 -5.10
C LYS C 70 -7.12 -62.86 -6.49
N HIS C 71 -6.56 -61.74 -6.96
CA HIS C 71 -7.02 -61.11 -8.22
C HIS C 71 -5.96 -61.04 -9.31
N GLY C 72 -4.69 -61.20 -8.92
CA GLY C 72 -3.55 -60.92 -9.80
C GLY C 72 -3.64 -61.52 -11.20
N LYS C 73 -4.25 -62.69 -11.30
CA LYS C 73 -4.46 -63.38 -12.56
C LYS C 73 -5.37 -62.60 -13.52
N ASP C 74 -6.24 -61.76 -12.95
CA ASP C 74 -7.22 -61.01 -13.73
C ASP C 74 -6.92 -59.50 -13.83
N ILE C 75 -5.90 -59.03 -13.10
CA ILE C 75 -5.51 -57.63 -13.12
C ILE C 75 -4.45 -57.37 -14.20
N LYS C 76 -4.78 -56.48 -15.13
CA LYS C 76 -3.90 -56.20 -16.26
C LYS C 76 -3.24 -54.82 -16.18
N ILE C 77 -3.79 -53.96 -15.33
CA ILE C 77 -3.31 -52.60 -15.16
C ILE C 77 -3.33 -52.24 -13.68
N VAL C 78 -2.22 -51.71 -13.17
CA VAL C 78 -2.15 -51.22 -11.80
C VAL C 78 -1.88 -49.72 -11.79
N LEU C 79 -2.79 -49.00 -11.13
CA LEU C 79 -2.63 -47.57 -10.92
C LEU C 79 -2.31 -47.38 -9.45
N HIS C 80 -1.02 -47.27 -9.14
CA HIS C 80 -0.57 -47.13 -7.76
C HIS C 80 -0.54 -45.66 -7.35
N THR C 81 -1.65 -45.26 -6.74
CA THR C 81 -1.91 -43.87 -6.39
C THR C 81 -1.62 -43.61 -4.91
N ALA C 82 -1.87 -44.61 -4.07
CA ALA C 82 -1.74 -44.49 -2.62
C ALA C 82 -0.33 -44.13 -2.14
N SER C 83 -0.28 -43.42 -1.01
CA SER C 83 0.96 -43.11 -0.27
C SER C 83 0.70 -43.14 1.25
N PRO C 84 1.73 -43.44 2.06
CA PRO C 84 1.53 -43.63 3.51
C PRO C 84 0.89 -42.43 4.23
N LEU C 97 10.34 -41.59 5.23
CA LEU C 97 11.21 -41.96 4.11
C LEU C 97 11.11 -43.45 3.77
N ILE C 98 11.45 -44.31 4.73
CA ILE C 98 11.31 -45.77 4.58
C ILE C 98 9.86 -46.20 4.31
N PRO C 99 8.87 -45.66 5.07
CA PRO C 99 7.47 -45.97 4.72
C PRO C 99 7.10 -45.62 3.28
N ALA C 100 7.70 -44.55 2.73
CA ALA C 100 7.44 -44.14 1.35
C ALA C 100 8.12 -45.06 0.33
N VAL C 101 9.32 -45.52 0.65
CA VAL C 101 10.05 -46.46 -0.21
C VAL C 101 9.35 -47.82 -0.24
N ASN C 102 8.97 -48.31 0.94
CA ASN C 102 8.23 -49.56 1.08
C ASN C 102 6.82 -49.41 0.54
N GLY C 103 6.32 -48.18 0.56
CA GLY C 103 5.03 -47.84 -0.03
C GLY C 103 4.99 -48.04 -1.53
N VAL C 104 6.15 -47.89 -2.18
CA VAL C 104 6.24 -48.19 -3.60
C VAL C 104 6.67 -49.64 -3.83
N LYS C 105 7.66 -50.10 -3.08
CA LYS C 105 8.24 -51.42 -3.31
C LYS C 105 7.27 -52.58 -3.07
N GLY C 106 6.43 -52.43 -2.05
CA GLY C 106 5.51 -53.49 -1.62
C GLY C 106 4.70 -54.09 -2.76
N ILE C 107 3.95 -53.22 -3.43
CA ILE C 107 3.06 -53.63 -4.52
C ILE C 107 3.81 -54.24 -5.72
N LEU C 108 4.97 -53.71 -6.05
CA LEU C 108 5.79 -54.28 -7.12
C LEU C 108 6.24 -55.72 -6.79
N HIS C 109 6.57 -55.95 -5.52
CA HIS C 109 6.85 -57.31 -5.05
C HIS C 109 5.62 -58.21 -5.06
N SER C 110 4.45 -57.63 -4.82
CA SER C 110 3.20 -58.39 -4.84
C SER C 110 2.89 -58.86 -6.25
N ILE C 111 3.20 -58.00 -7.22
CA ILE C 111 2.99 -58.30 -8.64
C ILE C 111 3.98 -59.38 -9.09
N LYS C 112 5.25 -59.22 -8.72
CA LYS C 112 6.27 -60.21 -9.00
C LYS C 112 5.83 -61.58 -8.51
N LYS C 113 5.33 -61.63 -7.28
CA LYS C 113 4.95 -62.89 -6.65
C LYS C 113 3.71 -63.53 -7.28
N TYR C 114 2.69 -62.72 -7.57
CA TYR C 114 1.35 -63.25 -7.85
C TYR C 114 0.72 -62.86 -9.18
N ALA C 115 1.34 -61.92 -9.89
CA ALA C 115 0.79 -61.42 -11.13
C ALA C 115 1.89 -61.12 -12.16
N ALA C 116 3.01 -61.83 -12.04
CA ALA C 116 4.21 -61.61 -12.84
C ALA C 116 3.97 -61.51 -14.34
N ASP C 117 2.93 -62.18 -14.83
CA ASP C 117 2.68 -62.24 -16.27
C ASP C 117 1.25 -61.91 -16.66
N SER C 118 0.53 -61.26 -15.76
CA SER C 118 -0.81 -60.76 -16.06
C SER C 118 -0.83 -59.25 -16.09
N VAL C 119 -0.03 -58.62 -15.24
CA VAL C 119 0.00 -57.16 -15.16
C VAL C 119 0.87 -56.61 -16.30
N GLU C 120 0.24 -55.85 -17.19
CA GLU C 120 0.93 -55.35 -18.38
C GLU C 120 1.50 -53.97 -18.16
N ARG C 121 0.83 -53.17 -17.34
CA ARG C 121 1.20 -51.79 -17.13
C ARG C 121 1.01 -51.38 -15.69
N VAL C 122 2.07 -50.78 -15.14
CA VAL C 122 1.97 -50.11 -13.86
C VAL C 122 2.16 -48.62 -14.11
N VAL C 123 1.31 -47.81 -13.52
CA VAL C 123 1.57 -46.39 -13.46
C VAL C 123 1.63 -45.89 -12.02
N LEU C 124 2.69 -45.16 -11.72
CA LEU C 124 2.98 -44.69 -10.39
C LEU C 124 2.65 -43.21 -10.25
N THR C 125 1.81 -42.89 -9.27
CA THR C 125 1.53 -41.50 -8.97
C THR C 125 2.64 -40.97 -8.08
N SER C 126 3.43 -40.09 -8.65
CA SER C 126 4.53 -39.46 -7.93
C SER C 126 4.20 -38.00 -7.67
N SER C 127 5.15 -37.10 -7.92
CA SER C 127 4.94 -35.67 -7.70
C SER C 127 6.02 -34.85 -8.40
N TYR C 128 5.70 -33.59 -8.66
CA TYR C 128 6.68 -32.62 -9.11
C TYR C 128 7.69 -32.34 -8.00
N ALA C 129 7.34 -32.75 -6.78
CA ALA C 129 8.25 -32.71 -5.63
C ALA C 129 9.49 -33.58 -5.86
N ALA C 130 9.37 -34.58 -6.74
CA ALA C 130 10.47 -35.46 -7.10
C ALA C 130 11.32 -34.93 -8.27
N VAL C 131 10.78 -33.94 -8.97
CA VAL C 131 11.42 -33.40 -10.17
C VAL C 131 12.22 -32.13 -9.88
N PHE C 132 11.71 -31.31 -8.96
CA PHE C 132 12.18 -29.93 -8.80
C PHE C 132 13.16 -29.68 -7.65
N ASP C 133 13.97 -28.64 -7.81
CA ASP C 133 14.83 -28.12 -6.76
C ASP C 133 14.13 -26.91 -6.13
N MET C 134 13.46 -27.13 -5.00
CA MET C 134 12.59 -26.13 -4.35
C MET C 134 13.23 -24.75 -4.11
N ALA C 135 14.56 -24.70 -4.07
CA ALA C 135 15.30 -23.46 -3.89
C ALA C 135 15.54 -22.74 -5.22
N LYS C 136 15.95 -23.51 -6.22
CA LYS C 136 16.27 -22.98 -7.54
C LYS C 136 15.03 -22.65 -8.39
N GLU C 137 13.85 -22.81 -7.79
CA GLU C 137 12.57 -22.53 -8.48
C GLU C 137 12.29 -21.05 -8.71
N ASN C 138 13.00 -20.19 -8.00
CA ASN C 138 12.84 -18.75 -8.15
C ASN C 138 13.85 -18.14 -9.13
N ASP C 139 14.88 -18.93 -9.45
CA ASP C 139 15.88 -18.54 -10.45
C ASP C 139 15.31 -18.77 -11.85
N LYS C 140 15.17 -17.68 -12.61
CA LYS C 140 14.56 -17.71 -13.94
C LYS C 140 15.44 -18.37 -15.01
N SER C 141 16.75 -18.45 -14.74
CA SER C 141 17.69 -19.09 -15.66
C SER C 141 17.56 -20.61 -15.64
N LEU C 142 17.05 -21.14 -14.52
CA LEU C 142 16.84 -22.58 -14.36
C LEU C 142 15.64 -23.09 -15.15
N THR C 143 15.84 -24.23 -15.80
CA THR C 143 14.78 -24.93 -16.53
C THR C 143 14.69 -26.38 -16.04
N PHE C 144 13.48 -26.77 -15.63
CA PHE C 144 13.21 -28.14 -15.21
C PHE C 144 12.34 -28.84 -16.23
N ASN C 145 12.73 -30.05 -16.61
CA ASN C 145 11.92 -30.90 -17.47
C ASN C 145 11.72 -32.31 -16.89
N GLU C 146 11.47 -33.28 -17.77
CA GLU C 146 11.20 -34.66 -17.36
C GLU C 146 12.47 -35.39 -16.90
N GLU C 147 13.62 -34.84 -17.26
CA GLU C 147 14.92 -35.40 -16.87
C GLU C 147 15.38 -34.89 -15.50
N SER C 148 14.77 -33.79 -15.05
CA SER C 148 15.13 -33.16 -13.78
C SER C 148 14.76 -34.01 -12.58
N TRP C 149 15.73 -34.17 -11.67
CA TRP C 149 15.52 -34.89 -10.43
C TRP C 149 15.89 -34.01 -9.24
N ASN C 150 15.11 -34.13 -8.17
CA ASN C 150 15.37 -33.43 -6.91
C ASN C 150 16.73 -33.84 -6.33
N PRO C 151 17.61 -32.86 -6.04
CA PRO C 151 18.97 -33.20 -5.63
C PRO C 151 19.11 -33.68 -4.17
N ALA C 152 18.01 -33.62 -3.42
CA ALA C 152 18.02 -33.97 -1.99
C ALA C 152 18.50 -35.40 -1.70
N THR C 153 19.21 -35.56 -0.58
CA THR C 153 19.81 -36.82 -0.19
C THR C 153 18.98 -37.54 0.88
N LYS C 169 9.32 -38.33 -1.86
CA LYS C 169 8.69 -38.62 -3.15
C LYS C 169 9.73 -38.97 -4.22
N LYS C 170 10.89 -38.33 -4.15
CA LYS C 170 12.02 -38.62 -5.04
C LYS C 170 12.46 -40.08 -4.93
N PHE C 171 12.68 -40.52 -3.70
CA PHE C 171 13.14 -41.89 -3.45
C PHE C 171 12.05 -42.92 -3.73
N ALA C 172 10.81 -42.54 -3.46
CA ALA C 172 9.66 -43.39 -3.76
C ALA C 172 9.65 -43.77 -5.25
N GLU C 173 9.76 -42.76 -6.12
CA GLU C 173 9.78 -42.97 -7.57
C GLU C 173 11.02 -43.76 -8.01
N LYS C 174 12.16 -43.44 -7.41
CA LYS C 174 13.44 -44.10 -7.72
C LYS C 174 13.38 -45.60 -7.47
N ALA C 175 12.77 -45.99 -6.34
CA ALA C 175 12.65 -47.40 -5.96
C ALA C 175 11.94 -48.23 -7.05
N ALA C 176 10.95 -47.62 -7.70
CA ALA C 176 10.17 -48.26 -8.74
C ALA C 176 10.99 -48.61 -9.99
N TRP C 177 11.78 -47.64 -10.47
CA TRP C 177 12.65 -47.85 -11.62
C TRP C 177 13.77 -48.83 -11.28
N GLU C 178 14.34 -48.71 -10.08
CA GLU C 178 15.37 -49.65 -9.62
C GLU C 178 14.81 -51.08 -9.60
N PHE C 179 13.58 -51.21 -9.09
CA PHE C 179 12.88 -52.49 -9.06
C PHE C 179 12.76 -53.10 -10.46
N LEU C 180 12.32 -52.30 -11.43
CA LEU C 180 12.13 -52.80 -12.79
C LEU C 180 13.48 -53.14 -13.42
N GLU C 181 14.50 -52.34 -13.10
CA GLU C 181 15.87 -52.61 -13.55
C GLU C 181 16.36 -53.96 -13.03
N GLU C 182 15.98 -54.31 -11.80
CA GLU C 182 16.45 -55.53 -11.14
C GLU C 182 15.61 -56.78 -11.45
N ASN C 183 14.40 -56.57 -11.97
CA ASN C 183 13.45 -57.68 -12.14
C ASN C 183 12.88 -57.85 -13.55
N ARG C 184 13.58 -57.29 -14.54
CA ARG C 184 13.05 -57.16 -15.90
C ARG C 184 12.63 -58.48 -16.56
N ASP C 185 13.37 -59.55 -16.28
CA ASP C 185 13.08 -60.85 -16.88
C ASP C 185 12.09 -61.67 -16.04
N SER C 186 11.73 -61.14 -14.87
CA SER C 186 10.79 -61.81 -13.97
C SER C 186 9.36 -61.27 -14.05
N VAL C 187 9.20 -60.04 -14.56
CA VAL C 187 7.88 -59.42 -14.71
C VAL C 187 7.60 -58.91 -16.13
N LYS C 188 6.31 -58.88 -16.46
CA LYS C 188 5.82 -58.48 -17.77
C LYS C 188 5.62 -56.96 -17.87
N PHE C 189 5.31 -56.30 -16.75
CA PHE C 189 4.82 -54.92 -16.81
C PHE C 189 5.81 -53.86 -17.26
N GLU C 190 5.25 -52.78 -17.79
CA GLU C 190 5.98 -51.56 -18.08
C GLU C 190 5.53 -50.49 -17.10
N LEU C 191 6.42 -49.55 -16.83
CA LEU C 191 6.20 -48.51 -15.84
C LEU C 191 6.03 -47.14 -16.47
N THR C 192 5.18 -46.31 -15.86
CA THR C 192 5.08 -44.91 -16.20
C THR C 192 4.95 -44.15 -14.88
N ALA C 193 5.57 -42.99 -14.80
CA ALA C 193 5.39 -42.12 -13.65
C ALA C 193 4.54 -40.92 -14.05
N VAL C 194 3.57 -40.60 -13.21
CA VAL C 194 2.78 -39.38 -13.36
C VAL C 194 3.13 -38.45 -12.20
N ASN C 195 3.59 -37.23 -12.54
CA ASN C 195 4.08 -36.27 -11.56
C ASN C 195 3.30 -34.96 -11.57
N PRO C 196 2.28 -34.84 -10.71
CA PRO C 196 1.51 -33.61 -10.65
C PRO C 196 2.17 -32.50 -9.84
N VAL C 197 1.79 -31.27 -10.16
CA VAL C 197 2.18 -30.10 -9.41
C VAL C 197 1.08 -29.87 -8.38
N TYR C 198 0.86 -28.63 -7.97
CA TYR C 198 -0.26 -28.35 -7.08
C TYR C 198 -1.53 -28.69 -7.82
N VAL C 199 -2.41 -29.42 -7.15
CA VAL C 199 -3.59 -29.96 -7.77
C VAL C 199 -4.81 -29.22 -7.25
N PHE C 200 -5.55 -28.61 -8.18
CA PHE C 200 -6.78 -27.91 -7.85
C PHE C 200 -7.94 -28.70 -8.42
N GLY C 201 -9.17 -28.29 -8.10
CA GLY C 201 -10.34 -28.91 -8.69
C GLY C 201 -11.38 -29.40 -7.69
N PRO C 202 -12.56 -29.78 -8.19
CA PRO C 202 -13.59 -30.20 -7.28
C PRO C 202 -13.47 -31.67 -6.89
N GLN C 203 -13.96 -32.03 -5.71
CA GLN C 203 -14.07 -33.42 -5.32
C GLN C 203 -15.03 -34.14 -6.25
N MET C 204 -14.82 -35.43 -6.43
CA MET C 204 -15.76 -36.28 -7.18
C MET C 204 -17.17 -36.15 -6.64
N PHE C 205 -17.28 -36.06 -5.31
CA PHE C 205 -18.58 -35.99 -4.66
C PHE C 205 -18.69 -34.81 -3.73
N ASP C 206 -19.84 -34.13 -3.82
CA ASP C 206 -20.14 -32.98 -2.98
C ASP C 206 -20.04 -33.30 -1.50
N LYS C 207 -20.48 -34.50 -1.12
CA LYS C 207 -20.49 -34.92 0.29
C LYS C 207 -19.08 -35.10 0.90
N ASP C 208 -18.05 -34.85 0.10
CA ASP C 208 -16.66 -34.98 0.59
C ASP C 208 -15.99 -33.64 0.85
N VAL C 209 -16.69 -32.56 0.50
CA VAL C 209 -16.15 -31.21 0.68
C VAL C 209 -15.92 -30.90 2.16
N LYS C 210 -16.88 -31.26 3.02
CA LYS C 210 -16.89 -30.90 4.44
C LYS C 210 -15.52 -30.98 5.11
N LYS C 211 -14.86 -32.14 5.01
CA LYS C 211 -13.47 -32.28 5.47
C LYS C 211 -12.67 -33.21 4.58
N GLU C 218 -8.59 -26.57 -0.38
CA GLU C 218 -7.75 -26.20 0.76
C GLU C 218 -6.99 -24.89 0.53
N LEU C 219 -6.18 -24.83 -0.53
CA LEU C 219 -5.56 -23.56 -0.89
C LEU C 219 -6.65 -22.55 -1.15
N VAL C 220 -7.63 -22.95 -1.96
CA VAL C 220 -8.75 -22.11 -2.31
C VAL C 220 -9.62 -21.79 -1.10
N ASN C 221 -9.94 -22.81 -0.30
CA ASN C 221 -10.80 -22.63 0.86
C ASN C 221 -10.23 -21.64 1.87
N SER C 222 -8.92 -21.74 2.13
CA SER C 222 -8.27 -20.83 3.09
C SER C 222 -8.30 -19.38 2.61
N LEU C 223 -8.05 -19.16 1.32
CA LEU C 223 -8.20 -17.82 0.75
C LEU C 223 -9.62 -17.29 0.95
N MET C 224 -10.60 -18.16 0.75
CA MET C 224 -12.01 -17.80 0.91
C MET C 224 -12.40 -17.47 2.34
N HIS C 225 -11.53 -17.79 3.29
CA HIS C 225 -11.76 -17.45 4.70
C HIS C 225 -10.86 -16.36 5.25
N LEU C 226 -10.05 -15.75 4.40
CA LEU C 226 -9.32 -14.56 4.78
C LEU C 226 -10.26 -13.36 4.71
N SER C 227 -10.14 -12.45 5.68
CA SER C 227 -10.88 -11.20 5.63
C SER C 227 -10.12 -10.18 4.79
N PRO C 228 -10.81 -9.14 4.26
CA PRO C 228 -10.15 -8.19 3.36
C PRO C 228 -8.81 -7.66 3.88
N GLU C 229 -8.66 -7.57 5.20
CA GLU C 229 -7.46 -7.00 5.83
C GLU C 229 -6.41 -8.05 6.23
N ASP C 230 -6.55 -9.27 5.70
CA ASP C 230 -5.63 -10.36 5.99
C ASP C 230 -4.44 -10.40 5.04
N LYS C 231 -3.30 -10.87 5.56
CA LYS C 231 -2.08 -10.99 4.75
C LYS C 231 -2.13 -12.20 3.83
N ILE C 232 -1.85 -11.95 2.56
CA ILE C 232 -1.88 -12.99 1.54
C ILE C 232 -0.62 -13.84 1.64
N PRO C 233 -0.79 -15.16 1.84
CA PRO C 233 0.35 -16.06 1.91
C PRO C 233 1.11 -16.10 0.60
N GLU C 234 2.38 -16.49 0.65
CA GLU C 234 3.18 -16.57 -0.55
C GLU C 234 3.46 -18.00 -0.94
N LEU C 235 2.90 -18.36 -2.10
CA LEU C 235 3.15 -19.65 -2.71
C LEU C 235 3.39 -19.43 -4.19
N PHE C 236 4.22 -20.28 -4.78
CA PHE C 236 4.48 -20.24 -6.21
C PHE C 236 4.76 -21.64 -6.72
N GLY C 237 4.14 -21.99 -7.84
CA GLY C 237 4.40 -23.27 -8.47
C GLY C 237 3.55 -23.52 -9.70
N GLY C 238 3.54 -24.78 -10.14
CA GLY C 238 2.69 -25.20 -11.23
C GLY C 238 1.31 -25.50 -10.69
N TYR C 239 0.30 -25.43 -11.55
CA TYR C 239 -1.04 -25.84 -11.22
C TYR C 239 -1.56 -26.81 -12.27
N ILE C 240 -2.46 -27.69 -11.85
CA ILE C 240 -3.13 -28.60 -12.77
C ILE C 240 -4.48 -28.96 -12.17
N ASP C 241 -5.48 -29.20 -13.02
CA ASP C 241 -6.78 -29.61 -12.52
C ASP C 241 -6.78 -31.11 -12.21
N VAL C 242 -7.50 -31.49 -11.16
CA VAL C 242 -7.55 -32.88 -10.73
C VAL C 242 -8.10 -33.85 -11.80
N ARG C 243 -9.01 -33.36 -12.64
CA ARG C 243 -9.62 -34.19 -13.70
C ARG C 243 -8.63 -34.46 -14.82
N ASP C 244 -7.77 -33.48 -15.10
CA ASP C 244 -6.66 -33.63 -16.04
C ASP C 244 -5.58 -34.55 -15.48
N VAL C 245 -5.34 -34.49 -14.17
CA VAL C 245 -4.43 -35.45 -13.53
C VAL C 245 -5.03 -36.85 -13.64
N ALA C 246 -6.33 -36.97 -13.37
CA ALA C 246 -7.00 -38.26 -13.51
C ALA C 246 -6.90 -38.78 -14.93
N LYS C 247 -7.23 -37.93 -15.90
CA LYS C 247 -7.18 -38.34 -17.30
C LYS C 247 -5.77 -38.73 -17.74
N ALA C 248 -4.76 -37.99 -17.25
CA ALA C 248 -3.36 -38.30 -17.52
C ALA C 248 -2.94 -39.71 -17.09
N HIS C 249 -3.55 -40.22 -16.03
CA HIS C 249 -3.29 -41.58 -15.56
C HIS C 249 -3.80 -42.66 -16.50
N LEU C 250 -4.98 -42.44 -17.06
CA LEU C 250 -5.54 -43.36 -18.06
C LEU C 250 -4.65 -43.40 -19.29
N VAL C 251 -4.35 -42.23 -19.85
CA VAL C 251 -3.48 -42.08 -21.02
C VAL C 251 -2.14 -42.75 -20.76
N ALA C 252 -1.64 -42.59 -19.53
CA ALA C 252 -0.37 -43.17 -19.08
C ALA C 252 -0.26 -44.68 -19.28
N PHE C 253 -1.38 -45.40 -19.24
CA PHE C 253 -1.34 -46.84 -19.43
C PHE C 253 -1.91 -47.30 -20.77
N GLN C 254 -2.61 -46.41 -21.46
CA GLN C 254 -3.25 -46.78 -22.72
C GLN C 254 -2.33 -46.60 -23.90
N LYS C 255 -1.50 -45.57 -23.85
CA LYS C 255 -0.59 -45.28 -24.94
C LYS C 255 0.70 -46.10 -24.85
N ARG C 256 1.19 -46.50 -26.01
CA ARG C 256 2.46 -47.17 -26.15
C ARG C 256 3.63 -46.22 -25.88
N GLU C 257 3.48 -44.98 -26.34
CA GLU C 257 4.56 -44.00 -26.28
C GLU C 257 4.88 -43.50 -24.86
N THR C 258 4.04 -43.86 -23.89
CA THR C 258 4.27 -43.47 -22.49
C THR C 258 5.06 -44.51 -21.68
N ILE C 259 5.35 -45.66 -22.29
CA ILE C 259 6.22 -46.69 -21.71
C ILE C 259 7.54 -46.06 -21.24
N GLY C 260 7.91 -46.35 -20.00
CA GLY C 260 9.18 -45.88 -19.41
C GLY C 260 9.32 -44.39 -19.19
N GLN C 261 8.21 -43.65 -19.30
CA GLN C 261 8.25 -42.20 -19.23
C GLN C 261 7.82 -41.62 -17.88
N ARG C 262 8.42 -40.47 -17.54
CA ARG C 262 7.96 -39.65 -16.43
C ARG C 262 7.13 -38.51 -17.01
N LEU C 263 5.91 -38.37 -16.52
CA LEU C 263 4.97 -37.41 -17.06
C LEU C 263 4.67 -36.35 -16.02
N ILE C 264 5.10 -35.13 -16.31
CA ILE C 264 4.76 -33.99 -15.48
C ILE C 264 3.42 -33.47 -15.94
N VAL C 265 2.47 -33.39 -15.01
CA VAL C 265 1.14 -32.90 -15.34
C VAL C 265 0.99 -31.54 -14.68
N SER C 266 1.20 -30.52 -15.49
CA SER C 266 1.25 -29.14 -15.06
C SER C 266 0.83 -28.29 -16.25
N GLU C 267 -0.10 -27.38 -16.02
CA GLU C 267 -0.56 -26.52 -17.12
C GLU C 267 0.29 -25.27 -17.25
N ALA C 268 0.50 -24.57 -16.12
CA ALA C 268 1.29 -23.33 -16.09
C ALA C 268 1.54 -22.94 -14.64
N ARG C 269 1.98 -21.69 -14.43
CA ARG C 269 2.36 -21.19 -13.13
C ARG C 269 1.29 -20.30 -12.50
N PHE C 270 1.22 -20.32 -11.18
CA PHE C 270 0.34 -19.42 -10.42
C PHE C 270 1.09 -18.88 -9.20
N THR C 271 0.57 -17.80 -8.64
CA THR C 271 0.83 -17.46 -7.25
C THR C 271 -0.55 -17.28 -6.63
N MET C 272 -0.59 -17.02 -5.32
CA MET C 272 -1.85 -16.76 -4.63
C MET C 272 -2.61 -15.58 -5.22
N GLN C 273 -1.89 -14.54 -5.64
CA GLN C 273 -2.50 -13.38 -6.32
C GLN C 273 -3.36 -13.80 -7.49
N ASP C 274 -2.85 -14.69 -8.34
CA ASP C 274 -3.62 -15.24 -9.46
C ASP C 274 -4.95 -15.87 -8.99
N VAL C 275 -4.90 -16.66 -7.92
CA VAL C 275 -6.10 -17.29 -7.36
C VAL C 275 -7.06 -16.22 -6.84
N LEU C 276 -6.51 -15.25 -6.13
CA LEU C 276 -7.31 -14.14 -5.60
C LEU C 276 -8.00 -13.31 -6.67
N ASP C 277 -7.32 -13.06 -7.78
CA ASP C 277 -7.92 -12.26 -8.85
C ASP C 277 -9.16 -12.96 -9.41
N ILE C 278 -9.10 -14.29 -9.46
CA ILE C 278 -10.17 -15.10 -10.02
C ILE C 278 -11.36 -15.13 -9.07
N LEU C 279 -11.11 -15.42 -7.80
CA LEU C 279 -12.17 -15.38 -6.81
C LEU C 279 -12.88 -14.03 -6.83
N ASN C 280 -12.09 -12.95 -6.84
CA ASN C 280 -12.63 -11.60 -6.79
C ASN C 280 -13.45 -11.20 -8.03
N GLU C 281 -12.93 -11.51 -9.21
CA GLU C 281 -13.57 -11.14 -10.46
C GLU C 281 -14.75 -12.05 -10.80
N ASP C 282 -14.63 -13.32 -10.45
CA ASP C 282 -15.60 -14.34 -10.86
C ASP C 282 -16.74 -14.54 -9.87
N PHE C 283 -16.54 -14.14 -8.63
CA PHE C 283 -17.55 -14.34 -7.59
C PHE C 283 -17.90 -13.04 -6.87
N PRO C 284 -18.92 -12.31 -7.36
CA PRO C 284 -19.38 -11.11 -6.68
C PRO C 284 -19.76 -11.38 -5.22
N VAL C 285 -20.21 -12.60 -4.94
CA VAL C 285 -20.49 -13.05 -3.58
C VAL C 285 -19.23 -13.03 -2.68
N LEU C 286 -18.05 -13.17 -3.29
CA LEU C 286 -16.80 -13.14 -2.54
C LEU C 286 -16.14 -11.76 -2.53
N LYS C 287 -16.32 -11.02 -3.62
CA LYS C 287 -15.70 -9.70 -3.77
C LYS C 287 -16.16 -8.75 -2.68
N GLY C 288 -15.20 -8.13 -2.02
CA GLY C 288 -15.45 -7.22 -0.91
C GLY C 288 -15.54 -7.91 0.43
N ASN C 289 -15.23 -9.21 0.45
CA ASN C 289 -15.26 -10.00 1.67
C ASN C 289 -13.96 -10.77 1.86
N ILE C 290 -13.17 -10.80 0.80
CA ILE C 290 -11.84 -11.42 0.82
C ILE C 290 -10.79 -10.38 0.41
N PRO C 291 -9.50 -10.67 0.66
CA PRO C 291 -8.43 -9.76 0.24
C PRO C 291 -8.34 -9.58 -1.27
N VAL C 292 -7.76 -8.46 -1.68
CA VAL C 292 -7.66 -8.10 -3.09
C VAL C 292 -6.21 -8.13 -3.56
N GLY C 293 -5.30 -7.71 -2.68
CA GLY C 293 -3.88 -7.68 -2.99
C GLY C 293 -3.58 -6.75 -4.14
N LYS C 294 -2.69 -7.19 -5.02
CA LYS C 294 -2.26 -6.37 -6.16
C LYS C 294 -2.66 -7.05 -7.48
N PRO C 295 -3.91 -6.83 -7.93
CA PRO C 295 -4.47 -7.53 -9.06
C PRO C 295 -3.60 -7.42 -10.31
N GLY C 296 -3.37 -8.57 -10.95
CA GLY C 296 -2.61 -8.63 -12.18
C GLY C 296 -1.11 -8.77 -12.04
N SER C 297 -0.63 -8.88 -10.79
CA SER C 297 0.81 -8.97 -10.52
C SER C 297 1.33 -10.39 -10.28
N GLY C 298 0.47 -11.39 -10.47
CA GLY C 298 0.84 -12.79 -10.28
C GLY C 298 1.52 -13.39 -11.49
N ALA C 299 1.77 -14.69 -11.42
CA ALA C 299 2.49 -15.43 -12.45
C ALA C 299 1.72 -15.67 -13.76
N THR C 300 0.41 -15.40 -13.75
CA THR C 300 -0.36 -15.52 -14.99
C THR C 300 -0.13 -14.32 -15.91
N HIS C 301 0.55 -13.28 -15.41
CA HIS C 301 0.89 -12.10 -16.22
C HIS C 301 2.40 -11.86 -16.35
N ASN C 302 3.22 -12.73 -15.77
CA ASN C 302 4.67 -12.50 -15.71
C ASN C 302 5.47 -13.76 -15.35
N THR C 303 6.76 -13.76 -15.68
CA THR C 303 7.66 -14.85 -15.31
C THR C 303 8.20 -14.64 -13.90
N LEU C 304 7.63 -15.37 -12.94
CA LEU C 304 7.96 -15.19 -11.52
C LEU C 304 8.94 -16.22 -10.98
N GLY C 305 9.46 -17.08 -11.85
CA GLY C 305 10.43 -18.10 -11.43
C GLY C 305 11.03 -18.94 -12.53
N ALA C 306 11.36 -20.18 -12.18
CA ALA C 306 11.99 -21.13 -13.11
C ALA C 306 11.01 -21.67 -14.15
N THR C 307 11.52 -21.93 -15.34
CA THR C 307 10.73 -22.46 -16.45
C THR C 307 10.48 -23.96 -16.31
N LEU C 308 9.22 -24.31 -16.15
CA LEU C 308 8.78 -25.70 -16.12
C LEU C 308 8.52 -26.14 -17.56
N ASP C 309 9.47 -26.88 -18.12
CA ASP C 309 9.34 -27.39 -19.49
C ASP C 309 8.75 -28.79 -19.50
N ASN C 310 7.41 -28.87 -19.52
CA ASN C 310 6.76 -30.15 -19.73
C ASN C 310 6.16 -30.24 -21.12
N LYS C 311 6.81 -29.59 -22.08
CA LYS C 311 6.49 -29.69 -23.50
C LYS C 311 6.35 -31.15 -23.91
N LYS C 312 7.27 -31.97 -23.43
CA LYS C 312 7.31 -33.40 -23.73
C LYS C 312 6.13 -34.15 -23.11
N SER C 313 5.81 -33.84 -21.86
CA SER C 313 4.67 -34.47 -21.16
C SER C 313 3.36 -34.19 -21.89
N LYS C 314 3.15 -32.91 -22.21
CA LYS C 314 1.95 -32.43 -22.90
C LYS C 314 1.75 -33.07 -24.27
N LYS C 315 2.86 -33.28 -24.99
CA LYS C 315 2.83 -33.93 -26.29
C LYS C 315 2.40 -35.40 -26.15
N LEU C 316 3.03 -36.12 -25.22
CA LEU C 316 2.71 -37.52 -25.00
C LEU C 316 1.28 -37.71 -24.50
N LEU C 317 0.81 -36.77 -23.69
CA LEU C 317 -0.54 -36.84 -23.12
C LEU C 317 -1.62 -36.61 -24.17
N GLY C 318 -1.44 -35.60 -25.02
CA GLY C 318 -2.30 -35.37 -26.18
C GLY C 318 -3.65 -34.68 -25.96
N PHE C 319 -3.84 -34.04 -24.82
CA PHE C 319 -5.07 -33.29 -24.57
C PHE C 319 -4.79 -31.94 -23.90
N LYS C 320 -5.64 -30.95 -24.20
CA LYS C 320 -5.55 -29.62 -23.58
C LYS C 320 -5.98 -29.69 -22.10
N PHE C 321 -5.24 -28.99 -21.24
CA PHE C 321 -5.52 -28.95 -19.80
C PHE C 321 -6.40 -27.74 -19.50
N ARG C 322 -7.21 -27.82 -18.46
CA ARG C 322 -7.95 -26.65 -17.98
C ARG C 322 -6.97 -25.56 -17.53
N ASN C 323 -7.35 -24.30 -17.69
CA ASN C 323 -6.56 -23.20 -17.15
C ASN C 323 -6.96 -22.84 -15.72
N LEU C 324 -6.24 -21.90 -15.12
CA LEU C 324 -6.39 -21.60 -13.70
C LEU C 324 -7.78 -21.07 -13.39
N LYS C 325 -8.25 -20.13 -14.20
CA LYS C 325 -9.58 -19.59 -14.05
C LYS C 325 -10.62 -20.71 -13.98
N GLU C 326 -10.54 -21.66 -14.92
CA GLU C 326 -11.46 -22.78 -15.00
C GLU C 326 -11.41 -23.62 -13.73
N THR C 327 -10.21 -24.05 -13.34
CA THR C 327 -10.07 -24.98 -12.22
C THR C 327 -10.43 -24.34 -10.89
N ILE C 328 -10.12 -23.06 -10.73
CA ILE C 328 -10.42 -22.34 -9.48
C ILE C 328 -11.92 -22.10 -9.39
N ASP C 329 -12.53 -21.66 -10.49
CA ASP C 329 -14.00 -21.53 -10.58
C ASP C 329 -14.68 -22.78 -10.06
N ASP C 330 -14.31 -23.94 -10.61
CA ASP C 330 -14.93 -25.20 -10.19
C ASP C 330 -14.71 -25.50 -8.71
N THR C 331 -13.48 -25.28 -8.23
CA THR C 331 -13.15 -25.48 -6.83
C THR C 331 -14.04 -24.64 -5.90
N ALA C 332 -14.11 -23.34 -6.16
CA ALA C 332 -14.87 -22.41 -5.30
C ALA C 332 -16.38 -22.61 -5.39
N SER C 333 -16.92 -22.86 -6.57
CA SER C 333 -18.37 -23.06 -6.60
C SER C 333 -18.82 -24.29 -5.81
N GLN C 334 -18.01 -25.35 -5.82
CA GLN C 334 -18.30 -26.53 -5.01
C GLN C 334 -18.27 -26.24 -3.51
N ILE C 335 -17.31 -25.42 -3.08
CA ILE C 335 -17.21 -24.97 -1.69
C ILE C 335 -18.40 -24.08 -1.29
N LEU C 336 -18.85 -23.24 -2.23
CA LEU C 336 -19.99 -22.38 -1.96
C LEU C 336 -21.28 -23.17 -2.01
N LYS C 337 -21.33 -24.19 -2.86
CA LYS C 337 -22.51 -25.06 -2.88
C LYS C 337 -22.62 -25.77 -1.53
N PHE C 338 -21.50 -26.32 -1.06
CA PHE C 338 -21.46 -26.91 0.28
C PHE C 338 -21.90 -25.92 1.38
N GLU C 339 -21.41 -24.68 1.31
CA GLU C 339 -21.77 -23.66 2.30
C GLU C 339 -23.28 -23.38 2.32
N GLY C 340 -23.90 -23.48 1.15
CA GLY C 340 -25.35 -23.37 1.04
C GLY C 340 -26.04 -24.59 1.64
N ARG C 341 -25.33 -25.72 1.62
CA ARG C 341 -25.70 -26.97 2.31
C ARG C 341 -25.95 -28.15 1.37
N MET D 1 -1.50 -32.96 20.89
CA MET D 1 -0.89 -31.66 20.47
C MET D 1 -1.24 -30.55 21.48
N SER D 2 -0.70 -30.69 22.69
CA SER D 2 -0.98 -29.74 23.77
C SER D 2 0.13 -28.73 23.97
N VAL D 3 -0.26 -27.52 24.32
CA VAL D 3 0.68 -26.47 24.67
C VAL D 3 0.68 -26.30 26.18
N PHE D 4 1.86 -26.38 26.79
CA PHE D 4 1.98 -26.14 28.23
C PHE D 4 2.44 -24.72 28.49
N VAL D 5 1.71 -24.02 29.37
CA VAL D 5 2.04 -22.65 29.74
C VAL D 5 2.24 -22.61 31.25
N SER D 6 3.47 -22.42 31.69
CA SER D 6 3.76 -22.29 33.12
C SER D 6 3.30 -20.92 33.60
N GLY D 7 2.87 -20.83 34.85
CA GLY D 7 2.42 -19.56 35.43
C GLY D 7 1.32 -18.96 34.58
N ALA D 8 0.29 -19.74 34.33
CA ALA D 8 -0.75 -19.39 33.36
C ALA D 8 -1.66 -18.27 33.82
N ASN D 9 -1.59 -17.92 35.10
CA ASN D 9 -2.39 -16.84 35.64
C ASN D 9 -1.68 -15.49 35.59
N GLY D 10 -0.44 -15.47 35.11
CA GLY D 10 0.32 -14.22 35.01
C GLY D 10 -0.33 -13.21 34.09
N PHE D 11 0.04 -11.93 34.28
CA PHE D 11 -0.38 -10.82 33.42
C PHE D 11 -0.29 -11.19 31.93
N ILE D 12 0.91 -11.58 31.49
CA ILE D 12 1.14 -11.98 30.10
C ILE D 12 0.46 -13.30 29.76
N ALA D 13 0.62 -14.29 30.63
CA ALA D 13 0.22 -15.66 30.30
C ALA D 13 -1.28 -15.83 30.14
N GLN D 14 -2.07 -15.10 30.93
CA GLN D 14 -3.51 -15.12 30.71
C GLN D 14 -3.86 -14.73 29.27
N HIS D 15 -3.16 -13.74 28.71
CA HIS D 15 -3.40 -13.35 27.31
C HIS D 15 -2.92 -14.42 26.36
N ILE D 16 -1.78 -15.03 26.68
CA ILE D 16 -1.25 -16.16 25.93
C ILE D 16 -2.28 -17.28 25.86
N VAL D 17 -2.83 -17.65 27.03
CA VAL D 17 -3.83 -18.73 27.08
C VAL D 17 -5.07 -18.39 26.27
N ASP D 18 -5.50 -17.13 26.33
CA ASP D 18 -6.65 -16.67 25.55
C ASP D 18 -6.42 -16.86 24.06
N LEU D 19 -5.23 -16.48 23.60
CA LEU D 19 -4.87 -16.56 22.19
C LEU D 19 -4.75 -18.00 21.73
N LEU D 20 -4.13 -18.83 22.56
CA LEU D 20 -3.99 -20.24 22.24
C LEU D 20 -5.38 -20.88 22.09
N LEU D 21 -6.28 -20.55 23.01
CA LEU D 21 -7.65 -21.06 22.97
C LEU D 21 -8.40 -20.66 21.70
N LYS D 22 -8.28 -19.38 21.31
CA LYS D 22 -8.92 -18.87 20.09
C LYS D 22 -8.36 -19.52 18.81
N GLU D 23 -7.10 -19.94 18.85
CA GLU D 23 -6.47 -20.67 17.75
C GLU D 23 -6.65 -22.19 17.86
N ASP D 24 -7.56 -22.63 18.71
CA ASP D 24 -7.97 -24.04 18.78
C ASP D 24 -6.91 -24.99 19.35
N TYR D 25 -5.96 -24.45 20.09
CA TYR D 25 -4.97 -25.28 20.77
C TYR D 25 -5.57 -25.92 22.02
N LYS D 26 -5.03 -27.09 22.39
CA LYS D 26 -5.31 -27.67 23.70
C LYS D 26 -4.23 -27.11 24.61
N VAL D 27 -4.62 -26.67 25.81
CA VAL D 27 -3.72 -25.92 26.68
C VAL D 27 -3.69 -26.48 28.10
N ILE D 28 -2.49 -26.78 28.58
CA ILE D 28 -2.30 -27.10 30.00
C ILE D 28 -1.49 -25.97 30.63
N GLY D 29 -2.02 -25.40 31.71
CA GLY D 29 -1.29 -24.41 32.48
C GLY D 29 -0.93 -24.89 33.87
N SER D 30 -0.10 -24.10 34.55
CA SER D 30 0.20 -24.35 35.96
C SER D 30 0.06 -23.06 36.76
N ALA D 31 -0.37 -23.20 38.01
CA ALA D 31 -0.41 -22.11 38.97
C ALA D 31 0.09 -22.59 40.32
N ARG D 32 0.31 -21.66 41.24
CA ARG D 32 0.97 -21.98 42.51
C ARG D 32 0.09 -22.71 43.52
N SER D 33 -1.23 -22.59 43.39
CA SER D 33 -2.14 -23.25 44.31
C SER D 33 -3.37 -23.80 43.58
N GLN D 34 -4.07 -24.71 44.24
CA GLN D 34 -5.32 -25.26 43.72
C GLN D 34 -6.39 -24.17 43.53
N GLU D 35 -6.44 -23.20 44.45
CA GLU D 35 -7.39 -22.10 44.35
C GLU D 35 -7.13 -21.22 43.12
N LYS D 36 -5.86 -20.90 42.89
CA LYS D 36 -5.46 -20.12 41.72
C LYS D 36 -5.72 -20.88 40.42
N ALA D 37 -5.42 -22.17 40.43
CA ALA D 37 -5.63 -23.01 39.26
C ALA D 37 -7.11 -23.12 38.89
N GLU D 38 -7.95 -23.27 39.90
CA GLU D 38 -9.39 -23.42 39.69
C GLU D 38 -10.05 -22.09 39.36
N ASN D 39 -9.54 -21.01 39.95
CA ASN D 39 -10.03 -19.67 39.61
C ASN D 39 -9.70 -19.26 38.19
N LEU D 40 -8.68 -19.88 37.62
CA LEU D 40 -8.30 -19.60 36.24
C LEU D 40 -9.17 -20.33 35.21
N THR D 41 -9.31 -21.65 35.34
CA THR D 41 -10.13 -22.42 34.41
C THR D 41 -11.57 -21.90 34.37
N GLU D 42 -12.06 -21.50 35.55
CA GLU D 42 -13.39 -20.92 35.72
C GLU D 42 -13.50 -19.57 35.00
N ALA D 43 -12.42 -18.81 35.02
CA ALA D 43 -12.38 -17.49 34.38
C ALA D 43 -12.52 -17.61 32.86
N PHE D 44 -11.91 -18.66 32.32
CA PHE D 44 -12.03 -19.00 30.90
C PHE D 44 -13.28 -19.84 30.65
N GLY D 45 -14.16 -19.88 31.65
CA GLY D 45 -15.50 -20.49 31.51
C GLY D 45 -15.52 -21.99 31.33
N ASN D 46 -14.69 -22.68 32.12
CA ASN D 46 -14.63 -24.15 32.13
C ASN D 46 -14.48 -24.78 30.74
N ASN D 47 -13.61 -24.15 29.92
CA ASN D 47 -13.28 -24.67 28.59
C ASN D 47 -12.60 -26.02 28.75
N PRO D 48 -13.15 -27.07 28.09
CA PRO D 48 -12.57 -28.42 28.21
C PRO D 48 -11.30 -28.61 27.38
N LYS D 49 -10.97 -27.64 26.55
CA LYS D 49 -9.68 -27.62 25.87
C LYS D 49 -8.60 -27.03 26.79
N PHE D 50 -8.98 -26.75 28.03
CA PHE D 50 -8.08 -26.07 28.97
C PHE D 50 -8.07 -26.76 30.33
N SER D 51 -6.88 -27.04 30.85
CA SER D 51 -6.74 -27.67 32.16
C SER D 51 -5.53 -27.13 32.91
N MET D 52 -5.59 -27.21 34.24
CA MET D 52 -4.55 -26.64 35.07
C MET D 52 -3.94 -27.68 35.98
N GLU D 53 -2.64 -27.49 36.23
CA GLU D 53 -1.90 -28.31 37.17
C GLU D 53 -1.37 -27.38 38.24
N VAL D 54 -0.93 -27.93 39.37
CA VAL D 54 -0.44 -27.11 40.47
C VAL D 54 1.06 -27.37 40.64
N VAL D 55 1.83 -26.29 40.60
CA VAL D 55 3.26 -26.32 40.80
C VAL D 55 3.56 -25.17 41.76
N PRO D 56 3.76 -25.49 43.06
CA PRO D 56 3.83 -24.47 44.11
C PRO D 56 5.08 -23.61 44.09
N ASP D 57 6.23 -24.21 43.77
CA ASP D 57 7.51 -23.53 43.89
C ASP D 57 8.39 -23.85 42.69
N ILE D 58 8.43 -22.95 41.72
CA ILE D 58 9.23 -23.21 40.52
C ILE D 58 10.76 -23.15 40.78
N SER D 59 11.13 -22.83 42.01
CA SER D 59 12.54 -22.79 42.42
C SER D 59 13.13 -24.18 42.68
N LYS D 60 12.26 -25.19 42.80
CA LYS D 60 12.72 -26.56 42.95
C LYS D 60 12.98 -27.17 41.58
N LEU D 61 14.08 -27.92 41.47
CA LEU D 61 14.50 -28.52 40.20
C LEU D 61 13.57 -29.63 39.70
N ASP D 62 12.79 -30.20 40.61
CA ASP D 62 11.82 -31.23 40.28
C ASP D 62 10.40 -30.70 40.10
N ALA D 63 10.21 -29.39 40.25
CA ALA D 63 8.87 -28.78 40.28
C ALA D 63 7.90 -29.27 39.18
N PHE D 64 8.39 -29.32 37.95
CA PHE D 64 7.57 -29.67 36.78
C PHE D 64 7.60 -31.16 36.39
N ASP D 65 8.32 -31.98 37.18
CA ASP D 65 8.41 -33.43 36.92
C ASP D 65 7.07 -34.14 36.81
N HIS D 66 6.18 -33.88 37.77
CA HIS D 66 4.86 -34.52 37.74
C HIS D 66 4.04 -34.13 36.52
N VAL D 67 4.04 -32.86 36.14
CA VAL D 67 3.24 -32.45 34.99
C VAL D 67 3.75 -33.14 33.72
N PHE D 68 5.06 -33.23 33.58
CA PHE D 68 5.63 -33.84 32.38
C PHE D 68 5.66 -35.38 32.40
N GLN D 69 5.69 -35.97 33.59
CA GLN D 69 5.58 -37.43 33.71
C GLN D 69 4.21 -37.86 33.21
N LYS D 70 3.19 -37.15 33.70
CA LYS D 70 1.78 -37.39 33.39
C LYS D 70 1.36 -36.98 31.97
N HIS D 71 1.87 -35.82 31.52
CA HIS D 71 1.42 -35.21 30.26
C HIS D 71 2.50 -35.15 29.18
N GLY D 72 3.75 -35.39 29.56
CA GLY D 72 4.91 -35.13 28.70
C GLY D 72 4.81 -35.63 27.28
N LYS D 73 4.08 -36.72 27.09
CA LYS D 73 3.97 -37.39 25.81
C LYS D 73 3.00 -36.69 24.84
N ASP D 74 2.05 -35.92 25.40
CA ASP D 74 1.05 -35.18 24.61
C ASP D 74 1.38 -33.68 24.48
N ILE D 75 2.49 -33.26 25.08
CA ILE D 75 2.90 -31.84 25.05
C ILE D 75 3.91 -31.63 23.93
N LYS D 76 3.54 -30.82 22.94
CA LYS D 76 4.45 -30.49 21.83
C LYS D 76 5.12 -29.15 22.02
N ILE D 77 4.46 -28.24 22.73
CA ILE D 77 4.95 -26.88 22.91
C ILE D 77 5.01 -26.49 24.38
N VAL D 78 6.12 -25.89 24.80
CA VAL D 78 6.25 -25.39 26.17
C VAL D 78 6.52 -23.87 26.20
N LEU D 79 5.63 -23.15 26.87
CA LEU D 79 5.78 -21.71 27.06
C LEU D 79 6.09 -21.41 28.52
N HIS D 80 7.37 -21.27 28.81
CA HIS D 80 7.81 -21.02 30.18
C HIS D 80 7.80 -19.52 30.48
N THR D 81 6.66 -19.06 30.99
CA THR D 81 6.46 -17.65 31.27
C THR D 81 6.79 -17.34 32.73
N ALA D 82 6.56 -18.31 33.60
CA ALA D 82 6.74 -18.14 35.03
C ALA D 82 8.19 -17.85 35.42
N SER D 83 8.34 -16.85 36.30
CA SER D 83 9.59 -16.57 36.99
C SER D 83 9.25 -16.58 38.48
N PRO D 84 10.13 -17.15 39.32
CA PRO D 84 9.83 -17.48 40.73
C PRO D 84 8.84 -16.53 41.43
N LEU D 96 18.09 -15.04 45.63
CA LEU D 96 17.54 -14.35 44.47
C LEU D 96 18.19 -14.84 43.17
N LEU D 97 19.49 -15.08 43.22
CA LEU D 97 20.26 -15.56 42.07
C LEU D 97 19.92 -17.02 41.74
N ILE D 98 20.19 -17.93 42.68
CA ILE D 98 19.96 -19.37 42.49
C ILE D 98 18.50 -19.75 42.12
N PRO D 99 17.49 -19.17 42.81
CA PRO D 99 16.10 -19.47 42.44
C PRO D 99 15.74 -19.13 41.00
N ALA D 100 16.34 -18.07 40.46
CA ALA D 100 16.12 -17.67 39.07
C ALA D 100 16.68 -18.69 38.08
N VAL D 101 17.93 -19.11 38.31
CA VAL D 101 18.60 -20.12 37.48
C VAL D 101 17.83 -21.44 37.51
N ASN D 102 17.55 -21.92 38.73
CA ASN D 102 16.75 -23.12 38.93
C ASN D 102 15.34 -22.95 38.40
N GLY D 103 14.87 -21.70 38.38
CA GLY D 103 13.57 -21.36 37.82
C GLY D 103 13.46 -21.63 36.34
N VAL D 104 14.61 -21.64 35.66
CA VAL D 104 14.69 -21.96 34.24
C VAL D 104 15.22 -23.38 33.99
N LYS D 105 16.24 -23.78 34.75
CA LYS D 105 16.82 -25.13 34.63
C LYS D 105 15.78 -26.25 34.82
N GLY D 106 14.99 -26.14 35.88
CA GLY D 106 14.03 -27.18 36.28
C GLY D 106 13.22 -27.79 35.15
N ILE D 107 12.31 -26.99 34.58
CA ILE D 107 11.45 -27.41 33.48
C ILE D 107 12.19 -28.07 32.30
N LEU D 108 13.40 -27.63 32.02
CA LEU D 108 14.18 -28.19 30.91
C LEU D 108 14.70 -29.58 31.27
N HIS D 109 15.04 -29.77 32.54
CA HIS D 109 15.37 -31.09 33.05
C HIS D 109 14.13 -31.99 33.06
N SER D 110 12.98 -31.40 33.40
CA SER D 110 11.71 -32.13 33.36
C SER D 110 11.42 -32.66 31.96
N ILE D 111 11.63 -31.79 30.96
CA ILE D 111 11.43 -32.16 29.56
C ILE D 111 12.42 -33.26 29.15
N LYS D 112 13.69 -33.06 29.47
CA LYS D 112 14.73 -34.05 29.21
C LYS D 112 14.34 -35.41 29.81
N LYS D 113 13.93 -35.39 31.08
CA LYS D 113 13.57 -36.61 31.81
C LYS D 113 12.33 -37.33 31.26
N TYR D 114 11.29 -36.57 30.92
CA TYR D 114 9.96 -37.16 30.67
C TYR D 114 9.30 -36.84 29.34
N ALA D 115 9.92 -36.00 28.52
CA ALA D 115 9.32 -35.59 27.27
C ALA D 115 10.38 -35.20 26.25
N ALA D 116 11.47 -35.97 26.23
CA ALA D 116 12.64 -35.65 25.43
C ALA D 116 12.42 -35.60 23.92
N ASP D 117 11.49 -36.42 23.42
CA ASP D 117 11.25 -36.47 21.98
C ASP D 117 9.81 -36.13 21.56
N SER D 118 9.06 -35.48 22.45
CA SER D 118 7.71 -35.03 22.10
C SER D 118 7.60 -33.51 22.10
N VAL D 119 8.37 -32.84 22.96
CA VAL D 119 8.38 -31.38 23.01
C VAL D 119 9.25 -30.84 21.86
N GLU D 120 8.60 -30.13 20.95
CA GLU D 120 9.27 -29.65 19.73
C GLU D 120 9.86 -28.26 19.90
N ARG D 121 9.19 -27.44 20.73
CA ARG D 121 9.55 -26.04 20.92
C ARG D 121 9.42 -25.60 22.37
N VAL D 122 10.43 -24.90 22.84
CA VAL D 122 10.38 -24.23 24.13
C VAL D 122 10.50 -22.74 23.89
N VAL D 123 9.55 -21.98 24.41
CA VAL D 123 9.64 -20.54 24.39
C VAL D 123 9.86 -20.07 25.81
N LEU D 124 10.91 -19.28 26.00
CA LEU D 124 11.28 -18.78 27.31
C LEU D 124 10.99 -17.28 27.41
N THR D 125 10.21 -16.88 28.42
CA THR D 125 9.96 -15.46 28.65
C THR D 125 11.05 -14.92 29.56
N SER D 126 11.83 -14.01 29.02
CA SER D 126 12.91 -13.37 29.77
C SER D 126 12.50 -11.93 30.00
N SER D 127 13.47 -11.03 30.05
CA SER D 127 13.18 -9.60 30.23
C SER D 127 14.13 -8.78 29.38
N TYR D 128 13.77 -7.52 29.10
CA TYR D 128 14.74 -6.59 28.51
C TYR D 128 15.86 -6.31 29.51
N ALA D 129 15.62 -6.67 30.77
CA ALA D 129 16.62 -6.60 31.83
C ALA D 129 17.81 -7.55 31.60
N ALA D 130 17.69 -8.44 30.62
CA ALA D 130 18.75 -9.39 30.26
C ALA D 130 19.66 -8.88 29.14
N VAL D 131 19.13 -7.99 28.31
CA VAL D 131 19.85 -7.47 27.13
C VAL D 131 20.56 -6.15 27.43
N PHE D 132 19.98 -5.35 28.32
CA PHE D 132 20.43 -3.97 28.57
C PHE D 132 21.49 -3.83 29.65
N ASP D 133 21.87 -2.57 29.93
CA ASP D 133 22.91 -2.26 30.91
C ASP D 133 22.38 -1.26 31.95
N LYS D 136 24.28 2.01 31.62
CA LYS D 136 24.71 2.57 30.33
C LYS D 136 23.54 2.96 29.42
N GLU D 137 22.32 2.84 29.95
CA GLU D 137 21.11 3.30 29.25
C GLU D 137 21.10 4.82 29.08
N ASN D 138 21.77 5.52 30.00
CA ASN D 138 21.94 6.98 29.95
C ASN D 138 22.58 7.44 28.64
N ASP D 139 23.65 6.75 28.24
CA ASP D 139 24.45 7.13 27.08
C ASP D 139 23.68 7.07 25.76
N LYS D 140 23.55 8.23 25.12
CA LYS D 140 22.80 8.37 23.88
C LYS D 140 23.53 7.82 22.66
N SER D 141 24.82 7.50 22.82
CA SER D 141 25.62 6.97 21.72
C SER D 141 25.59 5.43 21.67
N LEU D 142 25.26 4.80 22.79
CA LEU D 142 25.26 3.34 22.90
C LEU D 142 24.09 2.69 22.16
N THR D 143 24.33 1.48 21.65
CA THR D 143 23.34 0.74 20.87
C THR D 143 23.24 -0.72 21.33
N PHE D 144 22.01 -1.19 21.50
CA PHE D 144 21.74 -2.57 21.89
C PHE D 144 20.88 -3.28 20.84
N ASN D 145 21.22 -4.54 20.55
CA ASN D 145 20.47 -5.35 19.58
C ASN D 145 19.86 -6.61 20.19
N ASN D 150 24.81 -7.47 28.59
CA ASN D 150 24.71 -7.18 30.01
C ASN D 150 25.91 -7.71 30.79
N PRO D 151 26.87 -6.82 31.13
CA PRO D 151 28.11 -7.22 31.82
C PRO D 151 27.93 -7.58 33.31
N ALA D 152 26.77 -7.26 33.88
CA ALA D 152 26.54 -7.40 35.32
C ALA D 152 26.46 -8.84 35.80
N THR D 153 27.31 -9.16 36.78
CA THR D 153 27.37 -10.50 37.36
C THR D 153 27.07 -10.48 38.86
N SER D 168 20.14 -12.14 38.05
CA SER D 168 18.92 -11.59 37.45
C SER D 168 18.37 -12.52 36.37
N LYS D 169 17.63 -11.96 35.42
CA LYS D 169 17.04 -12.72 34.32
C LYS D 169 18.03 -12.94 33.18
N LYS D 170 19.23 -12.37 33.35
CA LYS D 170 20.31 -12.57 32.39
C LYS D 170 20.88 -13.98 32.52
N PHE D 171 21.21 -14.36 33.76
CA PHE D 171 21.73 -15.70 34.03
C PHE D 171 20.67 -16.76 33.81
N ALA D 172 19.43 -16.42 34.15
CA ALA D 172 18.30 -17.31 33.92
C ALA D 172 18.21 -17.72 32.45
N GLU D 173 18.29 -16.72 31.57
CA GLU D 173 18.24 -16.97 30.14
C GLU D 173 19.49 -17.71 29.66
N LYS D 174 20.65 -17.34 30.22
CA LYS D 174 21.92 -17.99 29.91
C LYS D 174 21.85 -19.49 30.21
N ALA D 175 21.31 -19.84 31.38
CA ALA D 175 21.10 -21.23 31.79
C ALA D 175 20.41 -22.06 30.70
N ALA D 176 19.37 -21.49 30.09
CA ALA D 176 18.59 -22.17 29.07
C ALA D 176 19.41 -22.55 27.82
N TRP D 177 20.14 -21.58 27.27
CA TRP D 177 20.93 -21.82 26.07
C TRP D 177 22.06 -22.79 26.33
N GLU D 178 22.70 -22.68 27.50
CA GLU D 178 23.76 -23.59 27.88
C GLU D 178 23.20 -25.01 28.00
N PHE D 179 22.10 -25.16 28.73
CA PHE D 179 21.40 -26.44 28.82
C PHE D 179 21.20 -27.07 27.45
N LEU D 180 20.74 -26.28 26.48
CA LEU D 180 20.49 -26.80 25.13
C LEU D 180 21.77 -27.20 24.40
N GLU D 181 22.86 -26.50 24.67
CA GLU D 181 24.16 -26.85 24.10
C GLU D 181 24.63 -28.19 24.67
N GLU D 182 24.48 -28.38 25.98
CA GLU D 182 24.94 -29.58 26.67
C GLU D 182 24.10 -30.82 26.38
N ASN D 183 22.84 -30.62 26.01
CA ASN D 183 21.90 -31.73 25.90
C ASN D 183 21.28 -31.90 24.52
N ARG D 184 21.90 -31.28 23.51
CA ARG D 184 21.37 -31.21 22.14
C ARG D 184 20.95 -32.55 21.50
N ASP D 185 21.75 -33.59 21.72
CA ASP D 185 21.47 -34.91 21.14
C ASP D 185 20.49 -35.74 21.99
N SER D 186 20.18 -35.23 23.17
CA SER D 186 19.29 -35.92 24.11
C SER D 186 17.86 -35.42 24.05
N VAL D 187 17.67 -34.15 23.67
CA VAL D 187 16.34 -33.57 23.51
C VAL D 187 16.07 -33.11 22.08
N LYS D 188 14.79 -33.10 21.72
CA LYS D 188 14.31 -32.75 20.39
C LYS D 188 13.97 -31.26 20.25
N PHE D 189 13.79 -30.56 21.36
CA PHE D 189 13.24 -29.21 21.30
C PHE D 189 14.19 -28.13 20.78
N GLU D 190 13.60 -27.15 20.11
CA GLU D 190 14.26 -25.90 19.76
C GLU D 190 13.80 -24.80 20.73
N LEU D 191 14.66 -23.82 20.93
CA LEU D 191 14.45 -22.79 21.93
C LEU D 191 14.30 -21.40 21.33
N THR D 192 13.41 -20.61 21.94
CA THR D 192 13.28 -19.20 21.63
C THR D 192 13.09 -18.41 22.92
N ALA D 193 13.82 -17.29 23.01
CA ALA D 193 13.65 -16.36 24.10
C ALA D 193 12.76 -15.21 23.63
N VAL D 194 11.80 -14.83 24.47
CA VAL D 194 11.05 -13.60 24.26
C VAL D 194 11.40 -12.61 25.37
N ASN D 195 11.92 -11.45 24.97
CA ASN D 195 12.42 -10.43 25.90
C ASN D 195 11.58 -9.16 25.86
N PRO D 196 10.56 -9.07 26.72
CA PRO D 196 9.75 -7.86 26.73
C PRO D 196 10.39 -6.72 27.49
N VAL D 197 10.05 -5.51 27.07
CA VAL D 197 10.43 -4.29 27.75
C VAL D 197 9.34 -4.01 28.78
N TYR D 198 9.12 -2.75 29.16
CA TYR D 198 8.00 -2.48 30.07
C TYR D 198 6.70 -2.84 29.39
N VAL D 199 5.88 -3.61 30.09
CA VAL D 199 4.64 -4.13 29.53
C VAL D 199 3.43 -3.36 30.07
N PHE D 200 2.66 -2.78 29.17
CA PHE D 200 1.43 -2.06 29.52
C PHE D 200 0.25 -2.79 28.90
N GLY D 201 -0.97 -2.37 29.23
CA GLY D 201 -2.17 -2.93 28.61
C GLY D 201 -3.17 -3.47 29.60
N PRO D 202 -4.37 -3.86 29.12
CA PRO D 202 -5.40 -4.29 30.04
C PRO D 202 -5.19 -5.72 30.53
N GLN D 203 -5.68 -6.00 31.72
CA GLN D 203 -5.73 -7.37 32.24
C GLN D 203 -6.69 -8.16 31.37
N MET D 204 -6.41 -9.45 31.18
CA MET D 204 -7.34 -10.33 30.50
C MET D 204 -8.76 -10.21 31.07
N PHE D 205 -8.88 -10.05 32.38
CA PHE D 205 -10.19 -9.97 33.01
C PHE D 205 -10.34 -8.76 33.91
N ASP D 206 -11.48 -8.08 33.75
CA ASP D 206 -11.84 -6.90 34.55
C ASP D 206 -11.84 -7.21 36.05
N LYS D 207 -12.38 -8.37 36.43
CA LYS D 207 -12.45 -8.78 37.84
C LYS D 207 -11.09 -8.79 38.53
N ASP D 208 -10.03 -8.99 37.74
CA ASP D 208 -8.66 -9.08 38.24
C ASP D 208 -7.93 -7.73 38.32
N VAL D 209 -8.58 -6.65 37.89
CA VAL D 209 -7.98 -5.32 37.95
C VAL D 209 -7.66 -4.92 39.38
N LYS D 210 -8.62 -5.20 40.29
CA LYS D 210 -8.52 -4.84 41.72
C LYS D 210 -7.15 -5.10 42.34
N LYS D 211 -6.58 -6.27 42.09
CA LYS D 211 -5.25 -6.61 42.56
C LYS D 211 -4.39 -7.27 41.49
N CYS D 217 5.39 -2.93 36.93
CA CYS D 217 3.94 -3.19 36.92
C CYS D 217 3.22 -2.03 37.59
N GLU D 218 1.97 -1.78 37.19
CA GLU D 218 1.08 -0.75 37.79
C GLU D 218 1.51 0.71 37.61
N LEU D 219 2.31 0.98 36.58
CA LEU D 219 2.79 2.34 36.35
C LEU D 219 1.64 3.31 36.12
N VAL D 220 0.68 2.88 35.31
CA VAL D 220 -0.44 3.73 34.95
C VAL D 220 -1.26 4.07 36.18
N ASN D 221 -1.67 3.05 36.93
CA ASN D 221 -2.50 3.28 38.11
C ASN D 221 -1.85 4.21 39.14
N SER D 222 -0.55 4.04 39.39
CA SER D 222 0.14 4.92 40.35
C SER D 222 0.26 6.36 39.84
N LEU D 223 0.46 6.54 38.53
CA LEU D 223 0.43 7.88 37.94
C LEU D 223 -0.95 8.50 38.10
N MET D 224 -1.99 7.70 37.86
CA MET D 224 -3.37 8.15 38.01
C MET D 224 -3.68 8.57 39.45
N HIS D 225 -2.89 8.08 40.39
CA HIS D 225 -3.08 8.38 41.81
C HIS D 225 -2.13 9.46 42.36
N LEU D 226 -1.34 10.05 41.47
CA LEU D 226 -0.51 11.20 41.84
C LEU D 226 -1.31 12.49 41.82
N SER D 227 -1.07 13.35 42.82
CA SER D 227 -1.63 14.71 42.88
C SER D 227 -0.94 15.63 41.87
N PRO D 228 -1.60 16.73 41.46
CA PRO D 228 -0.99 17.64 40.48
C PRO D 228 0.37 18.23 40.92
N GLU D 229 0.59 18.36 42.22
CA GLU D 229 1.84 18.94 42.72
C GLU D 229 2.86 17.87 43.06
N ASP D 230 2.49 16.60 42.87
CA ASP D 230 3.38 15.48 43.17
C ASP D 230 4.54 15.36 42.18
N LYS D 231 5.65 14.79 42.65
CA LYS D 231 6.83 14.64 41.82
C LYS D 231 6.72 13.46 40.85
N ILE D 232 6.91 13.78 39.57
CA ILE D 232 6.83 12.80 38.50
C ILE D 232 8.05 11.90 38.53
N PRO D 233 7.85 10.58 38.70
CA PRO D 233 9.00 9.68 38.81
C PRO D 233 9.83 9.68 37.54
N GLU D 234 11.13 9.47 37.69
CA GLU D 234 12.04 9.34 36.56
C GLU D 234 12.00 7.89 36.10
N LEU D 235 11.58 7.68 34.86
CA LEU D 235 11.66 6.36 34.23
C LEU D 235 11.82 6.49 32.73
N PHE D 236 12.60 5.59 32.16
CA PHE D 236 12.88 5.56 30.73
C PHE D 236 13.09 4.12 30.29
N GLY D 237 12.49 3.76 29.16
CA GLY D 237 12.71 2.43 28.59
C GLY D 237 11.82 2.16 27.39
N GLY D 238 11.81 0.90 26.96
CA GLY D 238 10.93 0.48 25.89
C GLY D 238 9.56 0.19 26.47
N TYR D 239 8.52 0.31 25.66
CA TYR D 239 7.19 -0.11 26.05
C TYR D 239 6.66 -1.08 25.03
N ILE D 240 5.76 -1.94 25.48
CA ILE D 240 5.11 -2.90 24.62
C ILE D 240 3.78 -3.27 25.26
N ASP D 241 2.73 -3.38 24.46
CA ASP D 241 1.43 -3.79 24.97
C ASP D 241 1.43 -5.28 25.29
N VAL D 242 0.68 -5.68 26.32
CA VAL D 242 0.61 -7.07 26.75
C VAL D 242 0.09 -8.05 25.67
N ARG D 243 -0.83 -7.59 24.83
CA ARG D 243 -1.40 -8.44 23.79
C ARG D 243 -0.41 -8.75 22.67
N ASP D 244 0.51 -7.82 22.40
CA ASP D 244 1.56 -8.01 21.39
C ASP D 244 2.66 -8.93 21.95
N VAL D 245 2.94 -8.79 23.25
CA VAL D 245 3.82 -9.73 23.95
C VAL D 245 3.25 -11.15 23.88
N ALA D 246 1.95 -11.29 24.18
CA ALA D 246 1.28 -12.57 24.06
C ALA D 246 1.36 -13.11 22.63
N LYS D 247 1.01 -12.27 21.66
CA LYS D 247 1.05 -12.71 20.26
C LYS D 247 2.47 -13.15 19.86
N ALA D 248 3.47 -12.36 20.25
CA ALA D 248 4.88 -12.66 19.98
C ALA D 248 5.32 -14.07 20.44
N HIS D 249 4.75 -14.53 21.55
CA HIS D 249 5.01 -15.87 22.09
C HIS D 249 4.50 -16.98 21.16
N LEU D 250 3.31 -16.80 20.61
CA LEU D 250 2.76 -17.75 19.64
C LEU D 250 3.61 -17.80 18.38
N VAL D 251 3.86 -16.63 17.78
CA VAL D 251 4.74 -16.52 16.63
C VAL D 251 6.13 -17.10 16.94
N ALA D 252 6.57 -16.99 18.19
CA ALA D 252 7.86 -17.53 18.61
C ALA D 252 7.98 -19.04 18.41
N PHE D 253 6.89 -19.78 18.66
CA PHE D 253 6.94 -21.24 18.48
C PHE D 253 6.38 -21.72 17.16
N GLN D 254 5.55 -20.90 16.53
CA GLN D 254 4.86 -21.29 15.30
C GLN D 254 5.79 -21.23 14.08
N LYS D 255 6.64 -20.21 14.03
CA LYS D 255 7.47 -19.98 12.86
C LYS D 255 8.78 -20.75 12.89
N ARG D 256 9.28 -21.06 11.70
CA ARG D 256 10.59 -21.67 11.48
C ARG D 256 11.74 -20.73 11.77
N GLU D 257 11.57 -19.48 11.34
CA GLU D 257 12.62 -18.47 11.38
C GLU D 257 13.00 -18.03 12.80
N THR D 258 12.15 -18.33 13.78
CA THR D 258 12.41 -17.94 15.17
C THR D 258 13.19 -18.98 15.97
N ILE D 259 13.62 -20.06 15.31
CA ILE D 259 14.43 -21.07 15.98
C ILE D 259 15.81 -20.50 16.36
N GLY D 260 16.14 -20.59 17.65
CA GLY D 260 17.45 -20.19 18.16
C GLY D 260 17.69 -18.71 18.39
N GLN D 261 16.62 -17.91 18.38
CA GLN D 261 16.76 -16.45 18.49
C GLN D 261 16.29 -15.83 19.78
N ARG D 262 16.83 -14.64 20.07
CA ARG D 262 16.33 -13.77 21.11
C ARG D 262 15.50 -12.67 20.47
N LEU D 263 14.21 -12.68 20.78
CA LEU D 263 13.27 -11.73 20.22
C LEU D 263 12.98 -10.65 21.26
N ILE D 264 13.43 -9.43 20.97
CA ILE D 264 13.06 -8.26 21.75
C ILE D 264 11.68 -7.81 21.28
N VAL D 265 10.74 -7.71 22.22
CA VAL D 265 9.41 -7.24 21.90
C VAL D 265 9.26 -5.87 22.54
N SER D 266 9.48 -4.84 21.72
CA SER D 266 9.53 -3.45 22.15
C SER D 266 9.07 -2.60 20.99
N GLU D 267 8.09 -1.75 21.23
CA GLU D 267 7.60 -0.87 20.17
C GLU D 267 8.50 0.34 19.98
N ALA D 268 8.70 1.09 21.05
CA ALA D 268 9.50 2.32 21.02
C ALA D 268 9.86 2.71 22.44
N ARG D 269 10.47 3.89 22.60
CA ARG D 269 10.84 4.42 23.92
C ARG D 269 9.76 5.29 24.53
N PHE D 270 9.80 5.43 25.87
CA PHE D 270 8.86 6.28 26.60
C PHE D 270 9.49 6.78 27.88
N THR D 271 8.94 7.88 28.41
CA THR D 271 9.19 8.32 29.78
C THR D 271 7.84 8.53 30.42
N MET D 272 7.82 8.81 31.72
CA MET D 272 6.57 9.07 32.42
C MET D 272 5.78 10.20 31.79
N GLN D 273 6.49 11.23 31.33
CA GLN D 273 5.87 12.39 30.68
C GLN D 273 4.97 11.97 29.53
N ASP D 274 5.48 11.08 28.69
CA ASP D 274 4.71 10.54 27.57
C ASP D 274 3.41 9.93 28.04
N VAL D 275 3.46 9.23 29.17
CA VAL D 275 2.27 8.61 29.73
C VAL D 275 1.32 9.69 30.27
N LEU D 276 1.84 10.67 30.99
CA LEU D 276 1.00 11.75 31.50
C LEU D 276 0.28 12.50 30.37
N ASP D 277 0.99 12.79 29.29
CA ASP D 277 0.42 13.49 28.14
C ASP D 277 -0.81 12.75 27.59
N ILE D 278 -0.71 11.43 27.48
CA ILE D 278 -1.83 10.61 27.02
C ILE D 278 -3.01 10.64 27.99
N LEU D 279 -2.73 10.45 29.28
CA LEU D 279 -3.78 10.47 30.29
C LEU D 279 -4.50 11.82 30.30
N ASN D 280 -3.72 12.90 30.27
CA ASN D 280 -4.27 14.26 30.31
C ASN D 280 -5.07 14.64 29.06
N GLU D 281 -4.53 14.33 27.89
CA GLU D 281 -5.20 14.66 26.64
C GLU D 281 -6.39 13.75 26.36
N ASP D 282 -6.26 12.47 26.66
CA ASP D 282 -7.30 11.50 26.28
C ASP D 282 -8.43 11.32 27.32
N PHE D 283 -8.19 11.74 28.56
CA PHE D 283 -9.17 11.59 29.62
C PHE D 283 -9.42 12.91 30.33
N PRO D 284 -10.41 13.69 29.87
CA PRO D 284 -10.78 14.97 30.51
C PRO D 284 -11.15 14.77 31.97
N VAL D 285 -11.57 13.55 32.27
CA VAL D 285 -11.92 13.12 33.61
C VAL D 285 -10.72 13.11 34.57
N LEU D 286 -9.51 12.97 34.03
CA LEU D 286 -8.29 12.97 34.85
C LEU D 286 -7.56 14.31 34.84
N LYS D 287 -7.75 15.09 33.78
CA LYS D 287 -7.02 16.35 33.60
C LYS D 287 -7.41 17.32 34.72
N GLY D 288 -6.40 17.85 35.40
CA GLY D 288 -6.61 18.72 36.55
C GLY D 288 -6.43 17.98 37.87
N ASN D 289 -6.46 16.66 37.82
CA ASN D 289 -6.29 15.85 39.01
C ASN D 289 -4.97 15.10 39.03
N ILE D 290 -4.20 15.22 37.95
CA ILE D 290 -2.93 14.55 37.83
C ILE D 290 -1.82 15.51 37.39
N PRO D 291 -0.54 15.11 37.60
CA PRO D 291 0.57 15.96 37.17
C PRO D 291 0.49 16.23 35.68
N VAL D 292 0.79 17.46 35.29
CA VAL D 292 0.84 17.77 33.87
C VAL D 292 2.27 17.66 33.39
N GLY D 293 3.21 18.07 34.24
CA GLY D 293 4.62 18.08 33.92
C GLY D 293 4.93 19.05 32.81
N LYS D 294 5.82 18.62 31.90
CA LYS D 294 6.21 19.42 30.75
C LYS D 294 5.80 18.68 29.47
N PRO D 295 4.55 18.93 29.00
CA PRO D 295 3.98 18.18 27.90
C PRO D 295 4.78 18.30 26.60
N GLY D 296 4.89 17.17 25.89
CA GLY D 296 5.64 17.10 24.65
C GLY D 296 7.14 16.89 24.81
N SER D 297 7.62 16.75 26.05
CA SER D 297 9.06 16.63 26.30
C SER D 297 9.60 15.20 26.46
N GLY D 298 8.74 14.19 26.32
CA GLY D 298 9.15 12.79 26.49
C GLY D 298 9.87 12.16 25.30
N ALA D 299 10.19 10.87 25.45
CA ALA D 299 10.95 10.10 24.46
C ALA D 299 10.15 9.84 23.17
N THR D 300 8.86 10.12 23.23
CA THR D 300 7.97 9.98 22.09
C THR D 300 8.18 11.14 21.08
N HIS D 301 8.83 12.20 21.54
CA HIS D 301 9.19 13.34 20.68
C HIS D 301 10.70 13.57 20.54
N ASN D 302 11.52 12.78 21.24
CA ASN D 302 12.96 13.05 21.36
C ASN D 302 13.79 11.80 21.64
N THR D 303 15.10 11.89 21.40
CA THR D 303 16.05 10.85 21.80
C THR D 303 16.61 11.18 23.20
N LEU D 304 16.31 10.30 24.16
CA LEU D 304 16.64 10.55 25.56
C LEU D 304 17.52 9.47 26.19
N GLY D 305 17.93 8.49 25.39
CA GLY D 305 18.78 7.40 25.87
C GLY D 305 19.44 6.60 24.77
N ALA D 306 19.84 5.39 25.11
CA ALA D 306 20.49 4.48 24.18
C ALA D 306 19.49 3.97 23.15
N THR D 307 19.96 3.83 21.91
CA THR D 307 19.14 3.24 20.83
C THR D 307 18.89 1.76 21.11
N LEU D 308 17.62 1.37 21.09
CA LEU D 308 17.22 -0.02 21.18
C LEU D 308 16.90 -0.49 19.76
N ASP D 309 17.86 -1.18 19.14
CA ASP D 309 17.67 -1.67 17.78
C ASP D 309 17.09 -3.09 17.74
N ASN D 310 15.79 -3.18 17.49
CA ASN D 310 15.13 -4.47 17.33
C ASN D 310 14.41 -4.60 15.98
N LYS D 311 14.99 -4.02 14.93
CA LYS D 311 14.47 -4.15 13.57
C LYS D 311 14.31 -5.63 13.23
N LYS D 312 15.30 -6.41 13.63
CA LYS D 312 15.35 -7.84 13.36
C LYS D 312 14.24 -8.60 14.09
N SER D 313 14.15 -8.41 15.41
CA SER D 313 13.08 -9.03 16.20
C SER D 313 11.72 -8.68 15.60
N LYS D 314 11.58 -7.41 15.20
CA LYS D 314 10.35 -6.93 14.57
C LYS D 314 10.09 -7.55 13.19
N LYS D 315 11.16 -7.82 12.44
CA LYS D 315 11.01 -8.48 11.14
C LYS D 315 10.61 -9.95 11.29
N LEU D 316 11.26 -10.65 12.23
CA LEU D 316 10.92 -12.05 12.53
C LEU D 316 9.46 -12.24 12.97
N LEU D 317 8.98 -11.38 13.86
CA LEU D 317 7.61 -11.47 14.37
C LEU D 317 6.56 -11.17 13.29
N GLY D 318 6.88 -10.25 12.40
CA GLY D 318 6.03 -9.93 11.25
C GLY D 318 4.65 -9.36 11.58
N PHE D 319 4.55 -8.59 12.66
CA PHE D 319 3.31 -7.85 12.90
C PHE D 319 3.53 -6.50 13.56
N LYS D 320 2.62 -5.59 13.27
CA LYS D 320 2.64 -4.23 13.77
C LYS D 320 2.27 -4.22 15.26
N PHE D 321 2.99 -3.42 16.04
CA PHE D 321 2.74 -3.30 17.47
C PHE D 321 1.85 -2.10 17.72
N ARG D 322 1.07 -2.17 18.80
CA ARG D 322 0.33 -1.01 19.28
C ARG D 322 1.31 0.08 19.70
N ASN D 323 0.91 1.34 19.51
CA ASN D 323 1.72 2.46 20.00
C ASN D 323 1.36 2.81 21.45
N LEU D 324 2.07 3.77 22.03
CA LEU D 324 1.90 4.10 23.44
C LEU D 324 0.48 4.58 23.76
N LYS D 325 -0.01 5.53 22.97
CA LYS D 325 -1.35 6.06 23.16
C LYS D 325 -2.37 4.92 23.26
N GLU D 326 -2.29 3.98 22.32
CA GLU D 326 -3.20 2.84 22.28
C GLU D 326 -3.11 1.95 23.52
N THR D 327 -1.89 1.65 23.98
CA THR D 327 -1.73 0.76 25.12
C THR D 327 -2.11 1.46 26.43
N ILE D 328 -1.86 2.76 26.52
CA ILE D 328 -2.16 3.53 27.73
C ILE D 328 -3.67 3.81 27.83
N ASP D 329 -4.27 4.26 26.74
CA ASP D 329 -5.73 4.36 26.65
C ASP D 329 -6.45 3.11 27.15
N ASP D 330 -6.07 1.94 26.63
CA ASP D 330 -6.73 0.69 27.02
C ASP D 330 -6.50 0.36 28.50
N THR D 331 -5.30 0.66 28.99
CA THR D 331 -4.99 0.42 30.39
C THR D 331 -5.84 1.33 31.28
N ALA D 332 -5.83 2.62 31.00
CA ALA D 332 -6.55 3.59 31.82
C ALA D 332 -8.07 3.36 31.83
N SER D 333 -8.66 3.10 30.67
CA SER D 333 -10.11 2.96 30.65
C SER D 333 -10.61 1.72 31.41
N GLN D 334 -9.81 0.65 31.40
CA GLN D 334 -10.08 -0.52 32.22
C GLN D 334 -10.00 -0.20 33.72
N ILE D 335 -8.99 0.58 34.11
CA ILE D 335 -8.87 1.05 35.50
C ILE D 335 -10.09 1.90 35.91
N LEU D 336 -10.51 2.81 35.02
CA LEU D 336 -11.65 3.66 35.31
C LEU D 336 -13.00 2.94 35.28
N LYS D 337 -13.10 1.93 34.41
CA LYS D 337 -14.30 1.11 34.29
C LYS D 337 -14.56 0.41 35.62
N PHE D 338 -13.48 -0.15 36.15
CA PHE D 338 -13.45 -0.84 37.42
C PHE D 338 -13.69 0.10 38.61
N GLU D 339 -13.18 1.33 38.53
CA GLU D 339 -13.37 2.33 39.58
C GLU D 339 -14.85 2.60 39.81
N GLY D 340 -15.61 2.55 38.72
CA GLY D 340 -17.07 2.61 38.77
C GLY D 340 -17.67 1.33 39.34
N ARG D 341 -16.99 0.20 39.11
CA ARG D 341 -17.26 -1.10 39.75
C ARG D 341 -17.53 -2.24 38.76
PA NDP E . -7.58 2.19 -31.14
O1A NDP E . -7.48 2.29 -32.61
O2A NDP E . -8.52 1.11 -30.73
O5B NDP E . -6.12 1.94 -30.51
C5B NDP E . -5.88 0.95 -29.53
C4B NDP E . -4.51 0.32 -29.78
O4B NDP E . -4.09 -0.39 -28.63
C3B NDP E . -4.57 -0.70 -30.91
O3B NDP E . -3.34 -0.71 -31.61
C2B NDP E . -4.75 -2.00 -30.16
O2B NDP E . -4.40 -3.15 -30.90
C1B NDP E . -3.87 -1.74 -28.95
N9A NDP E . -4.25 -2.62 -27.84
C8A NDP E . -5.41 -2.56 -27.10
N7A NDP E . -5.36 -3.55 -26.18
C5A NDP E . -4.19 -4.23 -26.33
C6A NDP E . -3.63 -5.32 -25.68
N6A NDP E . -4.20 -5.81 -24.58
N1A NDP E . -2.41 -5.80 -26.07
C2A NDP E . -1.72 -5.20 -27.11
N3A NDP E . -2.28 -4.12 -27.77
C4A NDP E . -3.49 -3.64 -27.38
O3 NDP E . -8.05 3.58 -30.48
PN NDP E . -7.15 4.90 -30.27
O1N NDP E . -6.11 5.01 -31.33
O2N NDP E . -8.12 5.99 -30.05
O5D NDP E . -6.44 4.66 -28.84
C5D NDP E . -5.04 4.62 -28.70
C4D NDP E . -4.66 5.27 -27.37
O4D NDP E . -5.21 6.57 -27.30
C3D NDP E . -5.24 4.49 -26.19
O3D NDP E . -4.24 4.41 -25.20
C2D NDP E . -6.42 5.34 -25.73
O2D NDP E . -6.66 5.26 -24.36
C1D NDP E . -5.92 6.73 -26.10
N1N NDP E . -7.01 7.71 -26.19
C2N NDP E . -7.91 7.73 -27.24
C3N NDP E . -8.88 8.73 -27.33
C7N NDP E . -9.87 8.78 -28.47
O7N NDP E . -10.96 9.69 -28.37
N7N NDP E . -9.71 7.99 -29.53
C4N NDP E . -8.97 9.83 -26.29
C5N NDP E . -7.94 9.70 -25.21
C6N NDP E . -7.02 8.66 -25.21
P2B NDP E . -5.46 -3.74 -31.97
O1X NDP E . -6.69 -4.23 -31.25
O2X NDP E . -4.84 -4.88 -32.74
O3X NDP E . -5.85 -2.67 -32.97
PA NDP F . 0.75 28.07 6.37
O1A NDP F . 0.83 28.25 4.90
O2A NDP F . -0.15 26.94 6.71
O5B NDP F . 2.23 27.83 6.97
C5B NDP F . 2.50 26.79 7.87
C4B NDP F . 3.83 26.15 7.51
O4B NDP F . 4.31 25.38 8.60
C3B NDP F . 3.66 25.18 6.35
O3B NDP F . 4.84 25.14 5.58
C2B NDP F . 3.41 23.86 7.07
O2B NDP F . 3.75 22.76 6.28
C1B NDP F . 4.33 24.00 8.27
N9A NDP F . 3.91 23.15 9.41
C8A NDP F . 2.78 23.28 10.19
N7A NDP F . 2.81 22.30 11.12
C5A NDP F . 3.91 21.55 10.96
C6A NDP F . 4.42 20.43 11.63
N6A NDP F . 3.73 19.84 12.59
N1A NDP F . 5.62 19.88 11.19
C2A NDP F . 6.30 20.43 10.13
N3A NDP F . 5.78 21.54 9.47
C4A NDP F . 4.61 22.08 9.88
O3 NDP F . 0.23 29.43 7.08
PN NDP F . 1.09 30.80 7.20
O1N NDP F . 2.06 30.87 6.09
O2N NDP F . 0.12 31.89 7.40
O5D NDP F . 1.87 30.57 8.59
C5D NDP F . 3.28 30.55 8.69
C4D NDP F . 3.67 31.11 10.05
O4D NDP F . 3.18 32.43 10.21
C3D NDP F . 3.09 30.29 11.20
O3D NDP F . 4.10 30.21 12.19
C2D NDP F . 1.94 31.13 11.71
O2D NDP F . 1.68 31.00 13.09
C1D NDP F . 2.45 32.52 11.42
N1N NDP F . 1.39 33.55 11.39
C2N NDP F . 0.45 33.65 10.39
C3N NDP F . -0.48 34.70 10.36
C7N NDP F . -1.51 34.82 9.28
O7N NDP F . -2.55 35.74 9.48
N7N NDP F . -1.43 34.08 8.17
C4N NDP F . -0.50 35.77 11.44
C5N NDP F . 0.58 35.55 12.46
C6N NDP F . 1.45 34.47 12.40
P2B NDP F . 2.64 22.09 5.34
O1X NDP F . 3.35 21.04 4.51
O2X NDP F . 2.00 23.11 4.43
O3X NDP F . 1.54 21.48 6.17
#